data_6PP7
#
_entry.id   6PP7
#
_cell.length_a   1.00
_cell.length_b   1.00
_cell.length_c   1.00
_cell.angle_alpha   90.00
_cell.angle_beta   90.00
_cell.angle_gamma   90.00
#
_symmetry.space_group_name_H-M   'P 1'
#
loop_
_entity.id
_entity.type
_entity.pdbx_description
1 polymer 'ATP-dependent Clp protease ATP-binding subunit ClpX'
2 polymer 'substrate peptide'
3 non-polymer "ADENOSINE-5'-DIPHOSPHATE"
4 non-polymer 'PHOSPHOTHIOPHOSPHORIC ACID-ADENYLATE ESTER'
#
loop_
_entity_poly.entity_id
_entity_poly.type
_entity_poly.pdbx_seq_one_letter_code
_entity_poly.pdbx_strand_id
1 'polypeptide(L)'
;SALPTPHEIRNHLDDYVIGQEQAKKVLAVAVYNHYKRLRNGDTSNGVELGKSNILLIGPTGSGKTLLAETLARLLDVPFT
MADATTLTEAGYVGEDVENIIQKLLQKSDYDVQKAQRGIVYIDQIDKISRKSDNPSITRDVSGEGVQQALLKLIEGTVAA
VPPQGGRKHPQQEFLQVDTSKILFICGGAFAGLDKVISHRVETGSGIGFGATVKAKSDKASEGELLAQVEPEDLIKFGLI
PEFIGRLPVVATLNELSEEALIQILKEPKNALTKQYQALFNLEGVDLEFRDEALDAIAKKAMARKTGARGLRSIVEAALL
DTMYDLPSMEDVEKVVIDESVIDGQSEPLLIYGKPEAQQASGEGGGTSG
;
A,B,C,D,E,F
2 'polypeptide(L)'
;(UNK)(UNK)(UNK)(UNK)(UNK)(UNK)(UNK)(UNK)(UNK)(UNK)(UNK)(UNK)(UNK)(UNK)(UNK)(UNK)
(UNK)(UNK)(UNK)
;
S
#
loop_
_chem_comp.id
_chem_comp.type
_chem_comp.name
_chem_comp.formula
ADP non-polymer ADENOSINE-5'-DIPHOSPHATE 'C10 H15 N5 O10 P2'
AGS non-polymer 'PHOSPHOTHIOPHOSPHORIC ACID-ADENYLATE ESTER' 'C10 H16 N5 O12 P3 S'
#
# COMPACT_ATOMS: atom_id res chain seq x y z
N LEU A 3 31.25 16.96 -39.25
CA LEU A 3 31.69 17.67 -40.45
C LEU A 3 30.90 18.97 -40.70
N PRO A 4 29.56 18.92 -40.81
CA PRO A 4 28.81 20.17 -41.02
C PRO A 4 29.04 21.18 -39.90
N THR A 5 29.10 22.45 -40.27
CA THR A 5 29.32 23.53 -39.33
C THR A 5 27.99 24.07 -38.80
N PRO A 6 27.99 24.72 -37.62
CA PRO A 6 26.74 25.28 -37.08
C PRO A 6 25.99 26.20 -38.02
N HIS A 7 26.72 27.01 -38.80
CA HIS A 7 26.06 27.94 -39.71
C HIS A 7 25.31 27.22 -40.82
N GLU A 8 25.97 26.27 -41.49
CA GLU A 8 25.32 25.58 -42.60
C GLU A 8 24.22 24.64 -42.13
N ILE A 9 24.45 23.93 -41.02
CA ILE A 9 23.42 23.01 -40.52
C ILE A 9 22.20 23.79 -40.06
N ARG A 10 22.38 25.03 -39.62
CA ARG A 10 21.25 25.84 -39.19
C ARG A 10 20.32 26.14 -40.35
N ASN A 11 20.88 26.38 -41.54
CA ASN A 11 20.06 26.72 -42.70
C ASN A 11 19.19 25.53 -43.12
N HIS A 12 19.71 24.32 -43.05
CA HIS A 12 18.92 23.15 -43.42
C HIS A 12 17.81 22.92 -42.40
N LEU A 13 18.14 23.06 -41.12
CA LEU A 13 17.15 22.86 -40.06
C LEU A 13 16.11 23.96 -40.07
N ASP A 14 16.47 25.17 -40.48
CA ASP A 14 15.54 26.30 -40.50
C ASP A 14 14.30 26.01 -41.34
N ASP A 15 14.41 25.14 -42.36
CA ASP A 15 13.25 24.80 -43.17
C ASP A 15 12.18 24.12 -42.34
N TYR A 16 12.60 23.30 -41.38
CA TYR A 16 11.70 22.57 -40.49
C TYR A 16 11.63 23.14 -39.08
N VAL A 17 12.52 24.07 -38.72
CA VAL A 17 12.58 24.65 -37.39
C VAL A 17 12.32 26.15 -37.49
N ILE A 18 11.44 26.65 -36.62
CA ILE A 18 11.08 28.06 -36.58
C ILE A 18 10.85 28.47 -35.13
N GLY A 19 11.37 29.63 -34.77
CA GLY A 19 11.23 30.14 -33.41
C GLY A 19 12.02 29.41 -32.37
N GLN A 20 13.07 28.68 -32.78
CA GLN A 20 13.93 27.93 -31.87
C GLN A 20 15.39 28.15 -32.26
N GLU A 21 15.74 29.40 -32.55
CA GLU A 21 17.09 29.74 -32.99
C GLU A 21 18.14 29.37 -31.95
N GLN A 22 17.92 29.76 -30.69
CA GLN A 22 18.92 29.47 -29.65
C GLN A 22 19.11 27.96 -29.46
N ALA A 23 18.04 27.18 -29.61
CA ALA A 23 18.16 25.74 -29.47
C ALA A 23 19.15 25.16 -30.48
N LYS A 24 19.13 25.67 -31.71
CA LYS A 24 20.04 25.18 -32.75
C LYS A 24 21.49 25.33 -32.34
N LYS A 25 21.84 26.45 -31.71
CA LYS A 25 23.22 26.69 -31.32
C LYS A 25 23.75 25.63 -30.36
N VAL A 26 22.93 25.24 -29.39
CA VAL A 26 23.35 24.23 -28.42
C VAL A 26 23.58 22.90 -29.11
N LEU A 27 22.64 22.49 -29.96
CA LEU A 27 22.77 21.20 -30.64
C LEU A 27 23.89 21.20 -31.66
N ALA A 28 24.03 22.29 -32.41
CA ALA A 28 25.09 22.36 -33.41
C ALA A 28 26.46 22.18 -32.78
N VAL A 29 26.71 22.88 -31.67
CA VAL A 29 27.99 22.74 -30.99
C VAL A 29 28.13 21.35 -30.39
N ALA A 30 27.06 20.86 -29.76
CA ALA A 30 27.10 19.54 -29.14
C ALA A 30 27.35 18.44 -30.17
N VAL A 31 26.61 18.48 -31.28
CA VAL A 31 26.76 17.46 -32.32
C VAL A 31 28.16 17.52 -32.92
N TYR A 32 28.65 18.71 -33.23
CA TYR A 32 29.98 18.83 -33.82
C TYR A 32 31.05 18.40 -32.82
N ASN A 33 30.90 18.80 -31.55
CA ASN A 33 31.85 18.41 -30.53
C ASN A 33 31.85 16.90 -30.34
N HIS A 34 30.66 16.29 -30.33
CA HIS A 34 30.57 14.84 -30.14
C HIS A 34 31.23 14.08 -31.28
N TYR A 35 30.98 14.51 -32.52
CA TYR A 35 31.56 13.82 -33.67
C TYR A 35 33.08 13.90 -33.65
N LYS A 36 33.62 15.04 -33.23
CA LYS A 36 35.07 15.17 -33.19
C LYS A 36 35.67 14.30 -32.09
N ARG A 37 34.99 14.19 -30.96
CA ARG A 37 35.47 13.34 -29.87
C ARG A 37 35.64 11.90 -30.35
N LEU A 38 34.70 11.41 -31.16
CA LEU A 38 34.82 10.05 -31.68
C LEU A 38 35.95 9.95 -32.70
N ARG A 39 36.15 11.00 -33.50
CA ARG A 39 37.15 10.99 -34.56
C ARG A 39 38.53 11.49 -34.13
N ASN A 40 38.69 12.03 -32.92
CA ASN A 40 40.00 12.51 -32.52
C ASN A 40 40.86 11.36 -32.00
N GLY A 41 42.16 11.62 -31.91
CA GLY A 41 43.08 10.62 -31.41
C GLY A 41 42.73 10.11 -30.02
N ASP A 42 42.28 11.02 -29.15
CA ASP A 42 41.88 10.77 -27.75
C ASP A 42 43.09 10.55 -26.84
N THR A 43 44.29 10.88 -27.31
CA THR A 43 45.53 10.76 -26.54
C THR A 43 46.11 12.12 -26.18
N SER A 44 45.32 13.19 -26.28
CA SER A 44 45.78 14.53 -26.00
C SER A 44 45.87 14.77 -24.49
N ASN A 45 46.45 15.91 -24.13
CA ASN A 45 46.60 16.28 -22.72
C ASN A 45 45.25 16.39 -22.03
N GLY A 46 44.20 16.77 -22.76
CA GLY A 46 42.88 16.89 -22.18
C GLY A 46 42.21 15.54 -22.13
N VAL A 47 42.68 14.71 -21.19
CA VAL A 47 42.17 13.36 -21.01
C VAL A 47 40.89 13.40 -20.18
N GLU A 48 40.17 12.29 -20.18
CA GLU A 48 38.91 12.10 -19.44
C GLU A 48 37.92 13.24 -19.72
N LEU A 49 37.80 13.57 -21.00
CA LEU A 49 36.87 14.60 -21.45
C LEU A 49 35.46 14.26 -20.98
N GLY A 50 34.79 15.26 -20.39
CA GLY A 50 33.44 15.02 -19.91
C GLY A 50 32.52 14.67 -21.07
N LYS A 51 31.64 13.70 -20.84
CA LYS A 51 30.71 13.29 -21.87
C LYS A 51 29.76 14.43 -22.17
N SER A 52 29.57 14.71 -23.46
CA SER A 52 28.68 15.78 -23.91
C SER A 52 27.36 15.14 -24.30
N ASN A 53 26.37 15.30 -23.44
CA ASN A 53 25.02 14.80 -23.69
C ASN A 53 24.05 15.95 -23.48
N ILE A 54 23.05 16.02 -24.34
CA ILE A 54 22.06 17.09 -24.34
C ILE A 54 20.71 16.54 -23.91
N LEU A 55 20.05 17.25 -23.00
CA LEU A 55 18.72 16.92 -22.52
C LEU A 55 17.80 18.06 -22.91
N LEU A 56 16.72 17.73 -23.63
CA LEU A 56 15.76 18.71 -24.08
C LEU A 56 14.73 19.05 -23.00
N ILE A 57 14.40 20.34 -22.91
CA ILE A 57 13.37 20.79 -21.98
C ILE A 57 12.09 20.80 -22.80
N GLY A 58 11.16 19.90 -22.45
CA GLY A 58 9.94 19.73 -23.19
C GLY A 58 8.64 20.36 -22.72
N PRO A 59 8.23 21.47 -23.34
CA PRO A 59 6.88 21.97 -23.08
C PRO A 59 5.91 21.06 -23.84
N THR A 60 4.66 21.04 -23.39
CA THR A 60 3.68 20.17 -24.04
C THR A 60 3.52 20.55 -25.50
N GLY A 61 3.67 19.57 -26.39
CA GLY A 61 3.55 19.79 -27.82
C GLY A 61 4.46 20.88 -28.35
N SER A 62 5.72 20.89 -27.91
CA SER A 62 6.69 21.91 -28.30
C SER A 62 7.51 21.55 -29.52
N GLY A 63 7.28 20.40 -30.15
CA GLY A 63 8.03 20.05 -31.33
C GLY A 63 9.32 19.28 -31.11
N LYS A 64 9.57 18.78 -29.90
CA LYS A 64 10.79 18.02 -29.65
C LYS A 64 10.94 16.87 -30.64
N THR A 65 9.84 16.18 -30.96
CA THR A 65 9.89 15.09 -31.91
C THR A 65 10.35 15.56 -33.28
N LEU A 66 10.06 16.81 -33.63
CA LEU A 66 10.47 17.35 -34.93
C LEU A 66 11.98 17.44 -35.02
N LEU A 67 12.61 18.04 -34.00
CA LEU A 67 14.07 18.20 -33.99
C LEU A 67 14.77 16.87 -34.17
N ALA A 68 14.30 15.83 -33.49
CA ALA A 68 14.93 14.53 -33.61
C ALA A 68 14.76 13.96 -35.01
N GLU A 69 13.55 14.06 -35.57
CA GLU A 69 13.31 13.54 -36.91
C GLU A 69 14.09 14.31 -37.97
N THR A 70 14.13 15.64 -37.85
CA THR A 70 14.86 16.44 -38.83
C THR A 70 16.34 16.13 -38.78
N LEU A 71 16.89 16.05 -37.56
CA LEU A 71 18.30 15.71 -37.42
C LEU A 71 18.55 14.29 -37.91
N ALA A 72 17.66 13.37 -37.54
CA ALA A 72 17.81 11.97 -37.94
C ALA A 72 17.72 11.84 -39.46
N ARG A 73 16.75 12.51 -40.08
CA ARG A 73 16.61 12.42 -41.53
C ARG A 73 17.82 13.03 -42.23
N LEU A 74 18.27 14.20 -41.75
CA LEU A 74 19.42 14.85 -42.37
C LEU A 74 20.69 14.01 -42.19
N LEU A 75 20.85 13.41 -41.02
CA LEU A 75 22.03 12.60 -40.74
C LEU A 75 21.90 11.21 -41.37
N ASP A 76 22.93 10.82 -42.12
CA ASP A 76 22.95 9.50 -42.75
C ASP A 76 22.98 8.36 -41.76
N VAL A 77 23.42 8.61 -40.53
CA VAL A 77 23.54 7.55 -39.51
C VAL A 77 22.15 7.05 -39.13
N PRO A 78 22.03 5.80 -38.68
CA PRO A 78 20.70 5.27 -38.32
C PRO A 78 20.09 6.00 -37.12
N PHE A 79 18.77 5.99 -37.08
CA PHE A 79 17.99 6.61 -36.01
C PHE A 79 16.99 5.62 -35.46
N THR A 80 16.72 5.74 -34.17
CA THR A 80 15.77 4.90 -33.47
C THR A 80 14.92 5.77 -32.56
N MET A 81 13.66 5.37 -32.40
CA MET A 81 12.69 6.09 -31.56
C MET A 81 12.34 5.20 -30.39
N ALA A 82 13.06 5.39 -29.29
CA ALA A 82 12.88 4.61 -28.08
C ALA A 82 11.94 5.33 -27.12
N ASP A 83 11.53 4.59 -26.08
CA ASP A 83 10.62 5.10 -25.07
C ASP A 83 10.90 4.41 -23.75
N ALA A 84 10.63 5.11 -22.66
CA ALA A 84 10.85 4.59 -21.32
C ALA A 84 9.67 3.79 -20.78
N THR A 85 8.65 3.56 -21.61
CA THR A 85 7.49 2.79 -21.18
C THR A 85 7.86 1.35 -20.82
N THR A 86 8.92 0.81 -21.45
CA THR A 86 9.37 -0.55 -21.18
C THR A 86 9.51 -0.82 -19.69
N LEU A 87 10.20 0.07 -18.97
CA LEU A 87 10.43 -0.05 -17.52
C LEU A 87 10.92 -1.45 -17.15
N THR A 88 11.99 -1.88 -17.83
CA THR A 88 12.58 -3.19 -17.59
C THR A 88 11.58 -4.30 -17.89
N ASP A 96 15.45 -5.06 -19.91
CA ASP A 96 14.88 -5.06 -21.25
C ASP A 96 15.37 -3.84 -22.07
N VAL A 97 16.34 -3.10 -21.53
CA VAL A 97 16.86 -1.93 -22.23
C VAL A 97 17.57 -2.32 -23.52
N GLU A 98 18.16 -3.52 -23.56
CA GLU A 98 18.89 -3.99 -24.74
C GLU A 98 18.05 -3.94 -26.01
N ASN A 99 16.73 -4.12 -25.90
CA ASN A 99 15.86 -4.07 -27.07
C ASN A 99 16.00 -2.74 -27.81
N ILE A 100 16.15 -1.65 -27.05
CA ILE A 100 16.33 -0.33 -27.66
C ILE A 100 17.57 -0.32 -28.53
N ILE A 101 18.66 -0.89 -28.01
CA ILE A 101 19.91 -0.96 -28.77
C ILE A 101 19.71 -1.82 -30.01
N GLN A 102 18.98 -2.93 -29.86
CA GLN A 102 18.72 -3.82 -30.98
C GLN A 102 18.01 -3.09 -32.11
N LYS A 103 17.08 -2.19 -31.78
CA LYS A 103 16.34 -1.47 -32.80
C LYS A 103 17.26 -0.66 -33.70
N LEU A 104 18.26 0.01 -33.13
CA LEU A 104 19.18 0.80 -33.94
C LEU A 104 19.97 -0.09 -34.90
N LEU A 105 20.45 -1.24 -34.41
CA LEU A 105 21.20 -2.16 -35.25
C LEU A 105 20.36 -2.68 -36.40
N GLN A 106 19.08 -2.96 -36.14
CA GLN A 106 18.20 -3.48 -37.19
C GLN A 106 18.12 -2.50 -38.34
N LYS A 107 17.95 -1.20 -38.05
CA LYS A 107 17.97 -0.22 -39.12
C LYS A 107 19.34 -0.20 -39.78
N SER A 108 20.38 -0.24 -38.96
CA SER A 108 21.78 -0.25 -39.38
C SER A 108 22.17 -1.51 -40.15
N ASP A 109 21.34 -2.55 -40.14
CA ASP A 109 21.64 -3.81 -40.82
C ASP A 109 22.88 -4.48 -40.23
N TYR A 110 22.85 -4.69 -38.91
CA TYR A 110 23.88 -5.42 -38.17
C TYR A 110 25.29 -4.89 -38.40
N ASP A 111 25.45 -3.57 -38.39
CA ASP A 111 26.76 -2.92 -38.55
C ASP A 111 27.07 -2.17 -37.28
N VAL A 112 28.09 -2.63 -36.54
CA VAL A 112 28.47 -2.00 -35.28
C VAL A 112 29.17 -0.66 -35.52
N GLN A 113 29.99 -0.59 -36.58
CA GLN A 113 30.73 0.65 -36.87
C GLN A 113 29.77 1.81 -37.08
N LYS A 114 28.91 1.71 -38.09
CA LYS A 114 27.93 2.77 -38.34
C LYS A 114 27.05 3.01 -37.11
N ALA A 115 26.67 1.93 -36.43
CA ALA A 115 25.85 2.05 -35.22
C ALA A 115 26.54 2.92 -34.18
N GLN A 116 27.87 2.85 -34.10
CA GLN A 116 28.62 3.64 -33.14
C GLN A 116 28.40 5.13 -33.38
N ARG A 117 28.33 5.53 -34.65
CA ARG A 117 28.13 6.92 -35.03
C ARG A 117 26.66 7.34 -35.01
N GLY A 118 25.74 6.48 -34.58
CA GLY A 118 24.32 6.80 -34.56
C GLY A 118 23.87 7.29 -33.20
N ILE A 119 23.09 8.36 -33.22
CA ILE A 119 22.55 9.00 -32.02
C ILE A 119 21.09 8.62 -31.87
N VAL A 120 20.69 8.24 -30.65
CA VAL A 120 19.33 7.87 -30.33
C VAL A 120 18.72 8.93 -29.44
N TYR A 121 17.40 9.08 -29.52
CA TYR A 121 16.66 10.07 -28.75
C TYR A 121 15.59 9.37 -27.93
N ILE A 122 15.58 9.63 -26.63
CA ILE A 122 14.63 9.05 -25.69
C ILE A 122 13.55 10.07 -25.40
N ASP A 123 12.30 9.62 -25.42
CA ASP A 123 11.14 10.46 -25.15
C ASP A 123 10.49 10.05 -23.83
N GLN A 124 9.80 11.02 -23.21
CA GLN A 124 9.09 10.79 -21.96
C GLN A 124 10.03 10.32 -20.86
N ILE A 125 11.20 10.95 -20.78
CA ILE A 125 12.17 10.56 -19.76
C ILE A 125 11.63 10.86 -18.36
N ASP A 126 10.72 11.83 -18.23
CA ASP A 126 10.16 12.16 -16.93
C ASP A 126 9.28 11.04 -16.38
N LYS A 127 8.80 10.14 -17.24
CA LYS A 127 7.95 9.05 -16.79
C LYS A 127 8.66 8.11 -15.82
N ILE A 128 10.00 8.06 -15.86
CA ILE A 128 10.78 7.19 -15.00
C ILE A 128 11.41 7.96 -13.83
N SER A 129 10.85 9.11 -13.49
CA SER A 129 11.41 9.90 -12.40
C SER A 129 11.19 9.17 -11.07
N ARG A 130 11.74 9.74 -10.00
CA ARG A 130 11.66 9.13 -8.67
C ARG A 130 10.28 9.40 -8.07
N LYS A 131 9.29 8.68 -8.59
CA LYS A 131 7.90 8.76 -8.14
C LYS A 131 7.42 7.33 -7.88
N SER A 132 7.63 6.85 -6.66
CA SER A 132 7.23 5.49 -6.29
C SER A 132 6.98 5.40 -4.79
N GLY A 145 13.40 1.94 -10.39
CA GLY A 145 14.76 2.44 -10.41
C GLY A 145 15.49 2.11 -11.70
N VAL A 146 14.76 2.22 -12.82
CA VAL A 146 15.35 1.92 -14.12
C VAL A 146 16.47 2.90 -14.44
N GLN A 147 16.40 4.13 -13.90
CA GLN A 147 17.44 5.12 -14.13
C GLN A 147 18.82 4.57 -13.77
N GLN A 148 18.90 3.77 -12.71
CA GLN A 148 20.16 3.17 -12.30
C GLN A 148 20.71 2.24 -13.39
N ALA A 149 19.83 1.64 -14.19
CA ALA A 149 20.28 0.74 -15.24
C ALA A 149 20.90 1.52 -16.40
N LEU A 150 20.32 2.68 -16.73
CA LEU A 150 20.88 3.48 -17.81
C LEU A 150 22.20 4.12 -17.43
N LEU A 151 22.53 4.20 -16.14
CA LEU A 151 23.81 4.76 -15.74
C LEU A 151 24.95 3.93 -16.31
N LYS A 152 24.82 2.61 -16.23
CA LYS A 152 25.84 1.72 -16.80
C LYS A 152 25.84 1.78 -18.32
N LEU A 153 24.74 2.23 -18.93
CA LEU A 153 24.63 2.33 -20.38
C LEU A 153 25.30 3.59 -20.91
N ILE A 154 25.02 4.73 -20.28
CA ILE A 154 25.60 5.98 -20.76
C ILE A 154 27.11 6.00 -20.51
N GLU A 155 27.54 5.46 -19.37
CA GLU A 155 28.96 5.42 -19.06
C GLU A 155 29.72 4.42 -19.91
N GLY A 156 29.03 3.58 -20.69
CA GLY A 156 29.68 2.60 -21.54
C GLY A 156 29.68 1.18 -21.00
N THR A 157 28.99 0.30 -21.71
CA THR A 157 28.91 -1.11 -21.36
C THR A 157 28.43 -1.88 -22.58
N VAL A 158 28.45 -3.20 -22.46
CA VAL A 158 28.03 -4.11 -23.53
C VAL A 158 26.76 -4.83 -23.08
N ALA A 159 25.80 -4.91 -23.98
CA ALA A 159 24.52 -5.58 -23.73
C ALA A 159 24.32 -6.70 -24.73
N ALA A 160 23.80 -7.82 -24.23
CA ALA A 160 23.54 -8.98 -25.08
C ALA A 160 22.38 -8.67 -26.03
N VAL A 161 22.56 -9.00 -27.31
CA VAL A 161 21.54 -8.77 -28.33
C VAL A 161 21.45 -9.99 -29.23
N PRO A 162 20.35 -10.77 -29.22
CA PRO A 162 20.27 -11.92 -30.12
C PRO A 162 20.19 -11.47 -31.56
N PRO A 163 21.17 -11.80 -32.42
CA PRO A 163 21.09 -11.34 -33.81
C PRO A 163 20.03 -12.11 -34.58
N GLN A 164 19.09 -11.38 -35.18
CA GLN A 164 17.98 -11.87 -35.98
C GLN A 164 16.90 -12.58 -35.17
N GLY A 165 17.07 -12.70 -33.84
CA GLY A 165 16.09 -13.37 -33.01
C GLY A 165 16.32 -14.86 -32.86
N GLY A 166 17.05 -15.48 -33.80
CA GLY A 166 17.33 -16.90 -33.75
C GLY A 166 16.22 -17.71 -34.39
N ARG A 167 16.59 -18.76 -35.12
CA ARG A 167 15.59 -19.60 -35.77
C ARG A 167 14.86 -20.48 -34.75
N LYS A 168 15.60 -21.02 -33.79
CA LYS A 168 15.05 -21.88 -32.75
C LYS A 168 16.00 -21.81 -31.56
N HIS A 169 15.81 -22.69 -30.58
CA HIS A 169 16.66 -22.73 -29.40
C HIS A 169 18.02 -23.32 -29.73
N GLN A 172 22.12 -20.22 -29.86
CA GLN A 172 21.83 -19.38 -28.71
C GLN A 172 23.04 -18.52 -28.36
N GLU A 173 23.28 -17.49 -29.18
CA GLU A 173 24.39 -16.56 -28.98
C GLU A 173 23.85 -15.14 -29.03
N PHE A 174 24.68 -14.20 -28.56
CA PHE A 174 24.32 -12.78 -28.53
C PHE A 174 25.53 -11.97 -28.93
N LEU A 175 25.28 -10.80 -29.55
CA LEU A 175 26.32 -9.89 -30.00
C LEU A 175 26.52 -8.76 -28.99
N GLN A 176 27.78 -8.45 -28.71
CA GLN A 176 28.16 -7.40 -27.80
C GLN A 176 28.44 -6.13 -28.59
N VAL A 177 27.66 -5.08 -28.33
CA VAL A 177 27.78 -3.80 -29.01
C VAL A 177 28.10 -2.73 -27.98
N ASP A 178 29.30 -2.13 -28.10
CA ASP A 178 29.74 -1.10 -27.17
C ASP A 178 28.73 0.06 -27.12
N THR A 179 28.76 0.79 -26.00
CA THR A 179 27.86 1.92 -25.77
C THR A 179 28.54 3.15 -25.20
N SER A 180 29.85 3.11 -24.93
CA SER A 180 30.50 4.26 -24.32
C SER A 180 30.55 5.48 -25.23
N LYS A 181 30.83 5.26 -26.52
CA LYS A 181 30.97 6.37 -27.46
C LYS A 181 29.65 6.80 -28.10
N ILE A 182 28.59 5.98 -28.06
CA ILE A 182 27.33 6.40 -28.66
C ILE A 182 26.71 7.54 -27.86
N LEU A 183 26.18 8.52 -28.58
CA LEU A 183 25.50 9.64 -27.95
C LEU A 183 24.06 9.27 -27.65
N PHE A 184 23.51 9.89 -26.59
CA PHE A 184 22.13 9.67 -26.19
C PHE A 184 21.48 11.00 -25.89
N ILE A 185 20.26 11.18 -26.38
CA ILE A 185 19.48 12.40 -26.20
C ILE A 185 18.28 12.03 -25.34
N CYS A 186 18.35 12.35 -24.05
CA CYS A 186 17.29 12.03 -23.10
C CYS A 186 16.48 13.29 -22.81
N GLY A 187 15.20 13.26 -23.20
CA GLY A 187 14.32 14.39 -22.98
C GLY A 187 12.89 13.92 -22.82
N GLY A 188 12.16 14.64 -21.99
CA GLY A 188 10.77 14.33 -21.71
C GLY A 188 10.07 15.54 -21.17
N ALA A 189 8.76 15.61 -21.42
CA ALA A 189 7.98 16.74 -20.97
C ALA A 189 7.79 16.66 -19.46
N PHE A 190 8.40 17.61 -18.74
CA PHE A 190 8.33 17.66 -17.29
C PHE A 190 7.12 18.48 -16.85
N ALA A 191 6.42 17.97 -15.84
CA ALA A 191 5.24 18.61 -15.29
C ALA A 191 5.57 19.19 -13.92
N GLY A 192 5.17 20.45 -13.70
CA GLY A 192 5.42 21.09 -12.43
C GLY A 192 6.82 21.63 -12.25
N LEU A 193 7.66 21.57 -13.28
CA LEU A 193 9.04 22.05 -13.14
C LEU A 193 9.09 23.55 -12.93
N ASP A 194 8.15 24.30 -13.51
CA ASP A 194 8.15 25.75 -13.35
C ASP A 194 7.96 26.16 -11.90
N LYS A 195 7.14 25.40 -11.16
CA LYS A 195 6.88 25.73 -9.76
C LYS A 195 8.13 25.55 -8.91
N VAL A 196 8.94 24.53 -9.20
CA VAL A 196 10.14 24.30 -8.43
C VAL A 196 11.13 25.42 -8.65
N ILE A 197 11.26 25.87 -9.90
CA ILE A 197 12.20 26.95 -10.20
C ILE A 197 11.71 28.26 -9.60
N SER A 198 10.39 28.44 -9.49
CA SER A 198 9.84 29.68 -8.95
C SER A 198 10.25 29.88 -7.50
N HIS A 199 10.26 28.81 -6.71
CA HIS A 199 10.64 28.91 -5.30
C HIS A 199 12.08 29.39 -5.15
N ARG A 200 12.98 28.88 -5.97
CA ARG A 200 14.39 29.27 -5.88
C ARG A 200 14.63 30.67 -6.41
N VAL A 201 14.07 30.98 -7.59
CA VAL A 201 14.32 32.27 -8.24
C VAL A 201 13.55 33.44 -7.64
N GLU A 202 12.51 33.21 -6.85
CA GLU A 202 11.77 34.34 -6.28
C GLU A 202 12.66 35.15 -5.33
N THR A 203 13.51 34.45 -4.57
CA THR A 203 14.45 35.08 -3.62
C THR A 203 13.77 36.07 -2.68
N GLY A 204 12.62 35.67 -2.14
CA GLY A 204 11.91 36.47 -1.17
C GLY A 204 10.94 37.47 -1.79
N SER A 205 10.01 37.91 -0.96
CA SER A 205 8.99 38.89 -1.30
C SER A 205 8.97 39.96 -0.21
N GLY A 206 8.91 41.23 -0.62
CA GLY A 206 8.89 42.33 0.32
C GLY A 206 7.50 42.84 0.60
N ILE A 207 7.37 43.53 1.73
CA ILE A 207 6.09 44.07 2.18
C ILE A 207 6.08 45.59 2.31
N GLY A 208 7.22 46.23 2.52
CA GLY A 208 7.25 47.66 2.74
C GLY A 208 7.11 48.49 1.47
N PHE A 209 7.22 49.80 1.67
CA PHE A 209 7.09 50.76 0.57
C PHE A 209 8.22 50.60 -0.44
N GLY A 210 9.47 50.61 0.02
CA GLY A 210 10.59 50.53 -0.90
C GLY A 210 10.70 49.22 -1.63
N ALA A 211 10.34 48.11 -0.98
CA ALA A 211 10.41 46.82 -1.65
C ALA A 211 9.40 46.74 -2.78
N THR A 212 9.80 46.10 -3.87
CA THR A 212 8.96 45.95 -5.04
C THR A 212 8.08 44.71 -4.89
N VAL A 213 6.85 44.81 -5.37
CA VAL A 213 5.88 43.72 -5.33
C VAL A 213 5.68 43.22 -6.76
N LYS A 214 5.81 41.92 -6.95
CA LYS A 214 5.62 41.32 -8.26
C LYS A 214 4.14 41.33 -8.63
N ALA A 215 3.89 41.43 -9.93
CA ALA A 215 2.53 41.44 -10.46
C ALA A 215 2.10 39.99 -10.65
N LYS A 216 0.96 39.78 -11.32
CA LYS A 216 0.47 38.43 -11.55
C LYS A 216 1.51 37.58 -12.26
N SER A 217 2.09 38.10 -13.33
CA SER A 217 3.12 37.35 -14.06
C SER A 217 4.02 38.33 -14.80
N ASP A 218 5.25 38.49 -14.30
CA ASP A 218 6.27 39.33 -14.92
C ASP A 218 7.44 38.48 -15.39
N LYS A 219 7.97 37.64 -14.51
CA LYS A 219 9.06 36.72 -14.83
C LYS A 219 8.65 35.27 -14.61
N ALA A 220 7.39 35.01 -14.26
CA ALA A 220 6.90 33.66 -14.02
C ALA A 220 6.49 32.93 -15.30
N SER A 221 6.65 33.55 -16.45
CA SER A 221 6.30 32.91 -17.71
C SER A 221 7.31 31.82 -18.04
N GLU A 222 6.91 30.91 -18.93
CA GLU A 222 7.81 29.84 -19.34
C GLU A 222 9.07 30.42 -19.97
N GLY A 223 8.90 31.49 -20.75
CA GLY A 223 10.05 32.15 -21.34
C GLY A 223 10.80 32.92 -20.26
N GLU A 224 12.13 32.86 -20.33
CA GLU A 224 13.04 33.50 -19.39
C GLU A 224 13.07 32.80 -18.04
N LEU A 225 12.53 31.58 -17.94
CA LEU A 225 12.52 30.81 -16.71
C LEU A 225 13.38 29.56 -16.80
N LEU A 226 13.50 28.99 -18.00
CA LEU A 226 14.30 27.80 -18.21
C LEU A 226 15.77 28.11 -18.47
N ALA A 227 16.07 29.32 -18.95
CA ALA A 227 17.45 29.69 -19.22
C ALA A 227 18.28 29.70 -17.94
N GLN A 228 17.68 30.07 -16.82
CA GLN A 228 18.37 30.11 -15.54
C GLN A 228 18.30 28.78 -14.79
N VAL A 229 17.89 27.70 -15.46
CA VAL A 229 17.81 26.40 -14.81
C VAL A 229 19.22 25.87 -14.60
N GLU A 230 19.37 25.02 -13.57
CA GLU A 230 20.66 24.44 -13.22
C GLU A 230 20.47 22.97 -12.86
N PRO A 231 21.56 22.18 -12.74
CA PRO A 231 21.40 20.77 -12.36
C PRO A 231 20.74 20.57 -11.01
N GLU A 232 20.99 21.46 -10.04
CA GLU A 232 20.41 21.31 -8.71
C GLU A 232 18.89 21.31 -8.74
N ASP A 233 18.29 22.10 -9.65
CA ASP A 233 16.84 22.14 -9.71
C ASP A 233 16.25 20.81 -10.14
N LEU A 234 16.93 20.10 -11.04
CA LEU A 234 16.43 18.80 -11.49
C LEU A 234 16.45 17.78 -10.37
N ILE A 235 17.37 17.92 -9.41
CA ILE A 235 17.43 17.00 -8.28
C ILE A 235 16.14 17.10 -7.47
N LYS A 236 15.63 18.32 -7.33
CA LYS A 236 14.38 18.54 -6.59
C LYS A 236 13.22 17.82 -7.27
N PHE A 237 13.30 17.64 -8.59
CA PHE A 237 12.22 16.98 -9.31
C PHE A 237 12.21 15.47 -9.07
N GLY A 238 13.38 14.87 -8.81
CA GLY A 238 13.47 13.44 -8.57
C GLY A 238 14.66 12.78 -9.24
N LEU A 239 15.30 13.48 -10.18
CA LEU A 239 16.42 12.92 -10.91
C LEU A 239 17.62 12.69 -10.01
N ILE A 240 18.35 11.63 -10.31
CA ILE A 240 19.54 11.21 -9.57
C ILE A 240 20.72 12.04 -10.07
N PRO A 241 21.65 12.48 -9.22
CA PRO A 241 22.77 13.29 -9.75
C PRO A 241 23.66 12.54 -10.70
N GLU A 242 23.82 11.23 -10.53
CA GLU A 242 24.64 10.44 -11.45
C GLU A 242 24.10 10.55 -12.87
N PHE A 243 22.77 10.48 -13.01
CA PHE A 243 22.16 10.61 -14.33
C PHE A 243 22.36 12.02 -14.87
N ILE A 244 22.23 13.04 -14.00
CA ILE A 244 22.39 14.41 -14.45
C ILE A 244 23.85 14.72 -14.73
N GLY A 245 24.77 14.11 -13.98
CA GLY A 245 26.18 14.34 -14.22
C GLY A 245 26.61 13.94 -15.62
N ARG A 246 25.99 12.89 -16.17
CA ARG A 246 26.30 12.44 -17.51
C ARG A 246 25.74 13.38 -18.58
N LEU A 247 24.78 14.25 -18.22
CA LEU A 247 24.17 15.20 -19.15
C LEU A 247 24.36 16.61 -18.61
N PRO A 248 25.58 17.16 -18.66
CA PRO A 248 25.78 18.53 -18.15
C PRO A 248 25.11 19.57 -19.02
N VAL A 249 25.20 19.41 -20.35
CA VAL A 249 24.65 20.39 -21.27
C VAL A 249 23.13 20.26 -21.30
N VAL A 250 22.47 21.42 -21.43
CA VAL A 250 21.00 21.48 -21.48
C VAL A 250 20.62 22.64 -22.38
N ALA A 251 19.56 22.47 -23.15
CA ALA A 251 19.04 23.48 -24.07
C ALA A 251 17.59 23.75 -23.77
N THR A 252 17.21 25.02 -23.69
CA THR A 252 15.84 25.40 -23.43
C THR A 252 15.08 25.47 -24.74
N LEU A 253 13.80 25.11 -24.68
CA LEU A 253 12.93 25.10 -25.85
C LEU A 253 11.72 25.99 -25.59
N ASN A 254 11.54 27.00 -26.43
CA ASN A 254 10.37 27.85 -26.32
C ASN A 254 9.13 27.02 -26.59
N GLU A 255 8.00 27.43 -26.02
CA GLU A 255 6.79 26.65 -26.21
C GLU A 255 6.20 26.86 -27.60
N LEU A 256 5.82 28.09 -27.91
CA LEU A 256 5.24 28.47 -29.20
C LEU A 256 5.11 29.99 -29.21
N SER A 257 4.64 30.52 -30.33
CA SER A 257 4.42 31.95 -30.49
C SER A 257 3.36 32.12 -31.56
N GLU A 258 2.77 33.33 -31.59
CA GLU A 258 1.74 33.62 -32.58
C GLU A 258 2.27 33.46 -34.00
N GLU A 259 3.52 33.88 -34.22
CA GLU A 259 4.12 33.77 -35.54
C GLU A 259 4.28 32.31 -35.95
N ALA A 260 4.68 31.45 -35.01
CA ALA A 260 4.88 30.05 -35.32
C ALA A 260 3.58 29.38 -35.75
N LEU A 261 2.51 29.61 -34.99
CA LEU A 261 1.22 29.01 -35.35
C LEU A 261 0.75 29.51 -36.71
N ILE A 262 1.02 30.77 -37.02
CA ILE A 262 0.63 31.32 -38.31
C ILE A 262 1.38 30.60 -39.42
N GLN A 263 2.67 30.36 -39.22
CA GLN A 263 3.48 29.70 -40.24
C GLN A 263 3.24 28.20 -40.30
N ILE A 264 2.93 27.56 -39.17
CA ILE A 264 2.72 26.11 -39.17
C ILE A 264 1.47 25.75 -39.95
N LEU A 265 0.49 26.64 -40.03
CA LEU A 265 -0.73 26.37 -40.78
C LEU A 265 -0.59 26.67 -42.27
N LYS A 266 0.46 27.39 -42.67
CA LYS A 266 0.66 27.80 -44.06
C LYS A 266 1.91 27.20 -44.69
N GLU A 267 3.07 27.30 -44.03
CA GLU A 267 4.29 26.81 -44.66
C GLU A 267 4.37 25.30 -44.76
N PRO A 268 4.11 24.52 -43.69
CA PRO A 268 4.17 23.05 -43.85
C PRO A 268 3.20 22.54 -44.88
N LYS A 269 3.59 21.45 -45.54
CA LYS A 269 2.75 20.83 -46.56
C LYS A 269 1.60 20.04 -45.97
N ASN A 270 1.80 19.43 -44.80
CA ASN A 270 0.79 18.61 -44.14
C ASN A 270 -0.06 19.40 -43.14
N ALA A 271 -0.14 20.72 -43.29
CA ALA A 271 -0.94 21.51 -42.37
C ALA A 271 -2.41 21.15 -42.52
N LEU A 272 -3.16 21.35 -41.44
CA LEU A 272 -4.58 21.03 -41.45
C LEU A 272 -5.33 21.84 -42.50
N THR A 273 -4.92 23.09 -42.72
CA THR A 273 -5.59 23.92 -43.71
C THR A 273 -5.51 23.29 -45.09
N LYS A 274 -4.34 22.77 -45.45
CA LYS A 274 -4.18 22.12 -46.74
C LYS A 274 -4.86 20.75 -46.76
N GLN A 275 -4.94 20.08 -45.60
CA GLN A 275 -5.58 18.78 -45.54
C GLN A 275 -7.08 18.90 -45.78
N TYR A 276 -7.75 19.77 -45.02
CA TYR A 276 -9.18 19.95 -45.22
C TYR A 276 -9.48 20.53 -46.59
N GLN A 277 -8.58 21.38 -47.10
CA GLN A 277 -8.75 21.91 -48.44
C GLN A 277 -8.80 20.78 -49.45
N ALA A 278 -7.98 19.74 -49.23
CA ALA A 278 -7.96 18.59 -50.12
C ALA A 278 -9.19 17.71 -49.90
N LEU A 279 -9.74 17.72 -48.68
CA LEU A 279 -10.92 16.92 -48.39
C LEU A 279 -12.09 17.37 -49.24
N PHE A 280 -12.20 18.67 -49.49
CA PHE A 280 -13.27 19.22 -50.30
C PHE A 280 -12.94 19.26 -51.79
N ASN A 281 -11.65 19.13 -52.15
CA ASN A 281 -11.29 19.14 -53.57
C ASN A 281 -11.96 18.00 -54.31
N LEU A 282 -12.02 16.82 -53.69
CA LEU A 282 -12.69 15.69 -54.33
C LEU A 282 -14.19 15.94 -54.42
N GLU A 283 -14.73 16.75 -53.52
CA GLU A 283 -16.14 17.12 -53.54
C GLU A 283 -16.43 18.28 -54.48
N GLY A 284 -15.42 18.78 -55.19
CA GLY A 284 -15.63 19.90 -56.09
C GLY A 284 -15.88 21.21 -55.41
N VAL A 285 -15.34 21.40 -54.20
CA VAL A 285 -15.52 22.62 -53.44
C VAL A 285 -14.16 23.05 -52.89
N ASP A 286 -13.89 24.35 -52.95
CA ASP A 286 -12.65 24.93 -52.46
C ASP A 286 -12.88 25.58 -51.10
N LEU A 287 -11.77 25.82 -50.40
CA LEU A 287 -11.79 26.44 -49.08
C LEU A 287 -10.71 27.51 -49.02
N GLU A 288 -10.98 28.54 -48.22
CA GLU A 288 -10.04 29.66 -48.05
C GLU A 288 -9.91 30.01 -46.58
N PHE A 289 -8.70 30.41 -46.19
CA PHE A 289 -8.40 30.82 -44.82
C PHE A 289 -7.55 32.09 -44.90
N ARG A 290 -8.14 33.22 -44.58
CA ARG A 290 -7.42 34.48 -44.62
C ARG A 290 -6.55 34.64 -43.37
N ASP A 291 -5.54 35.50 -43.50
CA ASP A 291 -4.64 35.76 -42.39
C ASP A 291 -5.38 36.41 -41.22
N GLU A 292 -6.45 37.16 -41.50
CA GLU A 292 -7.22 37.80 -40.46
C GLU A 292 -7.89 36.77 -39.55
N ALA A 293 -8.12 35.55 -40.05
CA ALA A 293 -8.71 34.47 -39.27
C ALA A 293 -7.67 33.69 -38.47
N LEU A 294 -6.45 33.54 -38.99
CA LEU A 294 -5.43 32.75 -38.32
C LEU A 294 -4.86 33.42 -37.09
N ASP A 295 -4.75 34.75 -37.07
CA ASP A 295 -4.19 35.41 -35.89
C ASP A 295 -5.10 35.20 -34.68
N ALA A 296 -6.41 35.19 -34.92
CA ALA A 296 -7.36 34.94 -33.83
C ALA A 296 -7.24 33.49 -33.36
N ILE A 297 -6.96 32.57 -34.28
CA ILE A 297 -6.81 31.16 -33.94
C ILE A 297 -5.61 30.98 -33.02
N ALA A 298 -4.56 31.78 -33.22
CA ALA A 298 -3.37 31.68 -32.39
C ALA A 298 -3.70 32.04 -30.94
N LYS A 299 -4.48 33.09 -30.73
CA LYS A 299 -4.85 33.49 -29.38
C LYS A 299 -5.66 32.41 -28.70
N LYS A 300 -6.45 31.64 -29.47
CA LYS A 300 -7.25 30.58 -28.91
C LYS A 300 -6.41 29.36 -28.56
N ALA A 301 -5.36 29.08 -29.34
CA ALA A 301 -4.53 27.92 -29.06
C ALA A 301 -3.73 28.09 -27.78
N MET A 302 -3.13 29.27 -27.58
CA MET A 302 -2.36 29.50 -26.37
C MET A 302 -3.23 29.43 -25.12
N ALA A 303 -4.50 29.82 -25.23
CA ALA A 303 -5.38 29.77 -24.07
C ALA A 303 -5.64 28.35 -23.60
N ARG A 304 -5.57 27.38 -24.51
CA ARG A 304 -5.78 25.99 -24.14
C ARG A 304 -4.53 25.33 -23.59
N LYS A 305 -3.36 25.93 -23.79
CA LYS A 305 -2.07 25.40 -23.35
C LYS A 305 -1.93 23.92 -23.72
N THR A 306 -2.03 23.67 -25.02
CA THR A 306 -1.90 22.33 -25.58
C THR A 306 -1.02 22.28 -26.82
N GLY A 307 -0.49 23.41 -27.28
CA GLY A 307 0.38 23.44 -28.43
C GLY A 307 -0.36 23.18 -29.73
N ALA A 308 0.42 22.73 -30.72
CA ALA A 308 -0.14 22.44 -32.04
C ALA A 308 -1.09 21.24 -32.00
N ARG A 309 -0.85 20.30 -31.10
CA ARG A 309 -1.70 19.11 -31.03
C ARG A 309 -3.12 19.45 -30.65
N GLY A 310 -3.33 20.53 -29.91
CA GLY A 310 -4.64 20.98 -29.51
C GLY A 310 -5.30 21.91 -30.50
N LEU A 311 -4.76 22.01 -31.72
CA LEU A 311 -5.29 22.91 -32.72
C LEU A 311 -6.53 22.36 -33.41
N ARG A 312 -6.63 21.04 -33.54
CA ARG A 312 -7.76 20.43 -34.24
C ARG A 312 -9.11 20.77 -33.60
N SER A 313 -9.14 20.93 -32.28
CA SER A 313 -10.41 21.23 -31.61
C SER A 313 -11.00 22.55 -32.07
N ILE A 314 -10.15 23.53 -32.35
CA ILE A 314 -10.64 24.85 -32.76
C ILE A 314 -11.16 24.80 -34.19
N VAL A 315 -10.36 24.26 -35.10
CA VAL A 315 -10.75 24.20 -36.51
C VAL A 315 -11.97 23.33 -36.70
N GLU A 316 -11.97 22.15 -36.08
CA GLU A 316 -13.09 21.23 -36.27
C GLU A 316 -14.39 21.76 -35.68
N ALA A 317 -14.32 22.53 -34.59
CA ALA A 317 -15.53 23.06 -33.98
C ALA A 317 -16.28 23.98 -34.94
N ALA A 318 -15.56 24.89 -35.60
CA ALA A 318 -16.21 25.79 -36.54
C ALA A 318 -16.74 25.05 -37.76
N LEU A 319 -15.94 24.11 -38.28
CA LEU A 319 -16.32 23.37 -39.47
C LEU A 319 -17.51 22.45 -39.22
N LEU A 320 -17.66 21.95 -37.99
CA LEU A 320 -18.74 21.04 -37.61
C LEU A 320 -20.10 21.45 -38.18
N ASP A 321 -20.54 22.67 -37.85
CA ASP A 321 -21.82 23.14 -38.37
C ASP A 321 -21.82 23.22 -39.88
N THR A 322 -20.67 23.58 -40.47
CA THR A 322 -20.58 23.69 -41.92
C THR A 322 -20.62 22.31 -42.58
N MET A 323 -19.69 21.44 -42.19
CA MET A 323 -19.62 20.10 -42.77
C MET A 323 -20.87 19.27 -42.53
N TYR A 324 -21.65 19.60 -41.50
CA TYR A 324 -22.85 18.82 -41.21
C TYR A 324 -23.90 18.99 -42.31
N ASP A 325 -24.18 20.23 -42.70
CA ASP A 325 -25.19 20.54 -43.70
C ASP A 325 -24.58 20.83 -45.07
N LEU A 326 -23.33 20.46 -45.29
CA LEU A 326 -22.68 20.73 -46.58
C LEU A 326 -23.19 19.77 -47.67
N PRO A 327 -23.33 18.46 -47.43
CA PRO A 327 -23.85 17.60 -48.50
C PRO A 327 -25.21 18.04 -49.03
N SER A 328 -26.15 18.33 -48.12
CA SER A 328 -27.47 18.78 -48.53
C SER A 328 -27.38 20.04 -49.38
N MET A 329 -26.47 20.95 -49.02
CA MET A 329 -26.28 22.18 -49.79
C MET A 329 -25.83 21.85 -51.21
N GLU A 330 -26.35 22.60 -52.16
CA GLU A 330 -26.02 22.43 -53.58
C GLU A 330 -25.73 23.79 -54.17
N ASP A 331 -24.93 23.77 -55.25
CA ASP A 331 -24.51 24.95 -56.00
C ASP A 331 -23.47 25.77 -55.25
N VAL A 332 -22.88 25.22 -54.20
CA VAL A 332 -21.87 25.93 -53.40
C VAL A 332 -20.52 25.56 -54.03
N GLU A 333 -20.11 26.37 -55.00
CA GLU A 333 -18.85 26.10 -55.69
C GLU A 333 -17.64 26.33 -54.79
N LYS A 334 -17.64 27.41 -54.01
CA LYS A 334 -16.54 27.72 -53.12
C LYS A 334 -17.07 28.26 -51.80
N VAL A 335 -16.32 27.98 -50.72
CA VAL A 335 -16.65 28.45 -49.38
C VAL A 335 -15.49 29.30 -48.88
N VAL A 336 -15.82 30.46 -48.32
CA VAL A 336 -14.83 31.40 -47.78
C VAL A 336 -15.04 31.48 -46.27
N ILE A 337 -13.95 31.46 -45.53
CA ILE A 337 -13.96 31.53 -44.07
C ILE A 337 -13.48 32.91 -43.64
N ASP A 338 -14.37 33.67 -43.02
CA ASP A 338 -14.04 35.00 -42.52
C ASP A 338 -13.58 34.91 -41.07
N GLU A 339 -13.00 36.01 -40.58
CA GLU A 339 -12.52 36.05 -39.21
C GLU A 339 -13.66 35.81 -38.21
N SER A 340 -14.86 36.30 -38.54
CA SER A 340 -16.02 36.12 -37.68
C SER A 340 -16.36 34.64 -37.49
N VAL A 341 -16.08 33.81 -38.51
CA VAL A 341 -16.40 32.38 -38.44
C VAL A 341 -15.72 31.74 -37.24
N ILE A 342 -14.45 32.11 -36.98
CA ILE A 342 -13.75 31.54 -35.84
C ILE A 342 -14.44 31.94 -34.54
N ASP A 343 -14.95 33.17 -34.49
CA ASP A 343 -15.67 33.62 -33.30
C ASP A 343 -16.92 32.79 -33.08
N GLY A 344 -17.60 32.42 -34.16
CA GLY A 344 -18.82 31.64 -34.10
C GLY A 344 -20.10 32.45 -34.16
N GLN A 345 -19.99 33.78 -34.11
CA GLN A 345 -21.18 34.62 -34.17
C GLN A 345 -21.82 34.61 -35.56
N SER A 346 -20.99 34.66 -36.60
CA SER A 346 -21.44 34.70 -37.98
C SER A 346 -21.05 33.42 -38.71
N GLU A 347 -21.99 32.87 -39.47
CA GLU A 347 -21.74 31.66 -40.23
C GLU A 347 -20.84 31.98 -41.43
N PRO A 348 -20.11 31.00 -41.95
CA PRO A 348 -19.24 31.27 -43.10
C PRO A 348 -20.06 31.55 -44.35
N LEU A 349 -19.53 32.45 -45.18
CA LEU A 349 -20.20 32.83 -46.41
C LEU A 349 -19.98 31.77 -47.48
N LEU A 350 -21.01 31.53 -48.28
CA LEU A 350 -20.98 30.56 -49.36
C LEU A 350 -20.87 31.28 -50.70
N ILE A 351 -20.08 30.72 -51.60
CA ILE A 351 -19.88 31.28 -52.94
C ILE A 351 -20.55 30.35 -53.93
N TYR A 352 -21.45 30.91 -54.73
CA TYR A 352 -22.19 30.16 -55.73
C TYR A 352 -21.71 30.48 -57.14
N ALA B 2 -25.41 5.07 -52.22
CA ALA B 2 -24.34 5.89 -51.68
C ALA B 2 -24.43 5.96 -50.16
N LEU B 3 -23.36 6.44 -49.53
CA LEU B 3 -23.32 6.55 -48.08
C LEU B 3 -24.35 7.58 -47.61
N PRO B 4 -24.95 7.38 -46.43
CA PRO B 4 -25.96 8.34 -45.96
C PRO B 4 -25.36 9.69 -45.61
N THR B 5 -26.23 10.69 -45.65
CA THR B 5 -25.88 12.07 -45.36
C THR B 5 -26.09 12.39 -43.88
N PRO B 6 -25.40 13.41 -43.34
CA PRO B 6 -25.61 13.77 -41.92
C PRO B 6 -27.05 13.98 -41.50
N HIS B 7 -27.90 14.50 -42.39
CA HIS B 7 -29.30 14.72 -42.02
C HIS B 7 -30.03 13.39 -41.88
N GLU B 8 -29.73 12.43 -42.76
CA GLU B 8 -30.39 11.13 -42.69
C GLU B 8 -29.90 10.34 -41.49
N ILE B 9 -28.60 10.34 -41.24
CA ILE B 9 -28.06 9.59 -40.11
C ILE B 9 -28.49 10.24 -38.80
N ARG B 10 -28.57 11.57 -38.77
CA ARG B 10 -29.00 12.25 -37.55
C ARG B 10 -30.48 12.01 -37.31
N ASN B 11 -31.27 11.92 -38.38
CA ASN B 11 -32.69 11.64 -38.25
C ASN B 11 -32.91 10.29 -37.56
N HIS B 12 -32.04 9.32 -37.84
CA HIS B 12 -32.17 8.01 -37.22
C HIS B 12 -31.89 8.08 -35.72
N LEU B 13 -30.87 8.85 -35.33
CA LEU B 13 -30.56 8.97 -33.91
C LEU B 13 -31.66 9.73 -33.18
N ASP B 14 -32.30 10.69 -33.84
CA ASP B 14 -33.38 11.43 -33.22
C ASP B 14 -34.53 10.51 -32.83
N ASP B 15 -34.72 9.42 -33.57
CA ASP B 15 -35.77 8.47 -33.25
C ASP B 15 -35.53 7.79 -31.92
N TYR B 16 -34.25 7.53 -31.60
CA TYR B 16 -33.87 6.84 -30.36
C TYR B 16 -33.22 7.73 -29.32
N VAL B 17 -32.77 8.93 -29.68
CA VAL B 17 -32.12 9.85 -28.76
C VAL B 17 -32.75 11.22 -28.87
N ILE B 18 -32.87 11.91 -27.73
CA ILE B 18 -33.48 13.23 -27.66
C ILE B 18 -32.60 14.15 -26.81
N GLY B 19 -32.52 15.42 -27.22
CA GLY B 19 -31.81 16.44 -26.48
C GLY B 19 -30.30 16.39 -26.56
N GLN B 20 -29.75 15.88 -27.65
CA GLN B 20 -28.31 15.76 -27.86
C GLN B 20 -27.94 16.26 -29.24
N GLU B 21 -28.50 17.42 -29.61
CA GLU B 21 -28.27 17.99 -30.93
C GLU B 21 -26.79 18.26 -31.20
N GLN B 22 -26.09 18.82 -30.21
CA GLN B 22 -24.68 19.12 -30.41
C GLN B 22 -23.87 17.84 -30.59
N ALA B 23 -24.17 16.81 -29.80
CA ALA B 23 -23.44 15.55 -29.90
C ALA B 23 -23.76 14.82 -31.18
N LYS B 24 -25.03 14.83 -31.60
CA LYS B 24 -25.43 14.11 -32.80
C LYS B 24 -24.68 14.59 -34.03
N LYS B 25 -24.50 15.91 -34.17
CA LYS B 25 -23.78 16.45 -35.32
C LYS B 25 -22.34 15.97 -35.35
N VAL B 26 -21.69 15.98 -34.18
CA VAL B 26 -20.29 15.57 -34.10
C VAL B 26 -20.14 14.11 -34.54
N LEU B 27 -21.00 13.23 -34.03
CA LEU B 27 -20.88 11.82 -34.38
C LEU B 27 -21.19 11.58 -35.85
N ALA B 28 -22.21 12.25 -36.38
CA ALA B 28 -22.55 12.10 -37.78
C ALA B 28 -21.38 12.50 -38.67
N VAL B 29 -20.72 13.61 -38.34
CA VAL B 29 -19.61 14.09 -39.14
C VAL B 29 -18.46 13.09 -39.11
N ALA B 30 -18.14 12.57 -37.93
CA ALA B 30 -17.07 11.59 -37.81
C ALA B 30 -17.38 10.35 -38.64
N VAL B 31 -18.62 9.87 -38.53
CA VAL B 31 -19.04 8.71 -39.31
C VAL B 31 -18.96 9.02 -40.80
N TYR B 32 -19.43 10.20 -41.18
CA TYR B 32 -19.39 10.58 -42.59
C TYR B 32 -17.94 10.71 -43.06
N ASN B 33 -17.08 11.29 -42.22
CA ASN B 33 -15.68 11.41 -42.57
C ASN B 33 -15.01 10.05 -42.67
N HIS B 34 -15.31 9.16 -41.72
CA HIS B 34 -14.70 7.83 -41.74
C HIS B 34 -15.08 7.07 -42.99
N TYR B 35 -16.37 7.09 -43.35
CA TYR B 35 -16.78 6.43 -44.58
C TYR B 35 -16.13 7.09 -45.78
N LYS B 36 -16.11 8.43 -45.78
CA LYS B 36 -15.50 9.19 -46.86
C LYS B 36 -14.00 8.95 -46.94
N ARG B 37 -13.33 8.89 -45.79
CA ARG B 37 -11.87 8.73 -45.77
C ARG B 37 -11.44 7.42 -46.41
N LEU B 38 -12.01 6.31 -45.94
CA LEU B 38 -11.60 5.00 -46.44
C LEU B 38 -12.14 4.69 -47.83
N ARG B 39 -13.37 5.13 -48.14
CA ARG B 39 -13.94 4.85 -49.47
C ARG B 39 -13.01 5.34 -50.57
N ASN B 40 -12.40 6.50 -50.38
CA ASN B 40 -11.46 7.03 -51.36
C ASN B 40 -10.11 6.35 -51.20
N GLY B 41 -9.44 6.11 -52.33
CA GLY B 41 -8.11 5.50 -52.33
C GLY B 41 -7.12 6.17 -51.39
N ASP B 42 -7.32 7.46 -51.12
CA ASP B 42 -6.48 8.32 -50.28
C ASP B 42 -5.23 8.78 -51.03
N THR B 43 -5.01 8.35 -52.28
CA THR B 43 -3.89 8.81 -53.07
C THR B 43 -4.35 10.00 -53.90
N SER B 44 -4.53 11.11 -53.19
CA SER B 44 -5.03 12.37 -53.75
C SER B 44 -4.09 13.51 -53.36
N ASN B 45 -4.50 14.76 -53.64
CA ASN B 45 -3.70 15.91 -53.27
C ASN B 45 -3.38 15.88 -51.79
N GLY B 46 -4.38 15.59 -50.97
CA GLY B 46 -4.19 15.44 -49.54
C GLY B 46 -3.90 13.97 -49.28
N VAL B 47 -2.84 13.71 -48.52
CA VAL B 47 -2.42 12.35 -48.21
C VAL B 47 -2.23 12.21 -46.71
N GLU B 48 -2.29 10.96 -46.26
CA GLU B 48 -2.18 10.60 -44.83
C GLU B 48 -3.12 11.45 -44.00
N LEU B 49 -4.40 11.41 -44.39
CA LEU B 49 -5.43 12.18 -43.70
C LEU B 49 -5.50 11.83 -42.21
N GLY B 50 -5.70 12.85 -41.39
CA GLY B 50 -5.81 12.64 -39.96
C GLY B 50 -7.14 12.01 -39.58
N LYS B 51 -7.13 11.37 -38.41
CA LYS B 51 -8.31 10.73 -37.84
C LYS B 51 -8.69 11.49 -36.57
N SER B 52 -9.92 11.99 -36.53
CA SER B 52 -10.40 12.71 -35.36
C SER B 52 -11.01 11.70 -34.40
N ASN B 53 -10.54 11.72 -33.16
CA ASN B 53 -11.01 10.83 -32.11
C ASN B 53 -11.92 11.62 -31.19
N ILE B 54 -13.08 11.06 -30.89
CA ILE B 54 -14.09 11.73 -30.10
C ILE B 54 -14.05 11.22 -28.66
N LEU B 55 -14.20 12.16 -27.73
CA LEU B 55 -14.22 11.90 -26.30
C LEU B 55 -15.59 12.36 -25.82
N LEU B 56 -16.43 11.41 -25.40
CA LEU B 56 -17.79 11.70 -24.97
C LEU B 56 -17.86 11.84 -23.46
N ILE B 57 -18.09 13.06 -22.99
CA ILE B 57 -18.27 13.36 -21.58
C ILE B 57 -19.74 13.63 -21.38
N GLY B 58 -20.33 13.02 -20.34
CA GLY B 58 -21.73 13.23 -20.08
C GLY B 58 -22.16 12.80 -18.68
N PRO B 59 -23.12 13.50 -18.07
CA PRO B 59 -23.61 13.06 -16.76
C PRO B 59 -24.22 11.67 -16.82
N THR B 60 -24.51 11.15 -15.62
CA THR B 60 -25.10 9.83 -15.51
C THR B 60 -26.45 9.75 -16.20
N GLY B 61 -26.66 8.66 -16.93
CA GLY B 61 -27.93 8.43 -17.60
C GLY B 61 -28.29 9.44 -18.67
N SER B 62 -27.30 10.11 -19.25
CA SER B 62 -27.56 11.10 -20.27
C SER B 62 -27.76 10.51 -21.66
N GLY B 63 -27.41 9.25 -21.87
CA GLY B 63 -27.57 8.59 -23.14
C GLY B 63 -26.30 8.30 -23.92
N LYS B 64 -25.15 8.21 -23.25
CA LYS B 64 -23.91 7.93 -23.97
C LYS B 64 -23.88 6.51 -24.49
N THR B 65 -24.17 5.54 -23.63
CA THR B 65 -24.14 4.14 -24.04
C THR B 65 -25.19 3.84 -25.10
N LEU B 66 -26.31 4.56 -25.07
CA LEU B 66 -27.38 4.32 -26.03
C LEU B 66 -26.95 4.69 -27.44
N LEU B 67 -26.16 5.76 -27.57
CA LEU B 67 -25.75 6.20 -28.91
C LEU B 67 -24.87 5.16 -29.58
N ALA B 68 -23.95 4.55 -28.83
CA ALA B 68 -23.07 3.56 -29.42
C ALA B 68 -23.84 2.34 -29.90
N GLU B 69 -24.86 1.93 -29.16
CA GLU B 69 -25.63 0.76 -29.55
C GLU B 69 -26.44 1.04 -30.82
N THR B 70 -27.15 2.17 -30.84
CA THR B 70 -27.92 2.50 -32.03
C THR B 70 -27.02 2.82 -33.21
N LEU B 71 -25.85 3.39 -32.94
CA LEU B 71 -24.90 3.72 -34.00
C LEU B 71 -24.42 2.47 -34.71
N ALA B 72 -24.14 1.41 -33.95
CA ALA B 72 -23.66 0.17 -34.55
C ALA B 72 -24.69 -0.45 -35.47
N ARG B 73 -25.98 -0.30 -35.16
CA ARG B 73 -27.03 -0.88 -35.97
C ARG B 73 -27.07 -0.27 -37.37
N LEU B 74 -26.97 1.05 -37.46
CA LEU B 74 -27.08 1.71 -38.75
C LEU B 74 -25.85 1.49 -39.61
N LEU B 75 -24.67 1.48 -39.01
CA LEU B 75 -23.43 1.30 -39.78
C LEU B 75 -23.20 -0.17 -40.12
N ASP B 76 -22.62 -0.39 -41.30
CA ASP B 76 -22.31 -1.71 -41.81
C ASP B 76 -20.96 -2.25 -41.32
N VAL B 77 -19.95 -1.38 -41.22
CA VAL B 77 -18.60 -1.76 -40.82
C VAL B 77 -18.59 -2.40 -39.43
N PRO B 78 -17.57 -3.16 -39.06
CA PRO B 78 -17.57 -3.80 -37.73
C PRO B 78 -17.56 -2.80 -36.59
N PHE B 79 -18.18 -3.21 -35.49
CA PHE B 79 -18.28 -2.40 -34.28
C PHE B 79 -18.07 -3.28 -33.08
N THR B 80 -17.47 -2.71 -32.03
CA THR B 80 -17.22 -3.42 -30.79
C THR B 80 -17.55 -2.52 -29.61
N MET B 81 -17.95 -3.15 -28.51
CA MET B 81 -18.32 -2.48 -27.27
C MET B 81 -17.46 -3.06 -26.15
N ALA B 82 -16.30 -2.44 -25.92
CA ALA B 82 -15.37 -2.88 -24.89
C ALA B 82 -15.56 -2.07 -23.63
N ASP B 83 -14.76 -2.39 -22.60
CA ASP B 83 -14.83 -1.73 -21.30
C ASP B 83 -13.43 -1.55 -20.76
N ALA B 84 -13.20 -0.43 -20.10
CA ALA B 84 -11.89 -0.11 -19.51
C ALA B 84 -11.71 -0.68 -18.11
N THR B 85 -12.66 -1.45 -17.60
CA THR B 85 -12.56 -2.00 -16.26
C THR B 85 -11.60 -3.20 -16.18
N THR B 86 -11.69 -4.11 -17.16
CA THR B 86 -10.89 -5.32 -17.14
C THR B 86 -9.49 -5.15 -17.73
N LEU B 87 -9.17 -3.99 -18.29
CA LEU B 87 -7.85 -3.80 -18.90
C LEU B 87 -6.76 -3.78 -17.84
N THR B 88 -5.69 -4.54 -18.11
CA THR B 88 -4.54 -4.64 -17.22
C THR B 88 -3.27 -4.43 -18.01
N GLU B 89 -2.37 -3.62 -17.45
CA GLU B 89 -1.11 -3.32 -18.10
C GLU B 89 -0.09 -4.42 -17.87
N ALA B 90 0.92 -4.45 -18.74
CA ALA B 90 2.02 -5.42 -18.69
C ALA B 90 1.55 -6.86 -18.87
N GLY B 91 0.44 -7.05 -19.58
CA GLY B 91 -0.06 -8.38 -19.86
C GLY B 91 -0.38 -9.24 -18.66
N TYR B 92 -1.10 -8.69 -17.67
CA TYR B 92 -1.45 -9.47 -16.50
C TYR B 92 -2.56 -10.46 -16.87
N VAL B 93 -3.03 -11.22 -15.87
CA VAL B 93 -4.05 -12.23 -16.12
C VAL B 93 -5.44 -11.64 -16.32
N GLY B 94 -5.69 -10.41 -15.90
CA GLY B 94 -7.01 -9.84 -16.07
C GLY B 94 -7.45 -9.72 -17.51
N GLU B 95 -6.77 -8.87 -18.27
CA GLU B 95 -7.08 -8.66 -19.68
C GLU B 95 -5.99 -7.77 -20.27
N ASP B 96 -5.83 -7.88 -21.58
CA ASP B 96 -4.86 -7.10 -22.33
C ASP B 96 -5.56 -6.15 -23.27
N VAL B 97 -4.83 -5.15 -23.76
CA VAL B 97 -5.41 -4.18 -24.68
C VAL B 97 -5.63 -4.82 -26.04
N GLU B 98 -4.79 -5.80 -26.40
CA GLU B 98 -4.93 -6.47 -27.68
C GLU B 98 -6.19 -7.33 -27.75
N ASN B 99 -6.76 -7.70 -26.59
CA ASN B 99 -7.98 -8.50 -26.58
C ASN B 99 -9.10 -7.79 -27.33
N ILE B 100 -9.12 -6.46 -27.27
CA ILE B 100 -10.13 -5.70 -27.99
C ILE B 100 -10.07 -6.00 -29.48
N ILE B 101 -8.85 -6.11 -30.01
CA ILE B 101 -8.68 -6.39 -31.43
C ILE B 101 -9.13 -7.81 -31.74
N GLN B 102 -8.75 -8.78 -30.90
CA GLN B 102 -9.18 -10.15 -31.13
C GLN B 102 -10.69 -10.24 -31.07
N LYS B 103 -11.31 -9.46 -30.20
CA LYS B 103 -12.77 -9.44 -30.12
C LYS B 103 -13.36 -8.78 -31.35
N LEU B 104 -12.65 -7.79 -31.90
CA LEU B 104 -13.12 -7.10 -33.10
C LEU B 104 -13.21 -8.06 -34.28
N LEU B 105 -12.23 -8.96 -34.40
CA LEU B 105 -12.23 -9.90 -35.52
C LEU B 105 -13.41 -10.85 -35.45
N GLN B 106 -13.88 -11.18 -34.25
CA GLN B 106 -15.03 -12.07 -34.11
C GLN B 106 -16.24 -11.48 -34.82
N LYS B 107 -16.42 -10.17 -34.72
CA LYS B 107 -17.52 -9.51 -35.39
C LYS B 107 -17.26 -9.39 -36.87
N SER B 108 -15.99 -9.24 -37.25
CA SER B 108 -15.59 -9.08 -38.65
C SER B 108 -15.23 -10.41 -39.33
N ASP B 109 -15.32 -11.53 -38.62
CA ASP B 109 -15.00 -12.85 -39.20
C ASP B 109 -13.55 -12.95 -39.66
N TYR B 110 -12.64 -12.32 -38.92
CA TYR B 110 -11.21 -12.39 -39.18
C TYR B 110 -10.83 -11.84 -40.56
N ASP B 111 -11.24 -10.60 -40.80
CA ASP B 111 -10.93 -9.88 -42.04
C ASP B 111 -10.13 -8.64 -41.64
N VAL B 112 -8.82 -8.68 -41.90
CA VAL B 112 -7.95 -7.59 -41.49
C VAL B 112 -8.25 -6.32 -42.27
N GLN B 113 -8.37 -6.43 -43.60
CA GLN B 113 -8.65 -5.24 -44.40
C GLN B 113 -10.01 -4.65 -44.06
N LYS B 114 -10.97 -5.51 -43.70
CA LYS B 114 -12.30 -5.06 -43.31
C LYS B 114 -12.33 -4.62 -41.84
N ALA B 115 -11.37 -5.06 -41.03
CA ALA B 115 -11.35 -4.72 -39.62
C ALA B 115 -10.73 -3.35 -39.36
N GLN B 116 -9.75 -2.95 -40.17
CA GLN B 116 -9.11 -1.66 -39.96
C GLN B 116 -10.10 -0.51 -40.13
N ARG B 117 -11.17 -0.73 -40.90
CA ARG B 117 -12.21 0.27 -41.09
C ARG B 117 -13.30 0.21 -40.03
N GLY B 118 -13.10 -0.59 -38.98
CA GLY B 118 -14.09 -0.72 -37.93
C GLY B 118 -14.06 0.43 -36.94
N ILE B 119 -15.07 0.44 -36.06
CA ILE B 119 -15.24 1.46 -35.03
C ILE B 119 -15.13 0.78 -33.67
N VAL B 120 -14.60 1.52 -32.71
CA VAL B 120 -14.38 1.04 -31.35
C VAL B 120 -15.09 1.96 -30.38
N TYR B 121 -15.69 1.37 -29.35
CA TYR B 121 -16.37 2.10 -28.28
C TYR B 121 -15.91 1.58 -26.95
N ILE B 122 -15.55 2.49 -26.05
CA ILE B 122 -15.07 2.16 -24.72
C ILE B 122 -15.84 2.99 -23.71
N ASP B 123 -16.22 2.38 -22.60
CA ASP B 123 -16.96 3.01 -21.53
C ASP B 123 -16.16 2.99 -20.23
N GLN B 124 -16.62 3.78 -19.27
CA GLN B 124 -16.00 3.89 -17.95
C GLN B 124 -14.53 4.29 -18.07
N ILE B 125 -14.27 5.26 -18.95
CA ILE B 125 -12.92 5.77 -19.14
C ILE B 125 -12.40 6.46 -17.88
N ASP B 126 -13.31 7.06 -17.10
CA ASP B 126 -12.88 7.79 -15.90
C ASP B 126 -12.22 6.87 -14.88
N LYS B 127 -12.55 5.58 -14.89
CA LYS B 127 -11.99 4.65 -13.91
C LYS B 127 -10.49 4.45 -14.07
N ILE B 128 -9.92 4.77 -15.23
CA ILE B 128 -8.50 4.57 -15.46
C ILE B 128 -7.70 5.87 -15.21
N SER B 129 -8.30 6.85 -14.56
CA SER B 129 -7.59 8.09 -14.31
C SER B 129 -6.45 7.89 -13.32
N ARG B 130 -5.49 8.78 -13.40
CA ARG B 130 -4.33 8.74 -12.53
C ARG B 130 -4.69 9.14 -11.10
N LYS B 131 -4.02 8.50 -10.15
CA LYS B 131 -4.19 8.76 -8.72
C LYS B 131 -2.88 9.33 -8.19
N SER B 132 -2.98 10.42 -7.40
CA SER B 132 -1.76 11.05 -6.88
C SER B 132 -0.97 10.09 -6.01
N ASP B 133 -1.63 9.46 -5.04
CA ASP B 133 -0.96 8.46 -4.22
C ASP B 133 -0.71 7.21 -5.05
N ASN B 134 0.47 6.63 -4.90
CA ASN B 134 0.86 5.45 -5.68
C ASN B 134 1.28 4.25 -4.84
N PRO B 135 0.50 3.83 -3.83
CA PRO B 135 0.88 2.62 -3.07
C PRO B 135 0.45 1.39 -3.83
N SER B 136 1.42 0.61 -4.30
CA SER B 136 1.14 -0.60 -5.07
C SER B 136 2.42 -1.41 -5.19
N ILE B 137 2.28 -2.60 -5.77
CA ILE B 137 3.40 -3.50 -6.00
C ILE B 137 3.25 -4.06 -7.41
N ASP B 140 -0.61 1.15 -9.83
CA ASP B 140 -1.76 1.57 -10.62
C ASP B 140 -1.85 0.75 -11.90
N VAL B 141 -2.10 -0.55 -11.74
CA VAL B 141 -2.19 -1.45 -12.88
C VAL B 141 -3.35 -1.06 -13.79
N SER B 142 -4.41 -0.48 -13.22
CA SER B 142 -5.59 -0.07 -13.96
C SER B 142 -5.63 1.42 -14.24
N GLY B 143 -4.57 2.16 -13.92
CA GLY B 143 -4.55 3.60 -14.12
C GLY B 143 -3.66 4.10 -15.24
N GLU B 144 -2.52 4.69 -14.86
CA GLU B 144 -1.59 5.25 -15.83
C GLU B 144 -1.05 4.19 -16.79
N GLY B 145 -0.89 2.96 -16.31
CA GLY B 145 -0.38 1.90 -17.16
C GLY B 145 -1.26 1.64 -18.37
N VAL B 146 -2.58 1.64 -18.16
CA VAL B 146 -3.51 1.39 -19.26
C VAL B 146 -3.44 2.51 -20.29
N GLN B 147 -3.23 3.75 -19.83
CA GLN B 147 -3.16 4.87 -20.76
C GLN B 147 -2.01 4.73 -21.74
N GLN B 148 -0.85 4.30 -21.25
CA GLN B 148 0.30 4.13 -22.13
C GLN B 148 0.07 3.04 -23.16
N ALA B 149 -0.62 1.97 -22.76
CA ALA B 149 -0.88 0.88 -23.69
C ALA B 149 -1.85 1.30 -24.78
N LEU B 150 -2.78 2.21 -24.48
CA LEU B 150 -3.74 2.63 -25.48
C LEU B 150 -3.12 3.57 -26.50
N LEU B 151 -2.24 4.48 -26.04
CA LEU B 151 -1.55 5.44 -26.90
C LEU B 151 -0.99 4.76 -28.14
N LYS B 152 -0.33 3.61 -27.96
CA LYS B 152 0.22 2.88 -29.10
C LYS B 152 -0.91 2.45 -30.04
N LEU B 153 -2.05 2.06 -29.48
CA LEU B 153 -3.19 1.68 -30.32
C LEU B 153 -3.75 2.87 -31.07
N ILE B 154 -3.91 4.01 -30.38
CA ILE B 154 -4.51 5.18 -31.02
C ILE B 154 -3.57 5.80 -32.04
N GLU B 155 -2.27 5.89 -31.74
CA GLU B 155 -1.34 6.49 -32.68
C GLU B 155 -1.26 5.70 -33.98
N GLY B 156 -1.43 4.38 -33.91
CA GLY B 156 -1.39 3.52 -35.08
C GLY B 156 -0.19 2.60 -35.11
N THR B 157 -0.44 1.33 -34.77
CA THR B 157 0.59 0.30 -34.76
C THR B 157 -0.10 -1.05 -34.89
N VAL B 158 0.71 -2.09 -35.03
CA VAL B 158 0.20 -3.46 -35.16
C VAL B 158 0.44 -4.18 -33.84
N ALA B 159 -0.56 -4.96 -33.43
CA ALA B 159 -0.51 -5.75 -32.20
C ALA B 159 -0.65 -7.22 -32.53
N ALA B 160 0.13 -8.06 -31.86
CA ALA B 160 0.05 -9.50 -32.10
C ALA B 160 -1.28 -10.02 -31.56
N VAL B 161 -1.98 -10.81 -32.37
CA VAL B 161 -3.27 -11.38 -31.99
C VAL B 161 -3.34 -12.84 -32.44
N PRO B 162 -3.41 -13.83 -31.54
CA PRO B 162 -3.51 -15.22 -32.01
C PRO B 162 -4.83 -15.45 -32.74
N PRO B 163 -4.82 -15.78 -34.03
CA PRO B 163 -6.10 -15.98 -34.72
C PRO B 163 -6.75 -17.28 -34.30
N GLN B 164 -7.98 -17.18 -33.77
CA GLN B 164 -8.79 -18.30 -33.31
C GLN B 164 -8.26 -18.94 -32.03
N GLY B 165 -7.14 -18.45 -31.47
CA GLY B 165 -6.54 -19.03 -30.29
C GLY B 165 -5.54 -20.13 -30.58
N GLY B 166 -5.61 -20.74 -31.76
CA GLY B 166 -4.69 -21.79 -32.13
C GLY B 166 -5.14 -23.14 -31.61
N ARG B 167 -4.90 -24.19 -32.39
CA ARG B 167 -5.30 -25.53 -31.94
C ARG B 167 -4.42 -25.99 -30.79
N LYS B 168 -3.12 -25.74 -30.88
CA LYS B 168 -2.17 -26.11 -29.83
C LYS B 168 -0.93 -25.23 -29.98
N HIS B 169 0.12 -25.57 -29.25
CA HIS B 169 1.38 -24.83 -29.30
C HIS B 169 1.99 -24.83 -30.70
N PRO B 170 1.71 -25.87 -31.49
CA PRO B 170 2.22 -26.04 -32.85
C PRO B 170 2.25 -24.78 -33.70
N GLN B 171 1.13 -24.07 -33.80
CA GLN B 171 1.08 -22.88 -34.64
C GLN B 171 2.03 -21.80 -34.13
N GLN B 172 1.86 -21.36 -32.88
CA GLN B 172 2.71 -20.34 -32.27
C GLN B 172 2.88 -19.10 -33.14
N GLU B 173 1.80 -18.63 -33.75
CA GLU B 173 1.83 -17.46 -34.61
C GLU B 173 0.74 -16.48 -34.19
N PHE B 174 0.89 -15.24 -34.69
CA PHE B 174 -0.04 -14.15 -34.41
C PHE B 174 -0.17 -13.30 -35.66
N LEU B 175 -1.35 -12.67 -35.80
CA LEU B 175 -1.63 -11.81 -36.94
C LEU B 175 -1.43 -10.35 -36.58
N GLN B 176 -0.90 -9.59 -37.51
CA GLN B 176 -0.66 -8.15 -37.34
C GLN B 176 -1.83 -7.40 -37.97
N VAL B 177 -2.40 -6.46 -37.22
CA VAL B 177 -3.53 -5.66 -37.67
C VAL B 177 -3.24 -4.21 -37.32
N ASP B 178 -2.93 -3.41 -38.35
CA ASP B 178 -2.67 -1.99 -38.16
C ASP B 178 -3.87 -1.32 -37.47
N THR B 179 -3.59 -0.19 -36.82
CA THR B 179 -4.60 0.56 -36.09
C THR B 179 -4.55 2.05 -36.41
N SER B 180 -3.69 2.49 -37.33
CA SER B 180 -3.61 3.90 -37.65
C SER B 180 -4.92 4.40 -38.28
N LYS B 181 -5.58 3.55 -39.07
CA LYS B 181 -6.83 3.94 -39.70
C LYS B 181 -8.07 3.72 -38.82
N ILE B 182 -7.97 2.88 -37.80
CA ILE B 182 -9.13 2.59 -36.95
C ILE B 182 -9.50 3.79 -36.10
N LEU B 183 -10.80 4.06 -36.02
CA LEU B 183 -11.35 5.11 -35.18
C LEU B 183 -11.65 4.55 -33.81
N PHE B 184 -11.53 5.40 -32.78
CA PHE B 184 -11.81 5.02 -31.41
C PHE B 184 -12.68 6.08 -30.74
N ILE B 185 -13.74 5.64 -30.05
CA ILE B 185 -14.64 6.52 -29.31
C ILE B 185 -14.53 6.10 -27.85
N CYS B 186 -13.72 6.82 -27.09
CA CYS B 186 -13.53 6.57 -25.66
C CYS B 186 -14.29 7.62 -24.89
N GLY B 187 -15.36 7.20 -24.21
CA GLY B 187 -16.16 8.13 -23.44
C GLY B 187 -16.80 7.53 -22.20
N GLY B 188 -16.82 8.29 -21.11
CA GLY B 188 -17.42 7.82 -19.87
C GLY B 188 -17.78 9.00 -18.99
N ALA B 189 -18.78 8.78 -18.15
CA ALA B 189 -19.27 9.83 -17.25
C ALA B 189 -18.24 10.09 -16.16
N PHE B 190 -17.62 11.26 -16.20
CA PHE B 190 -16.65 11.62 -15.19
C PHE B 190 -17.37 12.11 -13.93
N ALA B 191 -16.84 11.71 -12.78
CA ALA B 191 -17.40 12.07 -11.49
C ALA B 191 -16.54 13.13 -10.82
N GLY B 192 -17.18 14.16 -10.29
CA GLY B 192 -16.46 15.22 -9.61
C GLY B 192 -15.77 16.22 -10.51
N LEU B 193 -15.98 16.15 -11.81
CA LEU B 193 -15.33 17.10 -12.71
C LEU B 193 -15.82 18.52 -12.51
N ASP B 194 -17.07 18.68 -12.06
CA ASP B 194 -17.61 20.01 -11.84
C ASP B 194 -16.82 20.77 -10.79
N LYS B 195 -16.32 20.07 -9.77
CA LYS B 195 -15.58 20.74 -8.71
C LYS B 195 -14.27 21.32 -9.22
N VAL B 196 -13.58 20.59 -10.11
CA VAL B 196 -12.32 21.12 -10.63
C VAL B 196 -12.57 22.33 -11.50
N ILE B 197 -13.59 22.27 -12.34
CA ILE B 197 -13.93 23.40 -13.19
C ILE B 197 -14.50 24.54 -12.35
N SER B 198 -15.18 24.21 -11.26
CA SER B 198 -15.77 25.25 -10.41
C SER B 198 -14.72 26.16 -9.81
N HIS B 199 -13.59 25.60 -9.38
CA HIS B 199 -12.53 26.41 -8.78
C HIS B 199 -12.02 27.45 -9.77
N ARG B 200 -11.95 27.08 -11.05
CA ARG B 200 -11.46 28.00 -12.06
C ARG B 200 -12.45 29.12 -12.34
N VAL B 201 -13.67 28.78 -12.75
CA VAL B 201 -14.65 29.79 -13.14
C VAL B 201 -15.31 30.52 -11.97
N GLU B 202 -15.34 29.94 -10.78
CA GLU B 202 -15.99 30.63 -9.66
C GLU B 202 -15.26 31.92 -9.28
N THR B 203 -13.93 31.89 -9.32
CA THR B 203 -13.07 33.02 -8.95
C THR B 203 -13.05 33.27 -7.44
N GLY B 204 -13.37 32.24 -6.66
CA GLY B 204 -13.41 32.35 -5.21
C GLY B 204 -14.73 32.91 -4.72
N SER B 205 -14.88 32.90 -3.39
CA SER B 205 -16.08 33.40 -2.72
C SER B 205 -15.64 34.36 -1.62
N GLY B 206 -15.49 35.63 -1.96
CA GLY B 206 -15.11 36.62 -0.97
C GLY B 206 -16.26 36.86 0.00
N ILE B 207 -15.90 37.07 1.26
CA ILE B 207 -16.90 37.27 2.32
C ILE B 207 -17.39 38.70 2.42
N GLY B 208 -16.73 39.66 1.78
CA GLY B 208 -17.14 41.04 1.89
C GLY B 208 -18.40 41.37 1.10
N PHE B 209 -18.73 42.67 1.13
CA PHE B 209 -19.92 43.17 0.46
C PHE B 209 -19.79 43.07 -1.06
N GLY B 210 -18.71 43.62 -1.62
CA GLY B 210 -18.55 43.62 -3.05
C GLY B 210 -18.34 42.25 -3.65
N ALA B 211 -17.70 41.35 -2.91
CA ALA B 211 -17.46 40.02 -3.42
C ALA B 211 -18.76 39.26 -3.59
N THR B 212 -18.83 38.45 -4.65
CA THR B 212 -20.01 37.65 -4.94
C THR B 212 -19.89 36.31 -4.24
N VAL B 213 -21.01 35.84 -3.70
CA VAL B 213 -21.10 34.57 -3.00
C VAL B 213 -22.14 33.71 -3.68
N LYS B 214 -22.16 32.42 -3.31
CA LYS B 214 -23.14 31.51 -3.89
C LYS B 214 -24.47 31.80 -3.19
N ALA B 215 -25.22 32.74 -3.77
CA ALA B 215 -26.51 33.12 -3.21
C ALA B 215 -27.47 31.93 -3.20
N LYS B 216 -27.54 31.22 -4.32
CA LYS B 216 -28.40 30.06 -4.46
C LYS B 216 -27.72 28.82 -3.92
N SER B 217 -28.54 27.81 -3.61
CA SER B 217 -27.98 26.55 -3.12
C SER B 217 -27.13 25.89 -4.19
N ASP B 218 -27.66 25.82 -5.39
CA ASP B 218 -26.98 25.28 -6.55
C ASP B 218 -26.56 26.43 -7.45
N LYS B 219 -25.56 26.16 -8.29
CA LYS B 219 -25.01 27.13 -9.23
C LYS B 219 -24.05 26.36 -10.12
N ALA B 220 -23.74 26.95 -11.27
CA ALA B 220 -22.86 26.32 -12.25
C ALA B 220 -23.38 24.93 -12.60
N SER B 221 -24.60 24.91 -13.13
CA SER B 221 -25.27 23.69 -13.53
C SER B 221 -24.38 22.82 -14.41
N GLU B 222 -24.29 21.54 -14.05
CA GLU B 222 -23.48 20.54 -14.74
C GLU B 222 -23.59 20.61 -16.25
N GLY B 223 -24.82 20.78 -16.77
CA GLY B 223 -24.98 20.88 -18.21
C GLY B 223 -24.33 22.13 -18.77
N GLU B 224 -24.51 23.26 -18.10
CA GLU B 224 -23.91 24.51 -18.53
C GLU B 224 -22.44 24.62 -18.13
N LEU B 225 -21.98 23.79 -17.19
CA LEU B 225 -20.61 23.86 -16.73
C LEU B 225 -19.68 23.05 -17.61
N LEU B 226 -20.12 21.86 -18.03
CA LEU B 226 -19.28 21.02 -18.87
C LEU B 226 -18.95 21.68 -20.20
N ALA B 227 -19.82 22.58 -20.68
CA ALA B 227 -19.55 23.26 -21.93
C ALA B 227 -18.27 24.08 -21.85
N GLN B 228 -17.94 24.59 -20.67
CA GLN B 228 -16.74 25.40 -20.45
C GLN B 228 -15.52 24.54 -20.12
N VAL B 229 -15.57 23.24 -20.40
CA VAL B 229 -14.46 22.34 -20.11
C VAL B 229 -13.35 22.56 -21.12
N GLU B 230 -12.13 22.28 -20.70
CA GLU B 230 -10.95 22.41 -21.53
C GLU B 230 -10.00 21.25 -21.23
N PRO B 231 -9.02 21.01 -22.11
CA PRO B 231 -8.08 19.91 -21.84
C PRO B 231 -7.26 20.10 -20.58
N GLU B 232 -6.87 21.34 -20.28
CA GLU B 232 -6.04 21.60 -19.11
C GLU B 232 -6.75 21.18 -17.83
N ASP B 233 -8.08 21.28 -17.80
CA ASP B 233 -8.80 20.88 -16.60
C ASP B 233 -8.73 19.37 -16.39
N LEU B 234 -8.76 18.60 -17.47
CA LEU B 234 -8.68 17.15 -17.36
C LEU B 234 -7.34 16.69 -16.81
N ILE B 235 -6.29 17.50 -16.97
CA ILE B 235 -4.99 17.11 -16.44
C ILE B 235 -5.06 17.05 -14.92
N LYS B 236 -5.72 18.04 -14.31
CA LYS B 236 -5.87 18.04 -12.86
C LYS B 236 -6.70 16.85 -12.40
N PHE B 237 -7.59 16.34 -13.25
CA PHE B 237 -8.39 15.18 -12.88
C PHE B 237 -7.55 13.92 -12.81
N GLY B 238 -6.49 13.85 -13.62
CA GLY B 238 -5.60 12.70 -13.62
C GLY B 238 -5.14 12.24 -14.99
N LEU B 239 -5.86 12.61 -16.04
CA LEU B 239 -5.48 12.18 -17.37
C LEU B 239 -4.18 12.84 -17.82
N ILE B 240 -3.39 12.10 -18.59
CA ILE B 240 -2.11 12.57 -19.10
C ILE B 240 -2.41 13.44 -20.33
N PRO B 241 -1.68 14.53 -20.56
CA PRO B 241 -1.98 15.35 -21.76
C PRO B 241 -1.78 14.61 -23.07
N GLU B 242 -0.83 13.67 -23.12
CA GLU B 242 -0.58 12.92 -24.34
C GLU B 242 -1.83 12.14 -24.76
N PHE B 243 -2.50 11.51 -23.81
CA PHE B 243 -3.70 10.77 -24.14
C PHE B 243 -4.80 11.71 -24.59
N ILE B 244 -4.90 12.88 -23.97
CA ILE B 244 -5.93 13.84 -24.36
C ILE B 244 -5.58 14.44 -25.71
N GLY B 245 -4.29 14.58 -26.01
CA GLY B 245 -3.91 15.12 -27.31
C GLY B 245 -4.37 14.27 -28.47
N ARG B 246 -4.45 12.96 -28.25
CA ARG B 246 -4.92 12.04 -29.27
C ARG B 246 -6.42 12.15 -29.52
N LEU B 247 -7.16 12.83 -28.63
CA LEU B 247 -8.61 12.99 -28.73
C LEU B 247 -8.89 14.49 -28.76
N PRO B 248 -8.78 15.14 -29.93
CA PRO B 248 -9.05 16.57 -29.96
C PRO B 248 -10.50 16.91 -29.77
N VAL B 249 -11.41 16.15 -30.40
CA VAL B 249 -12.83 16.46 -30.32
C VAL B 249 -13.35 16.16 -28.93
N VAL B 250 -14.31 16.96 -28.49
CA VAL B 250 -14.95 16.83 -27.19
C VAL B 250 -16.42 17.18 -27.34
N ALA B 251 -17.28 16.38 -26.71
CA ALA B 251 -18.72 16.59 -26.76
C ALA B 251 -19.27 16.67 -25.34
N THR B 252 -20.04 17.72 -25.07
CA THR B 252 -20.66 17.94 -23.77
C THR B 252 -22.15 17.65 -23.89
N LEU B 253 -22.69 16.94 -22.91
CA LEU B 253 -24.09 16.53 -22.88
C LEU B 253 -24.82 17.13 -21.70
N ASN B 254 -25.99 17.72 -21.97
CA ASN B 254 -26.83 18.23 -20.91
C ASN B 254 -27.46 17.04 -20.22
N GLU B 255 -27.51 17.08 -18.88
CA GLU B 255 -28.03 15.93 -18.12
C GLU B 255 -29.44 15.57 -18.54
N LEU B 256 -30.39 16.47 -18.37
CA LEU B 256 -31.78 16.20 -18.69
C LEU B 256 -32.57 17.48 -18.63
N SER B 257 -33.55 17.60 -19.52
CA SER B 257 -34.45 18.73 -19.58
C SER B 257 -35.86 18.22 -19.29
N GLU B 258 -36.54 18.86 -18.34
CA GLU B 258 -37.90 18.51 -17.94
C GLU B 258 -38.80 18.22 -19.14
N GLU B 259 -38.68 19.03 -20.19
CA GLU B 259 -39.48 18.80 -21.39
C GLU B 259 -38.94 17.63 -22.20
N ALA B 260 -37.62 17.40 -22.17
CA ALA B 260 -37.04 16.28 -22.90
C ALA B 260 -37.53 14.95 -22.36
N LEU B 261 -37.68 14.85 -21.04
CA LEU B 261 -38.13 13.62 -20.41
C LEU B 261 -39.50 13.21 -20.91
N ILE B 262 -40.38 14.20 -21.13
CA ILE B 262 -41.73 13.89 -21.59
C ILE B 262 -41.67 13.24 -22.97
N GLN B 263 -40.78 13.72 -23.82
CA GLN B 263 -40.61 13.14 -25.15
C GLN B 263 -40.03 11.74 -25.08
N ILE B 264 -39.16 11.47 -24.11
CA ILE B 264 -38.50 10.17 -24.01
C ILE B 264 -39.50 9.06 -23.71
N LEU B 265 -40.62 9.39 -23.05
CA LEU B 265 -41.60 8.36 -22.73
C LEU B 265 -42.56 8.05 -23.86
N LYS B 266 -42.63 8.91 -24.89
CA LYS B 266 -43.56 8.73 -26.00
C LYS B 266 -42.90 8.53 -27.34
N GLU B 267 -41.97 9.40 -27.73
CA GLU B 267 -41.39 9.30 -29.07
C GLU B 267 -40.50 8.09 -29.27
N PRO B 268 -39.51 7.83 -28.42
CA PRO B 268 -38.65 6.64 -28.65
C PRO B 268 -39.44 5.34 -28.66
N LYS B 269 -38.95 4.39 -29.45
CA LYS B 269 -39.59 3.09 -29.56
C LYS B 269 -39.34 2.22 -28.34
N ASN B 270 -38.16 2.37 -27.72
CA ASN B 270 -37.79 1.59 -26.54
C ASN B 270 -38.16 2.29 -25.24
N ALA B 271 -39.12 3.21 -25.27
CA ALA B 271 -39.51 3.91 -24.07
C ALA B 271 -40.11 2.94 -23.05
N LEU B 272 -39.99 3.30 -21.77
CA LEU B 272 -40.53 2.47 -20.71
C LEU B 272 -42.03 2.31 -20.84
N THR B 273 -42.72 3.37 -21.25
CA THR B 273 -44.17 3.28 -21.43
C THR B 273 -44.53 2.23 -22.46
N LYS B 274 -43.80 2.21 -23.57
CA LYS B 274 -44.06 1.19 -24.59
C LYS B 274 -43.62 -0.19 -24.09
N GLN B 275 -42.60 -0.24 -23.23
CA GLN B 275 -42.17 -1.51 -22.69
C GLN B 275 -43.25 -2.10 -21.80
N TYR B 276 -43.74 -1.31 -20.85
CA TYR B 276 -44.78 -1.78 -19.96
C TYR B 276 -46.09 -1.99 -20.70
N GLN B 277 -46.35 -1.17 -21.72
CA GLN B 277 -47.57 -1.36 -22.50
C GLN B 277 -47.57 -2.72 -23.18
N ALA B 278 -46.42 -3.12 -23.72
CA ALA B 278 -46.32 -4.43 -24.35
C ALA B 278 -46.30 -5.53 -23.29
N LEU B 279 -45.80 -5.22 -22.10
CA LEU B 279 -45.76 -6.19 -21.03
C LEU B 279 -47.17 -6.61 -20.64
N PHE B 280 -48.11 -5.67 -20.67
CA PHE B 280 -49.49 -5.95 -20.31
C PHE B 280 -50.33 -6.37 -21.51
N ASN B 281 -49.85 -6.11 -22.74
CA ASN B 281 -50.58 -6.51 -23.93
C ASN B 281 -50.76 -8.03 -23.97
N LEU B 282 -49.71 -8.77 -23.65
CA LEU B 282 -49.80 -10.23 -23.66
C LEU B 282 -50.74 -10.71 -22.57
N GLU B 283 -50.89 -9.93 -21.50
CA GLU B 283 -51.81 -10.26 -20.42
C GLU B 283 -53.24 -9.85 -20.72
N GLY B 284 -53.50 -9.29 -21.91
CA GLY B 284 -54.83 -8.86 -22.28
C GLY B 284 -55.33 -7.64 -21.56
N VAL B 285 -54.43 -6.75 -21.13
CA VAL B 285 -54.79 -5.52 -20.44
C VAL B 285 -54.04 -4.37 -21.10
N ASP B 286 -54.72 -3.25 -21.27
CA ASP B 286 -54.16 -2.06 -21.87
C ASP B 286 -53.69 -1.09 -20.79
N LEU B 287 -52.81 -0.17 -21.19
CA LEU B 287 -52.25 0.84 -20.30
C LEU B 287 -52.36 2.21 -20.93
N GLU B 288 -52.60 3.22 -20.10
CA GLU B 288 -52.67 4.60 -20.53
C GLU B 288 -51.94 5.47 -19.52
N PHE B 289 -51.33 6.54 -20.02
CA PHE B 289 -50.60 7.48 -19.18
C PHE B 289 -51.04 8.89 -19.55
N ARG B 290 -51.66 9.58 -18.59
CA ARG B 290 -52.09 10.95 -18.83
C ARG B 290 -50.88 11.88 -18.83
N ASP B 291 -51.00 12.99 -19.55
CA ASP B 291 -49.91 13.95 -19.61
C ASP B 291 -49.64 14.57 -18.26
N GLU B 292 -50.68 14.71 -17.44
CA GLU B 292 -50.51 15.28 -16.10
C GLU B 292 -49.61 14.41 -15.24
N ALA B 293 -49.57 13.11 -15.50
CA ALA B 293 -48.75 12.19 -14.72
C ALA B 293 -47.28 12.27 -15.11
N LEU B 294 -47.00 12.55 -16.38
CA LEU B 294 -45.62 12.59 -16.83
C LEU B 294 -44.90 13.83 -16.32
N ASP B 295 -45.63 14.93 -16.14
CA ASP B 295 -45.01 16.14 -15.62
C ASP B 295 -44.54 15.92 -14.18
N ALA B 296 -45.33 15.21 -13.39
CA ALA B 296 -44.96 14.93 -12.01
C ALA B 296 -43.80 13.97 -11.92
N ILE B 297 -43.73 13.00 -12.84
CA ILE B 297 -42.64 12.03 -12.82
C ILE B 297 -41.32 12.71 -13.08
N ALA B 298 -41.32 13.74 -13.92
CA ALA B 298 -40.08 14.45 -14.21
C ALA B 298 -39.53 15.12 -12.97
N LYS B 299 -40.40 15.75 -12.17
CA LYS B 299 -39.94 16.40 -10.95
C LYS B 299 -39.36 15.40 -9.97
N LYS B 300 -39.97 14.21 -9.88
CA LYS B 300 -39.46 13.19 -8.98
C LYS B 300 -38.17 12.58 -9.49
N ALA B 301 -38.04 12.46 -10.80
CA ALA B 301 -36.84 11.86 -11.38
C ALA B 301 -35.63 12.76 -11.19
N MET B 302 -35.79 14.06 -11.46
CA MET B 302 -34.67 14.99 -11.31
C MET B 302 -34.20 15.06 -9.86
N ALA B 303 -35.10 14.85 -8.90
CA ALA B 303 -34.72 14.90 -7.50
C ALA B 303 -33.76 13.78 -7.14
N ARG B 304 -33.80 12.66 -7.87
CA ARG B 304 -32.93 11.53 -7.58
C ARG B 304 -31.53 11.69 -8.13
N LYS B 305 -31.31 12.64 -9.03
CA LYS B 305 -30.01 12.90 -9.64
C LYS B 305 -29.36 11.60 -10.15
N THR B 306 -30.12 10.92 -11.01
CA THR B 306 -29.68 9.66 -11.60
C THR B 306 -29.92 9.58 -13.09
N GLY B 307 -30.51 10.61 -13.69
CA GLY B 307 -30.76 10.58 -15.12
C GLY B 307 -31.96 9.73 -15.47
N ALA B 308 -32.03 9.37 -16.75
CA ALA B 308 -33.13 8.57 -17.25
C ALA B 308 -33.15 7.19 -16.63
N ARG B 309 -31.98 6.66 -16.25
CA ARG B 309 -31.93 5.34 -15.67
C ARG B 309 -32.67 5.27 -14.33
N GLY B 310 -32.78 6.40 -13.64
CA GLY B 310 -33.48 6.45 -12.37
C GLY B 310 -34.97 6.66 -12.49
N LEU B 311 -35.52 6.54 -13.70
CA LEU B 311 -36.93 6.75 -13.92
C LEU B 311 -37.77 5.53 -13.55
N ARG B 312 -37.23 4.32 -13.74
CA ARG B 312 -38.00 3.11 -13.45
C ARG B 312 -38.38 3.03 -11.97
N SER B 313 -37.57 3.60 -11.09
CA SER B 313 -37.89 3.57 -9.67
C SER B 313 -39.22 4.24 -9.38
N ILE B 314 -39.51 5.32 -10.09
CA ILE B 314 -40.75 6.06 -9.87
C ILE B 314 -41.94 5.29 -10.41
N VAL B 315 -41.78 4.64 -11.55
CA VAL B 315 -42.89 3.91 -12.16
C VAL B 315 -43.19 2.65 -11.38
N GLU B 316 -42.18 1.81 -11.16
CA GLU B 316 -42.38 0.56 -10.45
C GLU B 316 -42.89 0.78 -9.04
N ALA B 317 -42.52 1.90 -8.41
CA ALA B 317 -42.99 2.16 -7.06
C ALA B 317 -44.50 2.33 -7.01
N ALA B 318 -45.09 2.85 -8.10
CA ALA B 318 -46.53 3.05 -8.14
C ALA B 318 -47.26 1.75 -8.49
N LEU B 319 -46.94 1.18 -9.64
CA LEU B 319 -47.58 -0.04 -10.16
C LEU B 319 -47.28 -1.29 -9.33
N LEU B 320 -46.43 -1.21 -8.31
CA LEU B 320 -46.10 -2.37 -7.49
C LEU B 320 -47.35 -3.06 -6.96
N ASP B 321 -48.18 -2.33 -6.22
CA ASP B 321 -49.42 -2.89 -5.68
C ASP B 321 -50.30 -3.46 -6.79
N THR B 322 -50.37 -2.76 -7.92
CA THR B 322 -51.19 -3.22 -9.04
C THR B 322 -50.68 -4.55 -9.58
N MET B 323 -49.40 -4.61 -9.93
CA MET B 323 -48.82 -5.84 -10.49
C MET B 323 -48.92 -7.02 -9.53
N TYR B 324 -49.03 -6.78 -8.23
CA TYR B 324 -49.14 -7.88 -7.28
C TYR B 324 -50.54 -8.44 -7.26
N ASP B 325 -51.56 -7.59 -7.42
CA ASP B 325 -52.95 -8.00 -7.41
C ASP B 325 -53.58 -8.07 -8.80
N LEU B 326 -52.83 -7.73 -9.85
CA LEU B 326 -53.40 -7.79 -11.20
C LEU B 326 -53.60 -9.22 -11.69
N PRO B 327 -52.64 -10.14 -11.57
CA PRO B 327 -52.90 -11.50 -12.08
C PRO B 327 -54.03 -12.19 -11.34
N SER B 328 -54.12 -11.97 -10.03
CA SER B 328 -55.20 -12.56 -9.25
C SER B 328 -56.55 -12.03 -9.72
N MET B 329 -56.60 -10.75 -10.06
CA MET B 329 -57.83 -10.14 -10.52
C MET B 329 -58.24 -10.71 -11.88
N GLU B 330 -59.55 -10.75 -12.11
CA GLU B 330 -60.13 -11.27 -13.34
C GLU B 330 -61.07 -10.24 -13.94
N ASP B 331 -61.32 -10.41 -15.24
CA ASP B 331 -62.20 -9.52 -16.00
C ASP B 331 -61.73 -8.06 -15.94
N VAL B 332 -60.42 -7.87 -16.06
CA VAL B 332 -59.78 -6.56 -16.06
C VAL B 332 -59.25 -6.33 -17.47
N GLU B 333 -59.80 -5.32 -18.16
CA GLU B 333 -59.42 -5.03 -19.53
C GLU B 333 -58.60 -3.77 -19.74
N LYS B 334 -58.54 -2.86 -18.77
CA LYS B 334 -57.78 -1.64 -18.99
C LYS B 334 -57.40 -1.00 -17.65
N VAL B 335 -56.24 -0.35 -17.64
CA VAL B 335 -55.70 0.33 -16.48
C VAL B 335 -55.36 1.76 -16.86
N VAL B 336 -55.73 2.70 -15.99
CA VAL B 336 -55.48 4.13 -16.19
C VAL B 336 -54.70 4.64 -15.00
N ILE B 337 -53.63 5.39 -15.27
CA ILE B 337 -52.74 5.95 -14.26
C ILE B 337 -52.93 7.46 -14.24
N ASP B 338 -53.32 7.99 -13.09
CA ASP B 338 -53.50 9.42 -12.90
C ASP B 338 -52.28 10.02 -12.21
N GLU B 339 -52.27 11.35 -12.12
CA GLU B 339 -51.17 12.04 -11.46
C GLU B 339 -51.11 11.74 -9.97
N SER B 340 -52.28 11.62 -9.33
CA SER B 340 -52.33 11.35 -7.90
C SER B 340 -51.72 9.99 -7.57
N VAL B 341 -51.85 9.02 -8.47
CA VAL B 341 -51.31 7.68 -8.23
C VAL B 341 -49.80 7.74 -8.00
N ILE B 342 -49.11 8.62 -8.71
CA ILE B 342 -47.67 8.73 -8.57
C ILE B 342 -47.31 9.21 -7.18
N ASP B 343 -48.03 10.19 -6.66
CA ASP B 343 -47.73 10.70 -5.33
C ASP B 343 -48.02 9.65 -4.26
N GLY B 344 -48.95 8.73 -4.53
CA GLY B 344 -49.33 7.70 -3.61
C GLY B 344 -50.61 7.97 -2.85
N GLN B 345 -51.20 9.16 -3.01
CA GLN B 345 -52.42 9.50 -2.32
C GLN B 345 -53.59 8.65 -2.80
N SER B 346 -53.65 8.40 -4.10
CA SER B 346 -54.73 7.64 -4.73
C SER B 346 -54.23 6.28 -5.18
N GLU B 347 -55.16 5.49 -5.72
CA GLU B 347 -54.94 4.15 -6.23
C GLU B 347 -55.24 4.13 -7.73
N PRO B 348 -54.44 3.44 -8.54
CA PRO B 348 -54.72 3.42 -9.99
C PRO B 348 -56.08 2.83 -10.31
N LEU B 349 -56.77 3.49 -11.24
CA LEU B 349 -58.10 3.06 -11.64
C LEU B 349 -58.03 1.85 -12.57
N LEU B 350 -59.08 1.04 -12.53
CA LEU B 350 -59.21 -0.15 -13.34
C LEU B 350 -60.55 -0.13 -14.05
N ILE B 351 -60.61 -0.79 -15.20
CA ILE B 351 -61.82 -0.89 -16.01
C ILE B 351 -62.05 -2.36 -16.29
N TYR B 352 -63.24 -2.85 -15.95
CA TYR B 352 -63.61 -4.24 -16.15
C TYR B 352 -64.43 -4.38 -17.44
N GLY B 353 -64.59 -5.63 -17.87
CA GLY B 353 -65.34 -5.92 -19.07
C GLY B 353 -65.85 -7.35 -19.12
N LEU C 3 -45.57 -18.23 -14.82
CA LEU C 3 -46.76 -18.99 -14.44
C LEU C 3 -47.16 -18.87 -12.96
N PRO C 4 -46.22 -18.95 -12.01
CA PRO C 4 -46.61 -18.81 -10.61
C PRO C 4 -47.16 -17.43 -10.33
N THR C 5 -48.12 -17.36 -9.41
CA THR C 5 -48.78 -16.11 -9.08
C THR C 5 -48.13 -15.44 -7.87
N PRO C 6 -48.15 -14.09 -7.82
CA PRO C 6 -47.60 -13.40 -6.64
C PRO C 6 -48.18 -13.86 -5.32
N HIS C 7 -49.47 -14.19 -5.30
CA HIS C 7 -50.09 -14.65 -4.07
C HIS C 7 -49.58 -16.04 -3.70
N GLU C 8 -49.40 -16.91 -4.70
CA GLU C 8 -48.92 -18.25 -4.42
C GLU C 8 -47.46 -18.25 -3.98
N ILE C 9 -46.62 -17.46 -4.65
CA ILE C 9 -45.22 -17.39 -4.27
C ILE C 9 -45.07 -16.71 -2.91
N ARG C 10 -45.90 -15.71 -2.64
CA ARG C 10 -45.82 -15.02 -1.37
C ARG C 10 -46.31 -15.91 -0.25
N ASN C 11 -47.33 -16.74 -0.54
CA ASN C 11 -47.83 -17.66 0.48
C ASN C 11 -46.75 -18.60 0.96
N HIS C 12 -45.87 -19.04 0.04
CA HIS C 12 -44.79 -19.93 0.43
C HIS C 12 -43.77 -19.20 1.29
N LEU C 13 -43.44 -17.97 0.93
CA LEU C 13 -42.48 -17.20 1.72
C LEU C 13 -43.04 -16.84 3.08
N ASP C 14 -44.36 -16.67 3.19
CA ASP C 14 -44.97 -16.33 4.47
C ASP C 14 -44.72 -17.42 5.50
N ASP C 15 -44.57 -18.67 5.05
CA ASP C 15 -44.31 -19.76 5.97
C ASP C 15 -42.95 -19.61 6.65
N TYR C 16 -41.98 -19.04 5.94
CA TYR C 16 -40.62 -18.88 6.45
C TYR C 16 -40.26 -17.48 6.88
N VAL C 17 -41.03 -16.47 6.50
CA VAL C 17 -40.74 -15.08 6.83
C VAL C 17 -42.01 -14.41 7.38
N ILE C 18 -41.82 -13.57 8.39
CA ILE C 18 -42.93 -12.87 9.05
C ILE C 18 -42.59 -11.39 9.21
N GLY C 19 -43.59 -10.54 9.00
CA GLY C 19 -43.47 -9.11 9.19
C GLY C 19 -42.68 -8.35 8.17
N GLN C 20 -42.58 -8.83 6.93
CA GLN C 20 -41.85 -8.19 5.85
C GLN C 20 -42.75 -8.11 4.61
N GLU C 21 -44.00 -7.70 4.85
CA GLU C 21 -45.01 -7.63 3.79
C GLU C 21 -44.57 -6.81 2.58
N GLN C 22 -43.90 -5.68 2.81
CA GLN C 22 -43.50 -4.84 1.68
C GLN C 22 -42.40 -5.49 0.86
N ALA C 23 -41.41 -6.08 1.52
CA ALA C 23 -40.31 -6.72 0.80
C ALA C 23 -40.81 -7.86 -0.07
N LYS C 24 -41.70 -8.70 0.47
CA LYS C 24 -42.23 -9.84 -0.28
C LYS C 24 -42.87 -9.41 -1.59
N LYS C 25 -43.58 -8.28 -1.58
CA LYS C 25 -44.23 -7.80 -2.80
C LYS C 25 -43.21 -7.49 -3.88
N VAL C 26 -42.10 -6.84 -3.50
CA VAL C 26 -41.08 -6.47 -4.48
C VAL C 26 -40.50 -7.69 -5.16
N LEU C 27 -40.14 -8.71 -4.38
CA LEU C 27 -39.54 -9.91 -4.96
C LEU C 27 -40.53 -10.67 -5.82
N ALA C 28 -41.78 -10.78 -5.35
CA ALA C 28 -42.78 -11.52 -6.11
C ALA C 28 -42.99 -10.94 -7.50
N VAL C 29 -43.05 -9.61 -7.59
CA VAL C 29 -43.23 -8.97 -8.89
C VAL C 29 -42.03 -9.26 -9.79
N ALA C 30 -40.82 -9.16 -9.23
CA ALA C 30 -39.63 -9.42 -10.01
C ALA C 30 -39.62 -10.85 -10.54
N VAL C 31 -39.96 -11.81 -9.69
CA VAL C 31 -40.00 -13.21 -10.11
C VAL C 31 -41.01 -13.39 -11.23
N TYR C 32 -42.19 -12.81 -11.05
CA TYR C 32 -43.23 -12.91 -12.07
C TYR C 32 -42.79 -12.19 -13.33
N ASN C 33 -42.21 -11.00 -13.19
CA ASN C 33 -41.73 -10.25 -14.33
C ASN C 33 -40.62 -11.01 -15.06
N HIS C 34 -39.71 -11.63 -14.29
CA HIS C 34 -38.61 -12.36 -14.90
C HIS C 34 -39.12 -13.51 -15.76
N TYR C 35 -40.08 -14.28 -15.23
CA TYR C 35 -40.67 -15.35 -16.02
C TYR C 35 -41.38 -14.78 -17.24
N LYS C 36 -42.10 -13.68 -17.04
CA LYS C 36 -42.85 -13.05 -18.12
C LYS C 36 -41.91 -12.53 -19.21
N ARG C 37 -40.80 -11.92 -18.81
CA ARG C 37 -39.84 -11.39 -19.78
C ARG C 37 -39.26 -12.49 -20.65
N LEU C 38 -38.81 -13.57 -20.04
CA LEU C 38 -38.18 -14.66 -20.77
C LEU C 38 -39.18 -15.54 -21.50
N ARG C 39 -40.27 -15.93 -20.83
CA ARG C 39 -41.25 -16.83 -21.43
C ARG C 39 -41.77 -16.34 -22.77
N ASN C 40 -42.00 -15.03 -22.90
CA ASN C 40 -42.46 -14.51 -24.17
C ASN C 40 -41.29 -14.45 -25.16
N GLY C 41 -41.61 -14.70 -26.43
CA GLY C 41 -40.59 -14.66 -27.46
C GLY C 41 -39.86 -13.34 -27.56
N ASP C 42 -40.50 -12.26 -27.14
CA ASP C 42 -40.04 -10.86 -27.15
C ASP C 42 -40.12 -10.26 -28.55
N THR C 43 -40.61 -11.00 -29.54
CA THR C 43 -40.76 -10.47 -30.89
C THR C 43 -42.11 -9.74 -30.99
N SER C 44 -42.14 -8.58 -30.35
CA SER C 44 -43.33 -7.73 -30.28
C SER C 44 -42.92 -6.31 -30.65
N ASN C 45 -43.93 -5.44 -30.76
CA ASN C 45 -43.67 -4.03 -31.08
C ASN C 45 -42.68 -3.44 -30.09
N GLY C 46 -42.91 -3.68 -28.79
CA GLY C 46 -41.96 -3.25 -27.78
C GLY C 46 -40.83 -4.26 -27.76
N VAL C 47 -39.60 -3.78 -27.73
CA VAL C 47 -38.42 -4.64 -27.74
C VAL C 47 -37.46 -4.19 -26.65
N GLU C 48 -36.52 -5.08 -26.34
CA GLU C 48 -35.51 -4.86 -25.30
C GLU C 48 -36.15 -4.38 -24.00
N LEU C 49 -37.06 -5.22 -23.49
CA LEU C 49 -37.77 -4.89 -22.26
C LEU C 49 -36.78 -4.66 -21.12
N GLY C 50 -37.07 -3.65 -20.31
CA GLY C 50 -36.20 -3.33 -19.20
C GLY C 50 -36.33 -4.34 -18.08
N LYS C 51 -35.24 -4.47 -17.32
CA LYS C 51 -35.16 -5.35 -16.17
C LYS C 51 -34.96 -4.48 -14.95
N SER C 52 -35.87 -4.59 -13.99
CA SER C 52 -35.80 -3.80 -12.77
C SER C 52 -35.09 -4.62 -11.71
N ASN C 53 -33.87 -4.21 -11.35
CA ASN C 53 -33.13 -4.91 -10.32
C ASN C 53 -33.71 -4.53 -8.96
N ILE C 54 -33.27 -5.24 -7.93
CA ILE C 54 -33.77 -5.04 -6.57
C ILE C 54 -32.63 -4.76 -5.61
N LEU C 55 -32.85 -3.78 -4.74
CA LEU C 55 -31.91 -3.41 -3.69
C LEU C 55 -32.64 -3.58 -2.37
N LEU C 56 -32.17 -4.50 -1.53
CA LEU C 56 -32.79 -4.77 -0.24
C LEU C 56 -32.03 -4.06 0.87
N ILE C 57 -32.77 -3.34 1.71
CA ILE C 57 -32.23 -2.61 2.84
C ILE C 57 -33.07 -2.95 4.06
N GLY C 58 -32.40 -3.17 5.18
CA GLY C 58 -33.08 -3.48 6.41
C GLY C 58 -32.11 -3.66 7.55
N PRO C 59 -32.60 -3.62 8.79
CA PRO C 59 -31.69 -3.81 9.92
C PRO C 59 -31.06 -5.19 9.92
N THR C 60 -30.10 -5.35 10.81
CA THR C 60 -29.38 -6.60 10.94
C THR C 60 -30.31 -7.73 11.38
N GLY C 61 -30.12 -8.91 10.80
CA GLY C 61 -30.91 -10.07 11.16
C GLY C 61 -32.39 -9.94 10.91
N SER C 62 -32.79 -9.11 9.95
CA SER C 62 -34.19 -8.97 9.63
C SER C 62 -34.71 -10.07 8.71
N GLY C 63 -33.81 -10.85 8.13
CA GLY C 63 -34.17 -11.95 7.25
C GLY C 63 -33.84 -11.75 5.79
N LYS C 64 -32.85 -10.91 5.45
CA LYS C 64 -32.47 -10.73 4.06
C LYS C 64 -31.87 -12.00 3.50
N THR C 65 -30.85 -12.53 4.17
CA THR C 65 -30.19 -13.74 3.71
C THR C 65 -31.12 -14.93 3.72
N LEU C 66 -32.11 -14.93 4.62
CA LEU C 66 -33.06 -16.03 4.69
C LEU C 66 -33.92 -16.09 3.44
N LEU C 67 -34.28 -14.94 2.89
CA LEU C 67 -35.13 -14.92 1.71
C LEU C 67 -34.44 -15.54 0.51
N ALA C 68 -33.13 -15.27 0.35
CA ALA C 68 -32.40 -15.82 -0.78
C ALA C 68 -32.37 -17.35 -0.72
N GLU C 69 -32.26 -17.91 0.48
CA GLU C 69 -32.23 -19.36 0.61
C GLU C 69 -33.58 -19.97 0.32
N THR C 70 -34.65 -19.41 0.90
CA THR C 70 -35.97 -19.96 0.67
C THR C 70 -36.44 -19.74 -0.76
N LEU C 71 -36.02 -18.63 -1.37
CA LEU C 71 -36.42 -18.36 -2.75
C LEU C 71 -35.86 -19.41 -3.70
N ALA C 72 -34.61 -19.83 -3.49
CA ALA C 72 -33.99 -20.82 -4.36
C ALA C 72 -34.71 -22.16 -4.30
N ARG C 73 -35.31 -22.49 -3.16
CA ARG C 73 -36.02 -23.75 -3.03
C ARG C 73 -37.22 -23.81 -3.96
N LEU C 74 -38.04 -22.76 -3.94
CA LEU C 74 -39.23 -22.71 -4.80
C LEU C 74 -38.90 -22.32 -6.22
N LEU C 75 -37.78 -21.62 -6.44
CA LEU C 75 -37.42 -21.19 -7.78
C LEU C 75 -36.91 -22.35 -8.61
N ASP C 76 -37.42 -22.46 -9.84
CA ASP C 76 -37.02 -23.51 -10.77
C ASP C 76 -35.75 -23.14 -11.54
N VAL C 77 -35.67 -21.90 -12.00
CA VAL C 77 -34.51 -21.40 -12.74
C VAL C 77 -33.30 -21.42 -11.82
N PRO C 78 -32.07 -21.42 -12.34
CA PRO C 78 -30.91 -21.48 -11.47
C PRO C 78 -30.77 -20.26 -10.57
N PHE C 79 -30.21 -20.50 -9.39
CA PHE C 79 -30.00 -19.48 -8.38
C PHE C 79 -28.64 -19.70 -7.75
N THR C 80 -27.99 -18.60 -7.36
CA THR C 80 -26.68 -18.64 -6.74
C THR C 80 -26.65 -17.63 -5.60
N MET C 81 -25.80 -17.92 -4.62
CA MET C 81 -25.63 -17.08 -3.43
C MET C 81 -24.16 -16.74 -3.30
N ALA C 82 -23.75 -15.64 -3.93
CA ALA C 82 -22.39 -15.16 -3.90
C ALA C 82 -22.23 -14.11 -2.82
N ASP C 83 -21.02 -13.56 -2.70
CA ASP C 83 -20.71 -12.55 -1.70
C ASP C 83 -19.77 -11.51 -2.28
N ALA C 84 -19.99 -10.25 -1.90
CA ALA C 84 -19.19 -9.14 -2.37
C ALA C 84 -17.94 -8.87 -1.55
N THR C 85 -17.66 -9.70 -0.54
CA THR C 85 -16.49 -9.48 0.30
C THR C 85 -15.19 -9.88 -0.40
N THR C 86 -15.23 -11.00 -1.11
CA THR C 86 -14.05 -11.55 -1.77
C THR C 86 -13.78 -10.96 -3.15
N LEU C 87 -14.70 -10.19 -3.72
CA LEU C 87 -14.50 -9.67 -5.06
C LEU C 87 -13.44 -8.57 -5.08
N THR C 88 -12.55 -8.67 -6.07
CA THR C 88 -11.47 -7.71 -6.29
C THR C 88 -11.45 -7.36 -7.77
N GLU C 89 -11.25 -6.07 -8.06
CA GLU C 89 -11.23 -5.61 -9.43
C GLU C 89 -9.87 -5.79 -10.10
N ALA C 90 -9.90 -5.75 -11.43
CA ALA C 90 -8.71 -5.81 -12.27
C ALA C 90 -7.98 -7.14 -12.16
N GLY C 91 -8.71 -8.22 -11.94
CA GLY C 91 -8.07 -9.53 -11.91
C GLY C 91 -7.01 -9.71 -10.85
N TYR C 92 -7.25 -9.22 -9.64
CA TYR C 92 -6.26 -9.34 -8.58
C TYR C 92 -6.27 -10.78 -8.04
N VAL C 93 -5.47 -11.02 -7.01
CA VAL C 93 -5.35 -12.37 -6.44
C VAL C 93 -6.60 -12.76 -5.65
N GLY C 94 -7.35 -11.80 -5.14
CA GLY C 94 -8.50 -12.13 -4.33
C GLY C 94 -9.58 -12.93 -5.04
N GLU C 95 -10.23 -12.31 -6.04
CA GLU C 95 -11.30 -12.95 -6.79
C GLU C 95 -11.68 -12.03 -7.93
N ASP C 96 -12.35 -12.60 -8.93
CA ASP C 96 -12.81 -11.87 -10.10
C ASP C 96 -14.32 -11.84 -10.13
N VAL C 97 -14.85 -10.92 -10.94
CA VAL C 97 -16.29 -10.77 -11.05
C VAL C 97 -16.90 -11.93 -11.83
N GLU C 98 -16.13 -12.55 -12.72
CA GLU C 98 -16.63 -13.67 -13.50
C GLU C 98 -16.92 -14.88 -12.63
N ASN C 99 -16.32 -14.96 -11.44
CA ASN C 99 -16.54 -16.08 -10.55
C ASN C 99 -18.03 -16.24 -10.23
N ILE C 100 -18.76 -15.13 -10.16
CA ILE C 100 -20.19 -15.19 -9.90
C ILE C 100 -20.89 -15.98 -10.99
N ILE C 101 -20.48 -15.76 -12.24
CA ILE C 101 -21.08 -16.49 -13.35
C ILE C 101 -20.62 -17.94 -13.33
N GLN C 102 -19.33 -18.15 -13.06
CA GLN C 102 -18.81 -19.51 -13.01
C GLN C 102 -19.50 -20.32 -11.92
N LYS C 103 -19.83 -19.66 -10.81
CA LYS C 103 -20.53 -20.35 -9.73
C LYS C 103 -21.94 -20.72 -10.17
N LEU C 104 -22.54 -19.91 -11.04
CA LEU C 104 -23.90 -20.19 -11.51
C LEU C 104 -23.94 -21.45 -12.35
N LEU C 105 -22.92 -21.67 -13.19
CA LEU C 105 -22.93 -22.84 -14.06
C LEU C 105 -22.87 -24.13 -13.27
N GLN C 106 -22.20 -24.12 -12.10
CA GLN C 106 -22.14 -25.33 -11.29
C GLN C 106 -23.53 -25.79 -10.90
N LYS C 107 -24.40 -24.84 -10.57
CA LYS C 107 -25.78 -25.16 -10.24
C LYS C 107 -26.59 -25.46 -11.50
N SER C 108 -26.22 -24.85 -12.62
CA SER C 108 -26.91 -25.01 -13.88
C SER C 108 -26.32 -26.11 -14.77
N ASP C 109 -25.25 -26.77 -14.32
CA ASP C 109 -24.62 -27.87 -15.07
C ASP C 109 -24.04 -27.41 -16.41
N TYR C 110 -23.49 -26.19 -16.43
CA TYR C 110 -22.82 -25.64 -17.61
C TYR C 110 -23.75 -25.56 -18.83
N ASP C 111 -24.87 -24.88 -18.65
CA ASP C 111 -25.85 -24.63 -19.70
C ASP C 111 -25.92 -23.12 -19.86
N VAL C 112 -25.31 -22.62 -20.94
CA VAL C 112 -25.24 -21.18 -21.14
C VAL C 112 -26.61 -20.59 -21.40
N GLN C 113 -27.40 -21.21 -22.29
CA GLN C 113 -28.72 -20.68 -22.58
C GLN C 113 -29.62 -20.69 -21.35
N LYS C 114 -29.45 -21.70 -20.49
CA LYS C 114 -30.23 -21.78 -19.26
C LYS C 114 -29.66 -20.91 -18.15
N ALA C 115 -28.38 -20.54 -18.23
CA ALA C 115 -27.77 -19.74 -17.18
C ALA C 115 -28.11 -18.26 -17.30
N GLN C 116 -28.28 -17.75 -18.53
CA GLN C 116 -28.59 -16.35 -18.71
C GLN C 116 -29.91 -15.98 -18.06
N ARG C 117 -30.84 -16.92 -17.97
CA ARG C 117 -32.14 -16.68 -17.34
C ARG C 117 -32.11 -16.87 -15.82
N GLY C 118 -30.93 -17.07 -15.23
CA GLY C 118 -30.83 -17.29 -13.80
C GLY C 118 -30.92 -16.02 -12.98
N ILE C 119 -31.01 -16.22 -11.67
CA ILE C 119 -31.12 -15.16 -10.68
C ILE C 119 -29.88 -15.18 -9.80
N VAL C 120 -29.46 -14.00 -9.37
CA VAL C 120 -28.26 -13.83 -8.56
C VAL C 120 -28.58 -13.04 -7.30
N TYR C 121 -27.89 -13.40 -6.21
CA TYR C 121 -28.01 -12.75 -4.92
C TYR C 121 -26.61 -12.44 -4.42
N ILE C 122 -26.44 -11.24 -3.87
CA ILE C 122 -25.16 -10.77 -3.35
C ILE C 122 -25.39 -10.20 -1.96
N ASP C 123 -24.89 -10.87 -0.94
CA ASP C 123 -25.00 -10.43 0.44
C ASP C 123 -23.88 -9.46 0.79
N GLN C 124 -24.13 -8.68 1.85
CA GLN C 124 -23.17 -7.71 2.37
C GLN C 124 -22.69 -6.73 1.30
N ILE C 125 -23.64 -6.10 0.62
CA ILE C 125 -23.31 -5.14 -0.42
C ILE C 125 -22.74 -3.86 0.17
N ASP C 126 -23.07 -3.55 1.43
CA ASP C 126 -22.57 -2.32 2.05
C ASP C 126 -21.07 -2.31 2.22
N LYS C 127 -20.43 -3.48 2.27
CA LYS C 127 -19.00 -3.55 2.52
C LYS C 127 -18.17 -2.84 1.45
N ILE C 128 -18.68 -2.74 0.23
CA ILE C 128 -17.93 -2.09 -0.86
C ILE C 128 -18.24 -0.60 -0.95
N SER C 129 -18.98 -0.07 0.00
CA SER C 129 -19.32 1.36 -0.04
C SER C 129 -18.10 2.20 0.29
N ARG C 130 -17.98 3.34 -0.39
CA ARG C 130 -16.87 4.24 -0.14
C ARG C 130 -16.95 4.78 1.29
N LYS C 131 -15.79 4.86 1.93
CA LYS C 131 -15.75 5.39 3.29
C LYS C 131 -16.13 6.86 3.33
N SER C 132 -15.66 7.64 2.35
CA SER C 132 -15.91 9.07 2.28
C SER C 132 -16.68 9.42 1.00
N ASP C 133 -17.33 10.58 1.04
CA ASP C 133 -18.12 11.06 -0.09
C ASP C 133 -17.24 11.31 -1.30
N ASN C 134 -16.06 11.88 -1.10
CA ASN C 134 -15.16 12.18 -2.20
C ASN C 134 -14.47 10.93 -2.71
N PRO C 135 -14.03 10.91 -3.97
CA PRO C 135 -13.35 9.71 -4.49
C PRO C 135 -12.08 9.44 -3.70
N SER C 136 -11.81 8.16 -3.46
CA SER C 136 -10.64 7.78 -2.69
C SER C 136 -9.37 8.24 -3.37
N ILE C 137 -8.44 8.74 -2.55
CA ILE C 137 -7.16 9.22 -3.07
C ILE C 137 -6.41 8.07 -3.72
N THR C 138 -6.42 6.90 -3.08
CA THR C 138 -5.81 5.69 -3.62
C THR C 138 -6.91 4.90 -4.33
N ARG C 139 -6.51 3.83 -5.00
CA ARG C 139 -7.46 2.99 -5.73
C ARG C 139 -7.89 1.84 -4.83
N ASP C 140 -9.13 1.92 -4.33
CA ASP C 140 -9.65 0.87 -3.48
C ASP C 140 -9.90 -0.38 -4.32
N VAL C 141 -9.40 -1.52 -3.82
CA VAL C 141 -9.58 -2.79 -4.52
C VAL C 141 -10.82 -3.53 -4.07
N SER C 142 -11.47 -3.08 -3.00
CA SER C 142 -12.70 -3.72 -2.52
C SER C 142 -13.75 -2.67 -2.15
N GLY C 143 -13.64 -1.46 -2.70
CA GLY C 143 -14.58 -0.39 -2.47
C GLY C 143 -15.18 0.09 -3.77
N GLU C 144 -14.98 1.38 -4.05
CA GLU C 144 -15.46 2.02 -5.28
C GLU C 144 -15.11 1.20 -6.53
N GLY C 145 -13.91 0.63 -6.56
CA GLY C 145 -13.47 -0.12 -7.72
C GLY C 145 -14.38 -1.27 -8.09
N VAL C 146 -14.95 -1.95 -7.10
CA VAL C 146 -15.80 -3.10 -7.39
C VAL C 146 -17.11 -2.63 -8.01
N GLN C 147 -17.65 -1.52 -7.53
CA GLN C 147 -18.91 -1.01 -8.09
C GLN C 147 -18.73 -0.67 -9.56
N GLN C 148 -17.59 -0.08 -9.91
CA GLN C 148 -17.33 0.27 -11.29
C GLN C 148 -17.37 -0.94 -12.21
N ALA C 149 -16.78 -2.06 -11.77
CA ALA C 149 -16.75 -3.25 -12.61
C ALA C 149 -18.11 -3.91 -12.76
N LEU C 150 -19.04 -3.68 -11.82
CA LEU C 150 -20.36 -4.27 -11.91
C LEU C 150 -21.29 -3.50 -12.85
N LEU C 151 -21.00 -2.23 -13.10
CA LEU C 151 -21.84 -1.39 -13.96
C LEU C 151 -22.15 -2.07 -15.29
N LYS C 152 -21.12 -2.42 -16.06
CA LYS C 152 -21.33 -3.05 -17.34
C LYS C 152 -21.93 -4.44 -17.20
N LEU C 153 -21.77 -5.08 -16.05
CA LEU C 153 -22.33 -6.42 -15.86
C LEU C 153 -23.84 -6.36 -15.71
N ILE C 154 -24.32 -5.49 -14.83
CA ILE C 154 -25.76 -5.40 -14.58
C ILE C 154 -26.49 -4.86 -15.80
N GLU C 155 -25.87 -3.93 -16.53
CA GLU C 155 -26.53 -3.37 -17.70
C GLU C 155 -26.61 -4.39 -18.83
N GLY C 156 -25.57 -5.20 -18.98
CA GLY C 156 -25.49 -6.22 -20.01
C GLY C 156 -24.16 -6.16 -20.74
N THR C 157 -23.50 -7.30 -20.81
CA THR C 157 -22.20 -7.41 -21.47
C THR C 157 -21.92 -8.89 -21.67
N VAL C 158 -20.70 -9.19 -22.10
CA VAL C 158 -20.25 -10.56 -22.34
C VAL C 158 -18.98 -10.75 -21.54
N ALA C 159 -18.90 -11.84 -20.78
CA ALA C 159 -17.76 -12.13 -19.91
C ALA C 159 -17.20 -13.51 -20.16
N ALA C 160 -15.88 -13.60 -20.10
CA ALA C 160 -15.17 -14.85 -20.29
C ALA C 160 -15.43 -15.80 -19.13
N VAL C 161 -15.69 -17.06 -19.45
CA VAL C 161 -15.99 -18.08 -18.43
C VAL C 161 -15.24 -19.37 -18.75
N PRO C 162 -14.28 -19.81 -17.93
CA PRO C 162 -13.61 -21.09 -18.23
C PRO C 162 -14.57 -22.25 -18.08
N PRO C 163 -14.89 -22.99 -19.15
CA PRO C 163 -15.83 -24.11 -18.97
C PRO C 163 -15.20 -25.28 -18.25
N GLN C 164 -15.79 -25.67 -17.12
CA GLN C 164 -15.37 -26.79 -16.30
C GLN C 164 -14.03 -26.59 -15.62
N GLY C 165 -13.39 -25.43 -15.77
CA GLY C 165 -12.08 -25.18 -15.20
C GLY C 165 -10.94 -25.59 -16.11
N GLY C 166 -11.19 -26.47 -17.08
CA GLY C 166 -10.18 -26.92 -18.01
C GLY C 166 -9.36 -28.07 -17.48
N ARG C 167 -9.02 -29.01 -18.37
CA ARG C 167 -8.21 -30.16 -17.95
C ARG C 167 -6.77 -29.75 -17.71
N LYS C 168 -6.22 -28.89 -18.56
CA LYS C 168 -4.85 -28.43 -18.45
C LYS C 168 -4.74 -27.10 -19.19
N HIS C 169 -3.50 -26.61 -19.34
CA HIS C 169 -3.26 -25.38 -20.08
C HIS C 169 -3.64 -25.50 -21.54
N PRO C 170 -3.68 -26.74 -22.07
CA PRO C 170 -4.02 -27.02 -23.47
C PRO C 170 -5.17 -26.20 -24.05
N GLN C 171 -6.32 -26.17 -23.37
CA GLN C 171 -7.47 -25.45 -23.89
C GLN C 171 -7.21 -23.94 -23.91
N GLN C 172 -6.95 -23.34 -22.74
CA GLN C 172 -6.67 -21.91 -22.62
C GLN C 172 -7.74 -21.05 -23.31
N GLU C 173 -9.00 -21.45 -23.20
CA GLU C 173 -10.11 -20.74 -23.81
C GLU C 173 -11.18 -20.46 -22.77
N PHE C 174 -12.11 -19.58 -23.13
CA PHE C 174 -13.19 -19.15 -22.25
C PHE C 174 -14.49 -19.02 -23.05
N LEU C 175 -15.60 -19.22 -22.36
CA LEU C 175 -16.92 -19.11 -22.97
C LEU C 175 -17.52 -17.75 -22.66
N GLN C 176 -18.23 -17.20 -23.64
CA GLN C 176 -18.87 -15.90 -23.52
C GLN C 176 -20.33 -16.10 -23.15
N VAL C 177 -20.80 -15.36 -22.14
CA VAL C 177 -22.17 -15.44 -21.67
C VAL C 177 -22.71 -14.03 -21.51
N ASP C 178 -23.99 -13.85 -21.81
CA ASP C 178 -24.63 -12.56 -21.72
C ASP C 178 -25.21 -12.33 -20.33
N THR C 179 -25.35 -11.06 -19.98
CA THR C 179 -25.89 -10.65 -18.70
C THR C 179 -26.94 -9.56 -18.83
N SER C 180 -27.32 -9.19 -20.07
CA SER C 180 -28.33 -8.17 -20.26
C SER C 180 -29.67 -8.60 -19.68
N LYS C 181 -29.98 -9.89 -19.76
CA LYS C 181 -31.23 -10.43 -19.23
C LYS C 181 -31.14 -10.86 -17.78
N ILE C 182 -29.93 -11.08 -17.25
CA ILE C 182 -29.79 -11.56 -15.88
C ILE C 182 -30.25 -10.51 -14.89
N LEU C 183 -31.02 -10.95 -13.90
CA LEU C 183 -31.48 -10.12 -12.81
C LEU C 183 -30.45 -10.18 -11.68
N PHE C 184 -30.38 -9.12 -10.89
CA PHE C 184 -29.44 -9.02 -9.78
C PHE C 184 -30.17 -8.55 -8.54
N ILE C 185 -29.93 -9.22 -7.42
CA ILE C 185 -30.50 -8.87 -6.13
C ILE C 185 -29.32 -8.57 -5.22
N CYS C 186 -28.97 -7.30 -5.12
CA CYS C 186 -27.86 -6.84 -4.29
C CYS C 186 -28.45 -6.13 -3.09
N GLY C 187 -28.26 -6.70 -1.91
CA GLY C 187 -28.79 -6.10 -0.70
C GLY C 187 -27.97 -6.41 0.53
N GLY C 188 -27.80 -5.42 1.39
CA GLY C 188 -27.04 -5.59 2.62
C GLY C 188 -27.41 -4.53 3.63
N ALA C 189 -27.28 -4.88 4.89
CA ALA C 189 -27.61 -3.96 5.97
C ALA C 189 -26.58 -2.85 6.03
N PHE C 190 -26.99 -1.63 5.70
CA PHE C 190 -26.08 -0.50 5.74
C PHE C 190 -25.93 0.00 7.16
N ALA C 191 -24.71 0.42 7.49
CA ALA C 191 -24.37 0.93 8.82
C ALA C 191 -24.17 2.44 8.76
N GLY C 192 -24.77 3.14 9.70
CA GLY C 192 -24.65 4.58 9.74
C GLY C 192 -25.52 5.34 8.78
N LEU C 193 -26.38 4.65 8.04
CA LEU C 193 -27.24 5.34 7.08
C LEU C 193 -28.24 6.26 7.76
N ASP C 194 -28.66 5.93 8.99
CA ASP C 194 -29.62 6.76 9.70
C ASP C 194 -29.06 8.15 9.98
N LYS C 195 -27.75 8.25 10.26
CA LYS C 195 -27.17 9.55 10.57
C LYS C 195 -27.20 10.48 9.36
N VAL C 196 -26.99 9.93 8.17
CA VAL C 196 -26.99 10.75 6.97
C VAL C 196 -28.39 11.26 6.67
N ILE C 197 -29.39 10.40 6.81
CA ILE C 197 -30.76 10.80 6.50
C ILE C 197 -31.28 11.81 7.49
N SER C 198 -30.83 11.75 8.74
CA SER C 198 -31.30 12.72 9.74
C SER C 198 -30.87 14.13 9.38
N HIS C 199 -29.61 14.29 8.95
CA HIS C 199 -29.11 15.61 8.56
C HIS C 199 -29.92 16.20 7.43
N ARG C 200 -30.38 15.36 6.50
CA ARG C 200 -31.11 15.83 5.33
C ARG C 200 -32.62 15.87 5.54
N VAL C 201 -33.17 15.13 6.49
CA VAL C 201 -34.61 15.13 6.71
C VAL C 201 -35.03 16.22 7.68
N GLU C 202 -34.35 16.29 8.83
CA GLU C 202 -34.59 17.29 9.85
C GLU C 202 -33.38 18.20 9.88
N THR C 203 -33.59 19.49 9.61
CA THR C 203 -32.46 20.40 9.62
C THR C 203 -31.84 20.47 11.01
N GLY C 204 -32.66 20.77 12.02
CA GLY C 204 -32.27 20.79 13.41
C GLY C 204 -30.89 21.35 13.73
N SER C 205 -30.12 20.53 14.45
CA SER C 205 -28.75 20.79 14.86
C SER C 205 -28.52 22.22 15.33
N GLY C 206 -29.46 22.75 16.12
CA GLY C 206 -29.36 24.08 16.66
C GLY C 206 -29.41 24.03 18.18
N ILE C 207 -29.03 25.15 18.79
CA ILE C 207 -29.00 25.28 20.24
C ILE C 207 -29.93 26.38 20.74
N GLY C 208 -30.20 27.36 19.89
CA GLY C 208 -31.03 28.48 20.29
C GLY C 208 -32.49 28.12 20.51
N PHE C 209 -33.27 29.16 20.80
CA PHE C 209 -34.70 29.03 21.03
C PHE C 209 -35.43 28.58 19.77
N GLY C 210 -35.19 29.28 18.66
CA GLY C 210 -35.87 28.97 17.42
C GLY C 210 -35.62 27.56 16.93
N ALA C 211 -34.41 27.04 17.16
CA ALA C 211 -34.08 25.69 16.71
C ALA C 211 -34.90 24.67 17.47
N THR C 212 -35.28 23.60 16.77
CA THR C 212 -36.09 22.53 17.35
C THR C 212 -35.18 21.38 17.76
N VAL C 213 -34.83 21.33 19.05
CA VAL C 213 -34.05 20.23 19.57
C VAL C 213 -34.95 19.00 19.64
N LYS C 214 -34.34 17.82 19.57
CA LYS C 214 -35.12 16.59 19.65
C LYS C 214 -35.88 16.56 20.96
N ALA C 215 -37.17 16.24 20.87
CA ALA C 215 -38.03 16.24 22.05
C ALA C 215 -37.58 15.20 23.07
N LYS C 216 -37.18 14.01 22.60
CA LYS C 216 -36.76 12.92 23.47
C LYS C 216 -35.39 12.42 23.05
N SER C 217 -34.77 11.69 23.97
CA SER C 217 -33.48 11.07 23.67
C SER C 217 -33.66 10.02 22.58
N ASP C 218 -34.74 9.25 22.67
CA ASP C 218 -35.07 8.21 21.70
C ASP C 218 -36.12 8.79 20.75
N LYS C 219 -35.68 9.21 19.58
CA LYS C 219 -36.54 9.79 18.57
C LYS C 219 -35.93 9.49 17.21
N ALA C 220 -36.75 9.60 16.17
CA ALA C 220 -36.32 9.32 14.79
C ALA C 220 -35.71 7.93 14.71
N SER C 221 -36.55 6.93 15.02
CA SER C 221 -36.14 5.53 15.02
C SER C 221 -35.53 5.12 13.68
N GLU C 222 -34.63 4.14 13.76
CA GLU C 222 -33.94 3.62 12.59
C GLU C 222 -34.91 3.14 11.52
N GLY C 223 -35.98 2.46 11.91
CA GLY C 223 -36.91 1.94 10.93
C GLY C 223 -37.62 3.01 10.11
N GLU C 224 -38.01 4.10 10.77
CA GLU C 224 -38.72 5.17 10.07
C GLU C 224 -37.85 5.84 9.02
N LEU C 225 -36.56 6.03 9.33
CA LEU C 225 -35.67 6.72 8.41
C LEU C 225 -35.53 5.98 7.08
N LEU C 226 -35.45 4.65 7.13
CA LEU C 226 -35.29 3.89 5.89
C LEU C 226 -36.48 4.07 4.97
N ALA C 227 -37.67 4.23 5.54
CA ALA C 227 -38.88 4.43 4.74
C ALA C 227 -38.77 5.67 3.86
N GLN C 228 -38.06 6.69 4.33
CA GLN C 228 -37.90 7.95 3.60
C GLN C 228 -36.56 8.03 2.89
N VAL C 229 -35.98 6.89 2.55
CA VAL C 229 -34.69 6.86 1.88
C VAL C 229 -34.85 7.25 0.41
N GLU C 230 -33.80 7.85 -0.14
CA GLU C 230 -33.75 8.26 -1.53
C GLU C 230 -32.35 7.98 -2.05
N PRO C 231 -32.16 7.99 -3.37
CA PRO C 231 -30.82 7.75 -3.92
C PRO C 231 -29.79 8.79 -3.53
N GLU C 232 -30.21 10.06 -3.42
CA GLU C 232 -29.27 11.11 -3.07
C GLU C 232 -28.62 10.88 -1.72
N ASP C 233 -29.34 10.24 -0.80
CA ASP C 233 -28.77 9.97 0.51
C ASP C 233 -27.62 8.98 0.42
N LEU C 234 -27.75 7.98 -0.47
CA LEU C 234 -26.69 7.00 -0.63
C LEU C 234 -25.43 7.61 -1.23
N ILE C 235 -25.56 8.73 -1.94
CA ILE C 235 -24.37 9.36 -2.52
C ILE C 235 -23.45 9.83 -1.42
N LYS C 236 -24.02 10.45 -0.38
CA LYS C 236 -23.22 10.87 0.76
C LYS C 236 -22.68 9.66 1.51
N PHE C 237 -23.38 8.53 1.43
CA PHE C 237 -22.92 7.33 2.11
C PHE C 237 -21.67 6.76 1.46
N GLY C 238 -21.53 6.93 0.14
CA GLY C 238 -20.36 6.47 -0.57
C GLY C 238 -20.64 5.83 -1.91
N LEU C 239 -21.87 5.39 -2.13
CA LEU C 239 -22.19 4.75 -3.40
C LEU C 239 -22.18 5.75 -4.54
N ILE C 240 -21.78 5.26 -5.71
CA ILE C 240 -21.70 6.06 -6.93
C ILE C 240 -23.09 6.15 -7.54
N PRO C 241 -23.49 7.29 -8.14
CA PRO C 241 -24.81 7.33 -8.77
C PRO C 241 -24.95 6.34 -9.91
N GLU C 242 -23.84 6.05 -10.59
CA GLU C 242 -23.85 5.12 -11.71
C GLU C 242 -24.34 3.75 -11.27
N PHE C 243 -23.85 3.27 -10.12
CA PHE C 243 -24.27 1.96 -9.64
C PHE C 243 -25.72 1.98 -9.19
N ILE C 244 -26.14 3.07 -8.56
CA ILE C 244 -27.51 3.14 -8.07
C ILE C 244 -28.49 3.22 -9.24
N GLY C 245 -28.09 3.89 -10.32
CA GLY C 245 -28.95 3.96 -11.48
C GLY C 245 -29.24 2.59 -12.05
N ARG C 246 -28.27 1.67 -11.92
CA ARG C 246 -28.48 0.30 -12.39
C ARG C 246 -29.45 -0.46 -11.50
N LEU C 247 -29.74 0.06 -10.29
CA LEU C 247 -30.64 -0.56 -9.33
C LEU C 247 -31.74 0.43 -8.99
N PRO C 248 -32.78 0.54 -9.82
CA PRO C 248 -33.84 1.51 -9.53
C PRO C 248 -34.66 1.19 -8.28
N VAL C 249 -35.07 -0.07 -8.13
CA VAL C 249 -35.91 -0.43 -7.00
C VAL C 249 -35.10 -0.44 -5.71
N VAL C 250 -35.74 0.00 -4.63
CA VAL C 250 -35.12 0.02 -3.31
C VAL C 250 -36.14 -0.45 -2.29
N ALA C 251 -36.00 -1.70 -1.85
CA ALA C 251 -36.91 -2.25 -0.86
C ALA C 251 -36.54 -1.77 0.54
N THR C 252 -37.45 -1.99 1.47
CA THR C 252 -37.24 -1.62 2.87
C THR C 252 -37.83 -2.69 3.77
N LEU C 253 -37.05 -3.12 4.75
CA LEU C 253 -37.49 -4.13 5.73
C LEU C 253 -37.58 -3.46 7.09
N ASN C 254 -38.81 -3.31 7.60
CA ASN C 254 -39.01 -2.73 8.91
C ASN C 254 -38.36 -3.61 9.97
N GLU C 255 -37.91 -2.97 11.05
CA GLU C 255 -37.25 -3.72 12.10
C GLU C 255 -38.26 -4.59 12.85
N LEU C 256 -37.75 -5.66 13.45
CA LEU C 256 -38.57 -6.61 14.16
C LEU C 256 -39.29 -5.96 15.34
N SER C 257 -40.50 -6.44 15.59
CA SER C 257 -41.35 -5.99 16.68
C SER C 257 -41.60 -7.15 17.64
N GLU C 258 -41.70 -6.82 18.93
CA GLU C 258 -41.93 -7.78 20.00
C GLU C 258 -42.99 -8.83 19.67
N GLU C 259 -44.08 -8.42 19.03
CA GLU C 259 -45.12 -9.38 18.70
C GLU C 259 -44.69 -10.28 17.55
N ALA C 260 -43.83 -9.79 16.66
CA ALA C 260 -43.37 -10.59 15.54
C ALA C 260 -42.48 -11.74 16.02
N LEU C 261 -41.64 -11.49 17.01
CA LEU C 261 -40.74 -12.52 17.50
C LEU C 261 -41.50 -13.68 18.12
N ILE C 262 -42.61 -13.40 18.79
CA ILE C 262 -43.40 -14.47 19.37
C ILE C 262 -43.92 -15.37 18.27
N GLN C 263 -44.33 -14.77 17.15
CA GLN C 263 -44.80 -15.55 16.00
C GLN C 263 -43.64 -16.31 15.35
N ILE C 264 -42.44 -15.73 15.39
CA ILE C 264 -41.28 -16.37 14.78
C ILE C 264 -40.90 -17.65 15.49
N LEU C 265 -41.21 -17.76 16.78
CA LEU C 265 -40.86 -18.95 17.53
C LEU C 265 -41.88 -20.08 17.38
N LYS C 266 -43.08 -19.80 16.88
CA LYS C 266 -44.14 -20.79 16.75
C LYS C 266 -44.53 -21.09 15.31
N GLU C 267 -44.82 -20.07 14.51
CA GLU C 267 -45.29 -20.33 13.14
C GLU C 267 -44.22 -20.89 12.22
N PRO C 268 -43.03 -20.30 12.11
CA PRO C 268 -42.02 -20.86 11.21
C PRO C 268 -41.64 -22.29 11.58
N LYS C 269 -41.29 -23.05 10.54
CA LYS C 269 -40.91 -24.45 10.75
C LYS C 269 -39.51 -24.56 11.37
N ASN C 270 -38.61 -23.62 11.05
CA ASN C 270 -37.25 -23.64 11.56
C ASN C 270 -37.07 -22.80 12.81
N ALA C 271 -38.14 -22.60 13.59
CA ALA C 271 -38.03 -21.80 14.80
C ALA C 271 -37.12 -22.49 15.82
N LEU C 272 -36.55 -21.68 16.71
CA LEU C 272 -35.66 -22.22 17.73
C LEU C 272 -36.37 -23.23 18.62
N THR C 273 -37.65 -23.00 18.90
CA THR C 273 -38.41 -23.94 19.73
C THR C 273 -38.47 -25.31 19.06
N LYS C 274 -38.69 -25.34 17.76
CA LYS C 274 -38.77 -26.61 17.05
C LYS C 274 -37.41 -27.26 16.92
N GLN C 275 -36.34 -26.47 16.89
CA GLN C 275 -35.01 -27.04 16.79
C GLN C 275 -34.65 -27.83 18.05
N TYR C 276 -34.73 -27.18 19.20
CA TYR C 276 -34.42 -27.86 20.45
C TYR C 276 -35.44 -28.95 20.74
N GLN C 277 -36.69 -28.77 20.32
CA GLN C 277 -37.69 -29.80 20.54
C GLN C 277 -37.27 -31.08 19.82
N ALA C 278 -36.69 -30.94 18.64
CA ALA C 278 -36.20 -32.08 17.89
C ALA C 278 -34.89 -32.60 18.49
N LEU C 279 -34.11 -31.71 19.09
CA LEU C 279 -32.84 -32.13 19.69
C LEU C 279 -33.09 -33.07 20.87
N PHE C 280 -34.13 -32.80 21.64
CA PHE C 280 -34.48 -33.65 22.77
C PHE C 280 -35.42 -34.78 22.37
N ASN C 281 -36.07 -34.66 21.20
CA ASN C 281 -36.98 -35.70 20.76
C ASN C 281 -36.24 -37.02 20.55
N LEU C 282 -35.06 -36.97 19.95
CA LEU C 282 -34.28 -38.18 19.77
C LEU C 282 -33.80 -38.74 21.10
N GLU C 283 -33.64 -37.87 22.10
CA GLU C 283 -33.22 -38.29 23.43
C GLU C 283 -34.37 -38.83 24.26
N GLY C 284 -35.57 -38.94 23.70
CA GLY C 284 -36.70 -39.42 24.46
C GLY C 284 -37.19 -38.44 25.50
N VAL C 285 -37.01 -37.15 25.25
CA VAL C 285 -37.42 -36.10 26.17
C VAL C 285 -38.17 -35.03 25.38
N ASP C 286 -39.24 -34.53 25.98
CA ASP C 286 -40.08 -33.50 25.37
C ASP C 286 -39.74 -32.14 25.97
N LEU C 287 -40.17 -31.08 25.26
CA LEU C 287 -39.94 -29.71 25.69
C LEU C 287 -41.23 -28.92 25.52
N GLU C 288 -41.42 -27.93 26.40
CA GLU C 288 -42.60 -27.08 26.37
C GLU C 288 -42.20 -25.63 26.61
N PHE C 289 -42.89 -24.71 25.94
CA PHE C 289 -42.66 -23.28 26.09
C PHE C 289 -44.01 -22.59 26.20
N ARG C 290 -44.33 -22.09 27.39
CA ARG C 290 -45.61 -21.44 27.60
C ARG C 290 -45.60 -20.03 27.01
N ASP C 291 -46.80 -19.51 26.75
CA ASP C 291 -46.93 -18.18 26.18
C ASP C 291 -46.41 -17.10 27.13
N GLU C 292 -46.50 -17.32 28.44
CA GLU C 292 -46.01 -16.32 29.39
C GLU C 292 -44.51 -16.14 29.29
N ALA C 293 -43.79 -17.18 28.85
CA ALA C 293 -42.35 -17.10 28.72
C ALA C 293 -41.93 -16.34 27.47
N LEU C 294 -42.76 -16.39 26.41
CA LEU C 294 -42.41 -15.72 25.16
C LEU C 294 -42.53 -14.20 25.27
N ASP C 295 -43.47 -13.71 26.07
CA ASP C 295 -43.64 -12.26 26.20
C ASP C 295 -42.44 -11.64 26.89
N ALA C 296 -41.84 -12.35 27.85
CA ALA C 296 -40.67 -11.83 28.53
C ALA C 296 -39.45 -11.88 27.64
N ILE C 297 -39.35 -12.89 26.79
CA ILE C 297 -38.19 -13.04 25.90
C ILE C 297 -38.17 -11.91 24.88
N ALA C 298 -39.33 -11.46 24.42
CA ALA C 298 -39.37 -10.39 23.43
C ALA C 298 -38.76 -9.10 23.97
N LYS C 299 -39.02 -8.80 25.24
CA LYS C 299 -38.46 -7.59 25.83
C LYS C 299 -36.94 -7.66 25.87
N LYS C 300 -36.41 -8.85 26.15
CA LYS C 300 -34.97 -9.03 26.25
C LYS C 300 -34.28 -8.99 24.89
N ALA C 301 -34.93 -9.50 23.85
CA ALA C 301 -34.29 -9.56 22.55
C ALA C 301 -34.08 -8.18 21.94
N MET C 302 -35.11 -7.34 21.95
CA MET C 302 -34.95 -6.00 21.37
C MET C 302 -33.89 -5.19 22.09
N ALA C 303 -33.68 -5.45 23.38
CA ALA C 303 -32.67 -4.73 24.13
C ALA C 303 -31.26 -5.01 23.61
N ARG C 304 -31.06 -6.14 22.95
CA ARG C 304 -29.74 -6.48 22.43
C ARG C 304 -29.40 -5.81 21.11
N LYS C 305 -30.38 -5.15 20.48
CA LYS C 305 -30.21 -4.50 19.17
C LYS C 305 -29.41 -5.36 18.20
N THR C 306 -29.90 -6.59 18.02
CA THR C 306 -29.27 -7.56 17.15
C THR C 306 -30.25 -8.30 16.25
N GLY C 307 -31.54 -8.04 16.36
CA GLY C 307 -32.50 -8.74 15.53
C GLY C 307 -32.76 -10.15 16.03
N ALA C 308 -33.32 -10.95 15.13
CA ALA C 308 -33.68 -12.32 15.47
C ALA C 308 -32.47 -13.18 15.74
N ARG C 309 -31.32 -12.85 15.13
CA ARG C 309 -30.13 -13.67 15.33
C ARG C 309 -29.66 -13.63 16.78
N GLY C 310 -29.97 -12.56 17.51
CA GLY C 310 -29.62 -12.47 18.90
C GLY C 310 -30.62 -13.11 19.83
N LEU C 311 -31.53 -13.91 19.29
CA LEU C 311 -32.56 -14.57 20.09
C LEU C 311 -32.04 -15.81 20.79
N ARG C 312 -31.10 -16.53 20.18
CA ARG C 312 -30.58 -17.75 20.78
C ARG C 312 -29.88 -17.48 22.10
N SER C 313 -29.26 -16.31 22.25
CA SER C 313 -28.54 -15.98 23.48
C SER C 313 -29.45 -16.03 24.70
N ILE C 314 -30.71 -15.62 24.54
CA ILE C 314 -31.63 -15.59 25.66
C ILE C 314 -32.05 -17.00 26.06
N VAL C 315 -32.26 -17.86 25.07
CA VAL C 315 -32.72 -19.22 25.34
C VAL C 315 -31.59 -20.07 25.91
N GLU C 316 -30.49 -20.16 25.18
CA GLU C 316 -29.39 -21.05 25.56
C GLU C 316 -28.77 -20.68 26.89
N ALA C 317 -28.76 -19.40 27.25
CA ALA C 317 -28.20 -19.03 28.55
C ALA C 317 -29.03 -19.62 29.68
N ALA C 318 -30.32 -19.82 29.45
CA ALA C 318 -31.19 -20.42 30.44
C ALA C 318 -31.02 -21.94 30.49
N LEU C 319 -31.21 -22.58 29.34
CA LEU C 319 -31.10 -24.03 29.23
C LEU C 319 -29.67 -24.56 29.33
N LEU C 320 -28.68 -23.71 29.55
CA LEU C 320 -27.30 -24.17 29.70
C LEU C 320 -27.18 -25.25 30.77
N ASP C 321 -27.56 -24.90 32.00
CA ASP C 321 -27.51 -25.85 33.11
C ASP C 321 -28.36 -27.09 32.84
N THR C 322 -29.56 -26.88 32.28
CA THR C 322 -30.48 -27.98 32.02
C THR C 322 -29.87 -29.01 31.09
N MET C 323 -29.35 -28.58 29.95
CA MET C 323 -28.76 -29.50 28.98
C MET C 323 -27.56 -30.24 29.56
N TYR C 324 -26.88 -29.64 30.53
CA TYR C 324 -25.71 -30.25 31.12
C TYR C 324 -26.06 -31.42 32.04
N ASP C 325 -27.19 -31.33 32.74
CA ASP C 325 -27.60 -32.36 33.69
C ASP C 325 -28.61 -33.37 33.14
N LEU C 326 -29.31 -33.07 32.06
CA LEU C 326 -30.29 -34.02 31.55
C LEU C 326 -29.70 -35.35 31.09
N PRO C 327 -28.59 -35.41 30.34
CA PRO C 327 -28.10 -36.73 29.93
C PRO C 327 -27.72 -37.62 31.09
N SER C 328 -27.11 -37.05 32.13
CA SER C 328 -26.77 -37.85 33.30
C SER C 328 -28.03 -38.34 34.01
N MET C 329 -29.05 -37.50 34.06
CA MET C 329 -30.30 -37.85 34.71
C MET C 329 -31.02 -38.94 33.91
N GLU C 330 -31.81 -39.74 34.63
CA GLU C 330 -32.57 -40.83 34.04
C GLU C 330 -34.03 -40.71 34.44
N ASP C 331 -34.88 -41.36 33.65
CA ASP C 331 -36.33 -41.36 33.88
C ASP C 331 -36.92 -39.96 33.81
N VAL C 332 -36.44 -39.17 32.85
CA VAL C 332 -36.93 -37.81 32.62
C VAL C 332 -37.66 -37.83 31.28
N GLU C 333 -38.96 -37.55 31.30
CA GLU C 333 -39.80 -37.60 30.11
C GLU C 333 -40.27 -36.25 29.58
N LYS C 334 -40.32 -35.21 30.41
CA LYS C 334 -40.80 -33.92 29.94
C LYS C 334 -40.19 -32.80 30.75
N VAL C 335 -39.98 -31.66 30.08
CA VAL C 335 -39.38 -30.46 30.68
C VAL C 335 -40.30 -29.28 30.41
N VAL C 336 -40.49 -28.45 31.43
CA VAL C 336 -41.32 -27.25 31.35
C VAL C 336 -40.48 -26.05 31.77
N ILE C 337 -40.57 -24.97 30.99
CA ILE C 337 -39.82 -23.74 31.23
C ILE C 337 -40.82 -22.61 31.40
N ASP C 338 -41.06 -22.21 32.65
CA ASP C 338 -41.97 -21.12 32.92
C ASP C 338 -41.27 -19.77 32.75
N GLU C 339 -42.06 -18.70 32.88
CA GLU C 339 -41.54 -17.35 32.70
C GLU C 339 -40.43 -17.02 33.68
N SER C 340 -40.56 -17.45 34.94
CA SER C 340 -39.55 -17.14 35.95
C SER C 340 -38.16 -17.62 35.55
N VAL C 341 -38.08 -18.83 34.98
CA VAL C 341 -36.80 -19.40 34.57
C VAL C 341 -36.03 -18.45 33.66
N ILE C 342 -36.73 -17.75 32.77
CA ILE C 342 -36.07 -16.83 31.86
C ILE C 342 -35.38 -15.71 32.62
N ASP C 343 -36.04 -15.18 33.65
CA ASP C 343 -35.45 -14.11 34.44
C ASP C 343 -34.27 -14.60 35.26
N GLY C 344 -34.21 -15.89 35.57
CA GLY C 344 -33.13 -16.45 36.36
C GLY C 344 -33.43 -16.60 37.83
N GLN C 345 -34.64 -16.31 38.26
CA GLN C 345 -35.06 -16.42 39.66
C GLN C 345 -35.64 -17.78 40.01
N SER C 346 -35.72 -18.70 39.05
CA SER C 346 -36.32 -20.01 39.29
C SER C 346 -35.56 -21.06 38.49
N GLU C 347 -35.95 -22.33 38.70
CA GLU C 347 -35.38 -23.50 38.07
C GLU C 347 -36.45 -24.21 37.25
N PRO C 348 -36.11 -24.75 36.07
CA PRO C 348 -37.13 -25.43 35.26
C PRO C 348 -37.69 -26.66 35.96
N LEU C 349 -39.01 -26.81 35.87
CA LEU C 349 -39.69 -27.96 36.44
C LEU C 349 -39.43 -29.19 35.58
N LEU C 350 -39.26 -30.34 36.24
CA LEU C 350 -38.98 -31.60 35.56
C LEU C 350 -40.07 -32.62 35.88
N ILE C 351 -40.40 -33.42 34.88
CA ILE C 351 -41.43 -34.46 34.99
C ILE C 351 -40.74 -35.80 34.77
N TYR C 352 -40.94 -36.73 35.70
CA TYR C 352 -40.35 -38.05 35.64
C TYR C 352 -41.40 -39.10 35.28
N GLY C 353 -40.92 -40.19 34.71
CA GLY C 353 -41.78 -41.29 34.31
C GLY C 353 -42.05 -42.27 35.43
N ALA D 2 -22.35 -45.96 22.96
CA ALA D 2 -22.72 -44.82 23.80
C ALA D 2 -22.16 -43.52 23.23
N LEU D 3 -22.25 -42.45 24.00
CA LEU D 3 -21.78 -41.14 23.61
C LEU D 3 -21.19 -40.42 24.82
N PRO D 4 -20.23 -39.51 24.63
CA PRO D 4 -19.69 -38.78 25.78
C PRO D 4 -20.75 -37.91 26.43
N THR D 5 -20.71 -37.83 27.76
CA THR D 5 -21.67 -37.07 28.54
C THR D 5 -21.06 -35.76 29.05
N PRO D 6 -21.86 -34.69 29.20
CA PRO D 6 -21.31 -33.44 29.77
C PRO D 6 -20.57 -33.62 31.08
N HIS D 7 -21.07 -34.49 31.96
CA HIS D 7 -20.40 -34.73 33.23
C HIS D 7 -19.10 -35.50 33.03
N GLU D 8 -19.09 -36.46 32.11
CA GLU D 8 -17.90 -37.26 31.88
C GLU D 8 -16.81 -36.43 31.18
N ILE D 9 -17.20 -35.61 30.22
CA ILE D 9 -16.21 -34.82 29.50
C ILE D 9 -15.62 -33.75 30.40
N ARG D 10 -16.41 -33.21 31.32
CA ARG D 10 -15.90 -32.18 32.22
C ARG D 10 -14.86 -32.72 33.18
N ASN D 11 -15.04 -33.98 33.62
CA ASN D 11 -14.06 -34.58 34.53
C ASN D 11 -12.69 -34.64 33.89
N HIS D 12 -12.64 -34.89 32.58
CA HIS D 12 -11.36 -34.92 31.88
C HIS D 12 -10.72 -33.54 31.88
N LEU D 13 -11.53 -32.51 31.64
CA LEU D 13 -11.03 -31.14 31.63
C LEU D 13 -10.58 -30.69 33.00
N ASP D 14 -11.21 -31.21 34.06
CA ASP D 14 -10.85 -30.83 35.42
C ASP D 14 -9.39 -31.17 35.73
N ASP D 15 -8.86 -32.21 35.10
CA ASP D 15 -7.47 -32.58 35.34
C ASP D 15 -6.52 -31.49 34.85
N TYR D 16 -6.89 -30.78 33.80
CA TYR D 16 -6.06 -29.73 33.22
C TYR D 16 -6.56 -28.33 33.56
N VAL D 17 -7.79 -28.17 34.04
CA VAL D 17 -8.36 -26.88 34.34
C VAL D 17 -8.97 -26.90 35.73
N ILE D 18 -8.81 -25.80 36.47
CA ILE D 18 -9.34 -25.66 37.81
C ILE D 18 -10.02 -24.31 37.97
N GLY D 19 -11.15 -24.29 38.66
CA GLY D 19 -11.86 -23.05 38.95
C GLY D 19 -12.58 -22.41 37.79
N GLN D 20 -13.04 -23.20 36.82
CA GLN D 20 -13.73 -22.68 35.64
C GLN D 20 -14.99 -23.49 35.35
N GLU D 21 -15.77 -23.73 36.40
CA GLU D 21 -16.99 -24.53 36.27
C GLU D 21 -17.96 -23.92 35.26
N GLN D 22 -18.08 -22.59 35.24
CA GLN D 22 -19.00 -21.94 34.32
C GLN D 22 -18.62 -22.20 32.87
N ALA D 23 -17.34 -22.03 32.54
CA ALA D 23 -16.90 -22.20 31.16
C ALA D 23 -16.98 -23.66 30.72
N LYS D 24 -16.53 -24.58 31.56
CA LYS D 24 -16.51 -26.00 31.21
C LYS D 24 -17.89 -26.50 30.76
N LYS D 25 -18.94 -26.09 31.47
CA LYS D 25 -20.28 -26.55 31.12
C LYS D 25 -20.68 -26.07 29.73
N VAL D 26 -20.39 -24.81 29.42
CA VAL D 26 -20.76 -24.25 28.12
C VAL D 26 -20.07 -25.02 27.00
N LEU D 27 -18.78 -25.29 27.15
CA LEU D 27 -18.05 -26.00 26.11
C LEU D 27 -18.55 -27.43 25.98
N ALA D 28 -18.82 -28.09 27.10
CA ALA D 28 -19.31 -29.47 27.07
C ALA D 28 -20.63 -29.57 26.32
N VAL D 29 -21.54 -28.61 26.55
CA VAL D 29 -22.84 -28.66 25.90
C VAL D 29 -22.70 -28.49 24.40
N ALA D 30 -21.89 -27.52 23.96
CA ALA D 30 -21.70 -27.30 22.54
C ALA D 30 -21.10 -28.52 21.87
N VAL D 31 -20.07 -29.10 22.49
CA VAL D 31 -19.44 -30.29 21.95
C VAL D 31 -20.43 -31.44 21.89
N TYR D 32 -21.21 -31.62 22.96
CA TYR D 32 -22.20 -32.68 22.98
C TYR D 32 -23.29 -32.40 21.96
N ASN D 33 -23.72 -31.14 21.86
CA ASN D 33 -24.72 -30.78 20.87
C ASN D 33 -24.19 -30.99 19.46
N HIS D 34 -22.92 -30.65 19.23
CA HIS D 34 -22.32 -30.82 17.91
C HIS D 34 -22.29 -32.30 17.52
N TYR D 35 -21.88 -33.15 18.44
CA TYR D 35 -21.87 -34.58 18.17
C TYR D 35 -23.28 -35.09 17.93
N LYS D 36 -24.25 -34.56 18.69
CA LYS D 36 -25.63 -34.98 18.55
C LYS D 36 -26.19 -34.62 17.19
N ARG D 37 -25.97 -33.38 16.76
CA ARG D 37 -26.47 -32.94 15.46
C ARG D 37 -25.89 -33.78 14.33
N LEU D 38 -24.60 -34.11 14.42
CA LEU D 38 -23.97 -34.91 13.38
C LEU D 38 -24.43 -36.36 13.44
N ARG D 39 -24.58 -36.89 14.65
CA ARG D 39 -25.06 -38.26 14.80
C ARG D 39 -26.45 -38.38 14.19
N ASN D 40 -27.27 -37.37 14.39
CA ASN D 40 -28.60 -37.35 13.80
C ASN D 40 -28.50 -37.29 12.28
N GLY D 41 -29.33 -38.09 11.61
CA GLY D 41 -29.34 -38.08 10.16
C GLY D 41 -29.77 -36.74 9.59
N ASP D 42 -30.56 -35.98 10.36
CA ASP D 42 -31.13 -34.68 10.06
C ASP D 42 -32.33 -34.78 9.12
N THR D 43 -32.69 -35.99 8.67
CA THR D 43 -33.88 -36.19 7.84
C THR D 43 -35.04 -36.59 8.75
N SER D 44 -35.42 -35.64 9.59
CA SER D 44 -36.48 -35.81 10.58
C SER D 44 -37.42 -34.61 10.51
N ASN D 45 -38.44 -34.63 11.38
CA ASN D 45 -39.39 -33.52 11.43
C ASN D 45 -38.66 -32.20 11.66
N GLY D 46 -37.74 -32.18 12.61
CA GLY D 46 -36.93 -30.99 12.85
C GLY D 46 -35.78 -31.01 11.86
N VAL D 47 -35.55 -29.88 11.20
CA VAL D 47 -34.50 -29.77 10.19
C VAL D 47 -33.83 -28.41 10.30
N GLU D 48 -32.72 -28.28 9.58
CA GLU D 48 -31.90 -27.06 9.55
C GLU D 48 -31.59 -26.58 10.97
N LEU D 49 -31.14 -27.52 11.79
CA LEU D 49 -30.82 -27.23 13.18
C LEU D 49 -29.75 -26.14 13.27
N GLY D 50 -29.94 -25.23 14.22
CA GLY D 50 -28.98 -24.16 14.41
C GLY D 50 -27.75 -24.62 15.15
N LYS D 51 -26.67 -23.87 14.94
CA LYS D 51 -25.38 -24.13 15.58
C LYS D 51 -25.08 -22.98 16.51
N SER D 52 -24.85 -23.30 17.78
CA SER D 52 -24.59 -22.29 18.79
C SER D 52 -23.08 -22.12 18.95
N ASN D 53 -22.58 -20.96 18.52
CA ASN D 53 -21.18 -20.65 18.67
C ASN D 53 -20.92 -20.10 20.06
N ILE D 54 -19.64 -20.09 20.45
CA ILE D 54 -19.23 -19.65 21.78
C ILE D 54 -18.25 -18.50 21.64
N LEU D 55 -18.39 -17.52 22.53
CA LEU D 55 -17.55 -16.34 22.58
C LEU D 55 -16.98 -16.25 24.00
N LEU D 56 -15.68 -16.47 24.13
CA LEU D 56 -14.99 -16.49 25.42
C LEU D 56 -14.32 -15.16 25.73
N ILE D 57 -14.81 -14.47 26.74
CA ILE D 57 -14.25 -13.21 27.21
C ILE D 57 -13.60 -13.46 28.55
N GLY D 58 -12.29 -13.27 28.63
CA GLY D 58 -11.59 -13.45 29.88
C GLY D 58 -10.25 -12.74 29.90
N PRO D 59 -9.78 -12.34 31.08
CA PRO D 59 -8.49 -11.66 31.15
C PRO D 59 -7.34 -12.56 30.71
N THR D 60 -6.17 -11.94 30.64
CA THR D 60 -4.97 -12.65 30.24
C THR D 60 -4.63 -13.76 31.23
N GLY D 61 -4.16 -14.88 30.68
CA GLY D 61 -3.76 -16.00 31.52
C GLY D 61 -4.85 -16.64 32.33
N SER D 62 -6.11 -16.45 31.94
CA SER D 62 -7.22 -17.05 32.68
C SER D 62 -7.50 -18.48 32.28
N GLY D 63 -6.92 -18.95 31.19
CA GLY D 63 -7.08 -20.32 30.71
C GLY D 63 -7.91 -20.50 29.45
N LYS D 64 -8.04 -19.47 28.62
CA LYS D 64 -8.81 -19.63 27.38
C LYS D 64 -8.09 -20.57 26.42
N THR D 65 -6.82 -20.28 26.14
CA THR D 65 -6.05 -21.10 25.21
C THR D 65 -5.89 -22.52 25.73
N LEU D 66 -5.88 -22.69 27.05
CA LEU D 66 -5.69 -24.02 27.62
C LEU D 66 -6.87 -24.93 27.31
N LEU D 67 -8.08 -24.39 27.32
CA LEU D 67 -9.26 -25.22 27.06
C LEU D 67 -9.26 -25.79 25.66
N ALA D 68 -8.84 -24.98 24.67
CA ALA D 68 -8.83 -25.46 23.29
C ALA D 68 -7.89 -26.62 23.10
N GLU D 69 -6.72 -26.59 23.73
CA GLU D 69 -5.75 -27.67 23.56
C GLU D 69 -6.23 -28.95 24.24
N THR D 70 -6.73 -28.83 25.47
CA THR D 70 -7.22 -30.01 26.18
C THR D 70 -8.38 -30.63 25.46
N LEU D 71 -9.23 -29.81 24.86
CA LEU D 71 -10.39 -30.31 24.15
C LEU D 71 -10.00 -31.16 22.95
N ALA D 72 -8.97 -30.71 22.21
CA ALA D 72 -8.56 -31.45 21.02
C ALA D 72 -8.04 -32.84 21.36
N ARG D 73 -7.44 -33.01 22.54
CA ARG D 73 -6.91 -34.32 22.91
C ARG D 73 -8.04 -35.33 23.07
N LEU D 74 -9.07 -34.97 23.84
CA LEU D 74 -10.20 -35.87 24.05
C LEU D 74 -11.17 -35.88 22.88
N LEU D 75 -11.21 -34.81 22.10
CA LEU D 75 -12.13 -34.73 20.97
C LEU D 75 -11.66 -35.63 19.83
N ASP D 76 -12.62 -36.37 19.25
CA ASP D 76 -12.32 -37.27 18.15
C ASP D 76 -12.31 -36.53 16.81
N VAL D 77 -13.30 -35.67 16.59
CA VAL D 77 -13.41 -34.91 15.34
C VAL D 77 -12.21 -33.97 15.23
N PRO D 78 -11.84 -33.53 14.03
CA PRO D 78 -10.66 -32.67 13.89
C PRO D 78 -10.81 -31.31 14.56
N PHE D 79 -9.67 -30.76 14.96
CA PHE D 79 -9.59 -29.46 15.63
C PHE D 79 -8.40 -28.70 15.08
N THR D 80 -8.53 -27.38 15.05
CA THR D 80 -7.48 -26.49 14.58
C THR D 80 -7.42 -25.26 15.48
N MET D 81 -6.25 -24.66 15.54
CA MET D 81 -6.00 -23.46 16.35
C MET D 81 -5.51 -22.35 15.41
N ALA D 82 -6.45 -21.59 14.87
CA ALA D 82 -6.17 -20.50 13.96
C ALA D 82 -6.16 -19.18 14.72
N ASP D 83 -5.87 -18.10 13.99
CA ASP D 83 -5.81 -16.77 14.59
C ASP D 83 -6.24 -15.73 13.56
N ALA D 84 -6.96 -14.72 14.02
CA ALA D 84 -7.43 -13.64 13.17
C ALA D 84 -6.45 -12.49 13.06
N THR D 85 -5.27 -12.60 13.64
CA THR D 85 -4.31 -11.51 13.58
C THR D 85 -3.71 -11.36 12.18
N THR D 86 -3.42 -12.49 11.53
CA THR D 86 -2.79 -12.48 10.21
C THR D 86 -3.79 -12.31 9.06
N LEU D 87 -5.09 -12.34 9.33
CA LEU D 87 -6.08 -12.24 8.27
C LEU D 87 -6.22 -10.82 7.73
N THR D 88 -6.31 -10.73 6.40
CA THR D 88 -6.50 -9.49 5.66
C THR D 88 -7.64 -9.70 4.67
N GLU D 89 -8.47 -8.69 4.50
CA GLU D 89 -9.62 -8.79 3.61
C GLU D 89 -9.24 -8.57 2.15
N ALA D 90 -10.15 -9.00 1.27
CA ALA D 90 -10.05 -8.79 -0.17
C ALA D 90 -8.80 -9.43 -0.77
N GLY D 91 -8.36 -10.55 -0.22
CA GLY D 91 -7.21 -11.23 -0.76
C GLY D 91 -5.95 -10.40 -0.84
N TYR D 92 -5.59 -9.71 0.25
CA TYR D 92 -4.38 -8.91 0.24
C TYR D 92 -3.17 -9.82 0.42
N VAL D 93 -1.98 -9.23 0.51
CA VAL D 93 -0.76 -10.01 0.62
C VAL D 93 -0.61 -10.70 1.97
N GLY D 94 -1.26 -10.18 3.01
CA GLY D 94 -1.11 -10.79 4.32
C GLY D 94 -1.59 -12.22 4.42
N GLU D 95 -2.88 -12.44 4.28
CA GLU D 95 -3.50 -13.75 4.37
C GLU D 95 -4.98 -13.59 4.05
N ASP D 96 -5.63 -14.71 3.75
CA ASP D 96 -7.04 -14.74 3.43
C ASP D 96 -7.76 -15.55 4.49
N VAL D 97 -9.08 -15.35 4.57
CA VAL D 97 -9.88 -16.06 5.55
C VAL D 97 -10.00 -17.53 5.19
N GLU D 98 -9.88 -17.87 3.92
CA GLU D 98 -10.01 -19.25 3.49
C GLU D 98 -8.87 -20.12 4.00
N ASN D 99 -7.73 -19.51 4.38
CA ASN D 99 -6.59 -20.27 4.88
C ASN D 99 -6.97 -21.13 6.09
N ILE D 100 -7.94 -20.67 6.88
CA ILE D 100 -8.38 -21.43 8.04
C ILE D 100 -8.94 -22.77 7.62
N ILE D 101 -9.63 -22.80 6.49
CA ILE D 101 -10.27 -24.04 6.03
C ILE D 101 -9.22 -25.08 5.63
N GLN D 102 -8.22 -24.67 4.84
CA GLN D 102 -7.22 -25.64 4.41
C GLN D 102 -6.45 -26.21 5.59
N LYS D 103 -6.23 -25.41 6.63
CA LYS D 103 -5.52 -25.90 7.81
C LYS D 103 -6.32 -27.01 8.48
N LEU D 104 -7.65 -26.92 8.42
CA LEU D 104 -8.49 -27.94 9.01
C LEU D 104 -8.32 -29.27 8.29
N LEU D 105 -8.20 -29.23 6.96
CA LEU D 105 -8.06 -30.46 6.19
C LEU D 105 -6.75 -31.18 6.47
N GLN D 106 -5.69 -30.44 6.83
CA GLN D 106 -4.42 -31.09 7.15
C GLN D 106 -4.60 -32.07 8.30
N LYS D 107 -5.41 -31.68 9.29
CA LYS D 107 -5.70 -32.57 10.41
C LYS D 107 -6.64 -33.68 9.98
N SER D 108 -7.51 -33.41 9.01
CA SER D 108 -8.51 -34.35 8.53
C SER D 108 -8.04 -35.18 7.34
N ASP D 109 -6.84 -34.95 6.83
CA ASP D 109 -6.29 -35.72 5.71
C ASP D 109 -7.11 -35.53 4.43
N TYR D 110 -7.59 -34.31 4.21
CA TYR D 110 -8.33 -33.95 3.00
C TYR D 110 -9.58 -34.80 2.79
N ASP D 111 -10.44 -34.80 3.81
CA ASP D 111 -11.72 -35.51 3.78
C ASP D 111 -12.78 -34.41 3.94
N VAL D 112 -13.44 -34.07 2.84
CA VAL D 112 -14.40 -32.98 2.84
C VAL D 112 -15.62 -33.32 3.69
N GLN D 113 -16.17 -34.51 3.52
CA GLN D 113 -17.35 -34.89 4.31
C GLN D 113 -17.01 -34.95 5.78
N LYS D 114 -15.79 -35.35 6.11
CA LYS D 114 -15.34 -35.42 7.50
C LYS D 114 -14.86 -34.09 8.02
N ALA D 115 -14.52 -33.14 7.14
CA ALA D 115 -13.99 -31.85 7.55
C ALA D 115 -15.06 -30.85 7.99
N GLN D 116 -16.25 -30.90 7.38
CA GLN D 116 -17.29 -29.96 7.74
C GLN D 116 -17.69 -30.09 9.20
N ARG D 117 -17.55 -31.27 9.78
CA ARG D 117 -17.89 -31.51 11.18
C ARG D 117 -16.77 -31.12 12.14
N GLY D 118 -15.72 -30.44 11.67
CA GLY D 118 -14.63 -30.07 12.53
C GLY D 118 -14.94 -28.85 13.39
N ILE D 119 -14.03 -28.60 14.33
CA ILE D 119 -14.11 -27.49 15.28
C ILE D 119 -12.95 -26.55 15.04
N VAL D 120 -13.19 -25.25 15.23
CA VAL D 120 -12.20 -24.21 15.03
C VAL D 120 -12.19 -23.26 16.21
N TYR D 121 -10.98 -22.80 16.56
CA TYR D 121 -10.77 -21.86 17.66
C TYR D 121 -9.97 -20.68 17.11
N ILE D 122 -10.56 -19.49 17.17
CA ILE D 122 -9.93 -18.27 16.66
C ILE D 122 -9.54 -17.40 17.85
N ASP D 123 -8.23 -17.30 18.09
CA ASP D 123 -7.73 -16.47 19.17
C ASP D 123 -7.45 -15.05 18.68
N GLN D 124 -7.21 -14.14 19.62
CA GLN D 124 -6.91 -12.75 19.32
C GLN D 124 -8.03 -12.11 18.50
N ILE D 125 -9.27 -12.46 18.83
CA ILE D 125 -10.41 -11.93 18.07
C ILE D 125 -10.64 -10.45 18.33
N ASP D 126 -10.32 -9.96 19.52
CA ASP D 126 -10.56 -8.56 19.82
C ASP D 126 -9.64 -7.62 19.05
N LYS D 127 -8.49 -8.10 18.60
CA LYS D 127 -7.51 -7.27 17.91
C LYS D 127 -7.94 -6.79 16.53
N ILE D 128 -9.13 -7.17 16.03
CA ILE D 128 -9.57 -6.73 14.70
C ILE D 128 -10.77 -5.80 14.78
N SER D 129 -10.90 -5.07 15.88
CA SER D 129 -12.00 -4.14 16.08
C SER D 129 -11.53 -2.70 15.99
N ARG D 130 -12.32 -1.88 15.30
CA ARG D 130 -12.01 -0.45 15.21
C ARG D 130 -12.34 0.13 16.57
N LYS D 131 -11.45 0.96 17.13
CA LYS D 131 -11.71 1.41 18.49
C LYS D 131 -12.82 2.46 18.50
N SER D 132 -12.59 3.62 17.88
CA SER D 132 -13.64 4.62 17.70
C SER D 132 -13.07 5.82 16.96
N ASP D 133 -13.98 6.58 16.34
CA ASP D 133 -13.72 7.89 15.72
C ASP D 133 -12.37 7.98 15.01
N ASN D 134 -12.15 7.08 14.05
CA ASN D 134 -10.87 7.08 13.36
C ASN D 134 -11.00 7.69 11.96
N PRO D 135 -9.89 8.09 11.34
CA PRO D 135 -9.98 8.67 9.98
C PRO D 135 -10.59 7.67 9.01
N SER D 136 -11.54 8.15 8.22
CA SER D 136 -12.21 7.32 7.24
C SER D 136 -11.65 7.48 5.84
N ILE D 137 -10.57 8.27 5.66
CA ILE D 137 -9.97 8.40 4.34
C ILE D 137 -9.47 7.04 3.85
N THR D 138 -8.86 6.27 4.75
CA THR D 138 -8.37 4.94 4.46
C THR D 138 -9.25 3.93 5.19
N ARG D 139 -9.70 2.92 4.49
CA ARG D 139 -10.55 1.91 5.10
C ARG D 139 -9.70 0.92 5.89
N ASP D 140 -10.26 0.42 6.99
CA ASP D 140 -9.57 -0.55 7.80
C ASP D 140 -9.48 -1.88 7.06
N VAL D 141 -8.30 -2.50 7.10
CA VAL D 141 -8.06 -3.76 6.43
C VAL D 141 -8.03 -4.93 7.41
N SER D 142 -7.50 -4.70 8.61
CA SER D 142 -7.45 -5.69 9.66
C SER D 142 -8.40 -5.38 10.79
N GLY D 143 -9.32 -4.43 10.59
CA GLY D 143 -10.28 -4.04 11.60
C GLY D 143 -11.70 -4.35 11.19
N GLU D 144 -12.47 -3.30 10.89
CA GLU D 144 -13.86 -3.44 10.47
C GLU D 144 -14.02 -4.28 9.21
N GLY D 145 -12.97 -4.44 8.41
CA GLY D 145 -13.07 -5.18 7.17
C GLY D 145 -12.85 -6.67 7.26
N VAL D 146 -12.40 -7.18 8.40
CA VAL D 146 -12.19 -8.61 8.55
C VAL D 146 -13.43 -9.27 9.12
N GLN D 147 -14.14 -8.58 10.02
CA GLN D 147 -15.34 -9.15 10.59
C GLN D 147 -16.38 -9.40 9.51
N GLN D 148 -16.48 -8.49 8.55
CA GLN D 148 -17.42 -8.65 7.45
C GLN D 148 -17.17 -9.95 6.68
N ALA D 149 -15.89 -10.32 6.51
CA ALA D 149 -15.58 -11.52 5.76
C ALA D 149 -15.96 -12.78 6.51
N LEU D 150 -15.91 -12.75 7.85
CA LEU D 150 -16.25 -13.92 8.63
C LEU D 150 -17.75 -14.13 8.76
N LEU D 151 -18.56 -13.10 8.50
CA LEU D 151 -20.00 -13.22 8.60
C LEU D 151 -20.53 -14.36 7.74
N LYS D 152 -20.21 -14.34 6.45
CA LYS D 152 -20.69 -15.37 5.55
C LYS D 152 -20.08 -16.73 5.88
N LEU D 153 -18.82 -16.74 6.31
CA LEU D 153 -18.17 -17.99 6.64
C LEU D 153 -18.86 -18.67 7.82
N ILE D 154 -19.14 -17.91 8.88
CA ILE D 154 -19.77 -18.47 10.06
C ILE D 154 -21.19 -18.90 9.78
N GLU D 155 -21.95 -18.07 9.05
CA GLU D 155 -23.35 -18.41 8.76
C GLU D 155 -23.47 -19.65 7.90
N GLY D 156 -22.47 -19.91 7.05
CA GLY D 156 -22.47 -21.07 6.18
C GLY D 156 -22.51 -20.71 4.71
N THR D 157 -21.37 -20.90 4.05
CA THR D 157 -21.23 -20.65 2.63
C THR D 157 -20.15 -21.59 2.11
N VAL D 158 -20.03 -21.64 0.79
CA VAL D 158 -19.05 -22.49 0.12
C VAL D 158 -17.86 -21.62 -0.25
N ALA D 159 -16.67 -22.02 0.20
CA ALA D 159 -15.43 -21.32 -0.06
C ALA D 159 -14.48 -22.20 -0.86
N ALA D 160 -13.92 -21.65 -1.92
CA ALA D 160 -12.99 -22.39 -2.76
C ALA D 160 -11.67 -22.60 -2.02
N VAL D 161 -11.17 -23.83 -2.05
CA VAL D 161 -9.91 -24.19 -1.39
C VAL D 161 -9.05 -25.02 -2.34
N PRO D 162 -7.76 -24.71 -2.53
CA PRO D 162 -6.94 -25.54 -3.41
C PRO D 162 -6.63 -26.89 -2.78
N PRO D 163 -6.64 -27.99 -3.55
CA PRO D 163 -6.33 -29.30 -2.96
C PRO D 163 -4.83 -29.50 -2.78
N GLN D 164 -4.38 -29.51 -1.54
CA GLN D 164 -2.97 -29.71 -1.17
C GLN D 164 -2.07 -28.58 -1.67
N GLY D 165 -2.63 -27.45 -2.09
CA GLY D 165 -1.85 -26.34 -2.60
C GLY D 165 -1.60 -26.40 -4.09
N GLY D 166 -1.88 -27.54 -4.72
CA GLY D 166 -1.68 -27.70 -6.15
C GLY D 166 -0.32 -28.28 -6.51
N ARG D 167 -0.33 -29.43 -7.18
CA ARG D 167 0.94 -30.04 -7.60
C ARG D 167 1.61 -29.19 -8.67
N LYS D 168 0.82 -28.67 -9.60
CA LYS D 168 1.30 -27.82 -10.68
C LYS D 168 0.11 -27.03 -11.20
N HIS D 169 0.37 -26.12 -12.15
CA HIS D 169 -0.69 -25.32 -12.74
C HIS D 169 -1.71 -26.17 -13.50
N PRO D 170 -1.34 -27.40 -13.87
CA PRO D 170 -2.23 -28.27 -14.64
C PRO D 170 -3.59 -28.45 -13.99
N GLN D 171 -3.64 -28.68 -12.68
CA GLN D 171 -4.92 -28.90 -12.02
C GLN D 171 -5.81 -27.66 -12.10
N GLN D 172 -5.33 -26.52 -11.60
CA GLN D 172 -6.04 -25.24 -11.57
C GLN D 172 -7.51 -25.40 -11.17
N GLU D 173 -7.73 -26.10 -10.06
CA GLU D 173 -9.07 -26.33 -9.53
C GLU D 173 -9.09 -26.09 -8.03
N PHE D 174 -10.29 -25.92 -7.50
CA PHE D 174 -10.52 -25.69 -6.09
C PHE D 174 -11.58 -26.64 -5.57
N LEU D 175 -11.66 -26.74 -4.24
CA LEU D 175 -12.62 -27.57 -3.54
C LEU D 175 -13.65 -26.69 -2.85
N GLN D 176 -14.91 -27.10 -2.93
CA GLN D 176 -16.02 -26.39 -2.31
C GLN D 176 -16.39 -27.11 -1.02
N VAL D 177 -16.38 -26.38 0.10
CA VAL D 177 -16.67 -26.94 1.41
C VAL D 177 -17.76 -26.13 2.10
N ASP D 178 -18.89 -26.76 2.37
CA ASP D 178 -19.95 -26.11 3.12
C ASP D 178 -19.49 -25.88 4.55
N THR D 179 -19.88 -24.74 5.13
CA THR D 179 -19.47 -24.38 6.48
C THR D 179 -20.63 -24.13 7.43
N SER D 180 -21.88 -24.24 6.98
CA SER D 180 -23.04 -24.01 7.85
C SER D 180 -23.00 -24.87 9.10
N LYS D 181 -22.43 -26.08 9.01
CA LYS D 181 -22.36 -26.98 10.14
C LYS D 181 -21.13 -26.76 11.01
N ILE D 182 -20.11 -26.08 10.49
CA ILE D 182 -18.89 -25.89 11.25
C ILE D 182 -19.13 -25.00 12.46
N LEU D 183 -18.55 -25.40 13.58
CA LEU D 183 -18.61 -24.66 14.83
C LEU D 183 -17.44 -23.69 14.88
N PHE D 184 -17.65 -22.55 15.54
CA PHE D 184 -16.59 -21.56 15.71
C PHE D 184 -16.58 -21.06 17.13
N ILE D 185 -15.39 -21.07 17.74
CA ILE D 185 -15.18 -20.61 19.10
C ILE D 185 -14.20 -19.45 18.99
N CYS D 186 -14.71 -18.24 19.00
CA CYS D 186 -13.92 -17.03 18.84
C CYS D 186 -13.82 -16.34 20.20
N GLY D 187 -12.62 -16.29 20.75
CA GLY D 187 -12.43 -15.67 22.04
C GLY D 187 -11.05 -15.06 22.24
N GLY D 188 -11.03 -13.90 22.88
CA GLY D 188 -9.79 -13.22 23.15
C GLY D 188 -9.98 -12.25 24.29
N ALA D 189 -8.90 -12.01 25.03
CA ALA D 189 -8.95 -11.09 26.17
C ALA D 189 -9.15 -9.66 25.69
N PHE D 190 -10.32 -9.10 25.96
CA PHE D 190 -10.60 -7.73 25.57
C PHE D 190 -9.98 -6.77 26.57
N ALA D 191 -9.39 -5.70 26.04
CA ALA D 191 -8.74 -4.68 26.85
C ALA D 191 -9.62 -3.44 26.93
N GLY D 192 -9.75 -2.89 28.14
CA GLY D 192 -10.55 -1.69 28.32
C GLY D 192 -12.04 -1.90 28.32
N LEU D 193 -12.52 -3.14 28.26
CA LEU D 193 -13.96 -3.37 28.25
C LEU D 193 -14.61 -2.97 29.56
N ASP D 194 -13.88 -3.04 30.67
CA ASP D 194 -14.45 -2.67 31.96
C ASP D 194 -14.85 -1.21 32.01
N LYS D 195 -14.11 -0.33 31.34
CA LYS D 195 -14.42 1.10 31.39
C LYS D 195 -15.73 1.40 30.70
N VAL D 196 -16.00 0.77 29.55
CA VAL D 196 -17.24 1.03 28.84
C VAL D 196 -18.42 0.45 29.61
N ILE D 197 -18.24 -0.71 30.21
CA ILE D 197 -19.34 -1.33 30.96
C ILE D 197 -19.69 -0.49 32.18
N SER D 198 -18.69 0.18 32.76
CA SER D 198 -18.96 0.98 33.95
C SER D 198 -19.87 2.15 33.64
N HIS D 199 -19.67 2.82 32.50
CA HIS D 199 -20.46 3.99 32.14
C HIS D 199 -21.95 3.69 32.16
N ARG D 200 -22.34 2.51 31.68
CA ARG D 200 -23.73 2.12 31.66
C ARG D 200 -24.26 1.71 33.04
N VAL D 201 -23.42 1.09 33.87
CA VAL D 201 -23.85 0.54 35.16
C VAL D 201 -23.30 1.34 36.35
N GLU D 202 -22.69 2.52 36.12
CA GLU D 202 -22.18 3.32 37.23
C GLU D 202 -23.00 4.58 37.42
N THR D 203 -23.14 5.40 36.38
CA THR D 203 -23.93 6.64 36.42
C THR D 203 -23.68 7.43 37.70
N GLY D 204 -22.40 7.54 38.08
CA GLY D 204 -22.04 8.15 39.35
C GLY D 204 -20.93 9.18 39.41
N SER D 205 -20.74 9.99 38.37
CA SER D 205 -19.72 11.04 38.46
C SER D 205 -20.02 11.93 39.65
N GLY D 206 -21.25 12.43 39.72
CA GLY D 206 -21.76 13.15 40.86
C GLY D 206 -20.99 14.27 41.54
N ILE D 207 -20.75 15.38 40.86
CA ILE D 207 -20.07 16.50 41.52
C ILE D 207 -21.08 17.42 42.20
N GLY D 208 -22.35 17.36 41.80
CA GLY D 208 -23.37 18.19 42.40
C GLY D 208 -23.88 17.65 43.73
N PHE D 209 -24.61 18.52 44.43
CA PHE D 209 -25.21 18.15 45.71
C PHE D 209 -26.15 16.96 45.58
N GLY D 210 -27.07 17.02 44.60
CA GLY D 210 -28.06 15.97 44.47
C GLY D 210 -27.48 14.63 44.06
N ALA D 211 -26.59 14.63 43.07
CA ALA D 211 -26.01 13.37 42.62
C ALA D 211 -25.17 12.75 43.72
N THR D 212 -25.12 11.42 43.71
CA THR D 212 -24.39 10.68 44.72
C THR D 212 -22.91 10.51 44.35
N VAL D 213 -22.16 9.98 45.30
CA VAL D 213 -20.75 9.67 45.14
C VAL D 213 -20.64 8.14 45.13
N LYS D 214 -19.93 7.62 44.16
CA LYS D 214 -19.80 6.18 44.03
C LYS D 214 -18.83 5.54 45.06
N ALA D 215 -18.20 6.19 46.07
CA ALA D 215 -17.18 5.59 46.97
C ALA D 215 -16.14 4.85 46.14
N LYS D 216 -15.34 5.62 45.39
CA LYS D 216 -14.28 5.14 44.45
C LYS D 216 -13.20 4.34 45.19
N SER D 217 -12.62 3.31 44.51
CA SER D 217 -11.53 2.33 44.85
C SER D 217 -12.07 1.01 45.41
N ASP D 218 -13.36 0.91 45.77
CA ASP D 218 -13.97 -0.35 46.28
C ASP D 218 -15.07 -0.83 45.31
N LYS D 219 -15.20 -0.25 44.11
CA LYS D 219 -16.26 -0.62 43.14
C LYS D 219 -15.69 -1.13 41.82
N ALA D 220 -14.37 -1.37 41.71
CA ALA D 220 -13.74 -1.85 40.48
C ALA D 220 -13.68 -3.37 40.47
N SER D 221 -14.87 -3.97 40.55
CA SER D 221 -15.03 -5.41 40.53
C SER D 221 -14.93 -5.96 39.11
N GLU D 222 -13.76 -5.78 38.49
CA GLU D 222 -13.45 -6.19 37.12
C GLU D 222 -13.98 -7.56 36.71
N GLY D 223 -13.67 -8.60 37.47
CA GLY D 223 -14.14 -9.92 37.10
C GLY D 223 -15.66 -10.02 37.14
N GLU D 224 -16.26 -9.52 38.21
CA GLU D 224 -17.71 -9.54 38.33
C GLU D 224 -18.37 -8.63 37.29
N LEU D 225 -17.68 -7.55 36.90
CA LEU D 225 -18.24 -6.61 35.95
C LEU D 225 -18.57 -7.28 34.61
N LEU D 226 -17.73 -8.21 34.18
CA LEU D 226 -17.97 -8.90 32.91
C LEU D 226 -19.26 -9.72 32.95
N ALA D 227 -19.64 -10.22 34.13
CA ALA D 227 -20.84 -11.03 34.26
C ALA D 227 -22.10 -10.32 33.80
N GLN D 228 -22.10 -8.99 33.79
CA GLN D 228 -23.26 -8.21 33.37
C GLN D 228 -23.10 -7.70 31.94
N VAL D 229 -22.15 -8.24 31.18
CA VAL D 229 -21.92 -7.79 29.82
C VAL D 229 -23.12 -8.13 28.94
N GLU D 230 -23.32 -7.31 27.91
CA GLU D 230 -24.39 -7.48 26.94
C GLU D 230 -23.83 -7.10 25.56
N PRO D 231 -24.52 -7.45 24.47
CA PRO D 231 -23.99 -7.12 23.14
C PRO D 231 -23.86 -5.63 22.85
N GLU D 232 -24.77 -4.80 23.36
CA GLU D 232 -24.69 -3.37 23.07
C GLU D 232 -23.40 -2.75 23.57
N ASP D 233 -22.79 -3.32 24.61
CA ASP D 233 -21.53 -2.78 25.12
C ASP D 233 -20.41 -3.01 24.11
N LEU D 234 -20.44 -4.16 23.44
CA LEU D 234 -19.40 -4.49 22.46
C LEU D 234 -19.46 -3.60 21.23
N ILE D 235 -20.63 -3.01 20.94
CA ILE D 235 -20.72 -2.14 19.77
C ILE D 235 -19.83 -0.93 19.96
N LYS D 236 -19.85 -0.33 21.15
CA LYS D 236 -18.98 0.78 21.45
C LYS D 236 -17.52 0.37 21.44
N PHE D 237 -17.24 -0.91 21.69
CA PHE D 237 -15.87 -1.39 21.69
C PHE D 237 -15.30 -1.46 20.29
N GLY D 238 -16.16 -1.71 19.29
CA GLY D 238 -15.72 -1.78 17.91
C GLY D 238 -16.36 -2.89 17.11
N LEU D 239 -16.91 -3.89 17.78
CA LEU D 239 -17.53 -5.00 17.06
C LEU D 239 -18.80 -4.54 16.37
N ILE D 240 -19.06 -5.14 15.22
CA ILE D 240 -20.23 -4.85 14.40
C ILE D 240 -21.38 -5.69 14.97
N PRO D 241 -22.62 -5.19 14.99
CA PRO D 241 -23.70 -6.03 15.54
C PRO D 241 -23.91 -7.32 14.77
N GLU D 242 -23.65 -7.30 13.46
CA GLU D 242 -23.81 -8.50 12.64
C GLU D 242 -22.89 -9.61 13.13
N PHE D 243 -21.64 -9.28 13.44
CA PHE D 243 -20.70 -10.30 13.89
C PHE D 243 -21.11 -10.85 15.24
N ILE D 244 -21.64 -9.99 16.11
CA ILE D 244 -22.07 -10.46 17.42
C ILE D 244 -23.33 -11.29 17.31
N GLY D 245 -24.20 -10.97 16.35
CA GLY D 245 -25.41 -11.75 16.18
C GLY D 245 -25.11 -13.19 15.83
N ARG D 246 -24.01 -13.42 15.13
CA ARG D 246 -23.61 -14.78 14.77
C ARG D 246 -23.10 -15.56 15.96
N LEU D 247 -22.75 -14.87 17.06
CA LEU D 247 -22.20 -15.49 18.27
C LEU D 247 -23.09 -15.15 19.44
N PRO D 248 -24.23 -15.83 19.59
CA PRO D 248 -25.13 -15.49 20.71
C PRO D 248 -24.57 -15.81 22.08
N VAL D 249 -23.98 -16.99 22.26
CA VAL D 249 -23.52 -17.41 23.57
C VAL D 249 -22.25 -16.65 23.98
N VAL D 250 -22.12 -16.45 25.28
CA VAL D 250 -20.99 -15.77 25.90
C VAL D 250 -20.71 -16.49 27.21
N ALA D 251 -19.44 -16.53 27.61
CA ALA D 251 -19.03 -17.26 28.81
C ALA D 251 -18.00 -16.47 29.61
N THR D 252 -18.46 -15.77 30.64
CA THR D 252 -17.57 -15.05 31.53
C THR D 252 -16.62 -16.04 32.19
N LEU D 253 -15.36 -15.66 32.31
CA LEU D 253 -14.33 -16.57 32.80
C LEU D 253 -14.15 -16.64 34.32
N ASN D 254 -14.49 -15.62 35.10
CA ASN D 254 -14.23 -15.69 36.55
C ASN D 254 -12.74 -15.93 36.75
N GLU D 255 -11.96 -14.93 36.33
CA GLU D 255 -10.51 -15.01 36.17
C GLU D 255 -9.72 -15.73 37.25
N LEU D 256 -9.74 -15.29 38.50
CA LEU D 256 -8.88 -15.98 39.45
C LEU D 256 -9.23 -15.71 40.90
N SER D 257 -9.05 -16.76 41.71
CA SER D 257 -9.19 -16.72 43.15
C SER D 257 -7.84 -17.11 43.73
N GLU D 258 -7.39 -16.37 44.74
CA GLU D 258 -6.11 -16.60 45.40
C GLU D 258 -5.82 -18.08 45.69
N GLU D 259 -6.83 -18.81 46.17
CA GLU D 259 -6.65 -20.22 46.48
C GLU D 259 -6.58 -21.08 45.23
N ALA D 260 -7.20 -20.64 44.14
CA ALA D 260 -7.19 -21.43 42.90
C ALA D 260 -5.77 -21.64 42.39
N LEU D 261 -4.92 -20.63 42.51
CA LEU D 261 -3.55 -20.74 42.02
C LEU D 261 -2.80 -21.86 42.72
N ILE D 262 -3.03 -22.02 44.02
CA ILE D 262 -2.35 -23.09 44.76
C ILE D 262 -2.78 -24.44 44.24
N GLN D 263 -4.06 -24.60 43.91
CA GLN D 263 -4.54 -25.87 43.41
C GLN D 263 -3.97 -26.18 42.04
N ILE D 264 -3.74 -25.15 41.22
CA ILE D 264 -3.21 -25.34 39.88
C ILE D 264 -1.78 -25.86 39.93
N LEU D 265 -1.04 -25.56 41.00
CA LEU D 265 0.34 -26.00 41.08
C LEU D 265 0.50 -27.43 41.58
N LYS D 266 -0.53 -28.02 42.19
CA LYS D 266 -0.45 -29.37 42.74
C LYS D 266 -1.35 -30.38 42.04
N GLU D 267 -2.65 -30.09 41.91
CA GLU D 267 -3.58 -31.07 41.35
C GLU D 267 -3.33 -31.35 39.87
N PRO D 268 -3.21 -30.37 38.97
CA PRO D 268 -3.02 -30.68 37.56
C PRO D 268 -1.78 -31.51 37.27
N LYS D 269 -1.87 -32.31 36.21
CA LYS D 269 -0.76 -33.14 35.79
C LYS D 269 0.33 -32.31 35.13
N ASN D 270 -0.05 -31.26 34.40
CA ASN D 270 0.91 -30.38 33.73
C ASN D 270 1.26 -29.15 34.55
N ALA D 271 1.08 -29.22 35.86
CA ALA D 271 1.42 -28.09 36.71
C ALA D 271 2.90 -27.79 36.63
N LEU D 272 3.25 -26.54 36.95
CA LEU D 272 4.65 -26.13 36.91
C LEU D 272 5.48 -26.93 37.90
N THR D 273 4.92 -27.25 39.06
CA THR D 273 5.65 -28.02 40.06
C THR D 273 6.04 -29.39 39.53
N LYS D 274 5.12 -30.05 38.82
CA LYS D 274 5.43 -31.35 38.26
C LYS D 274 6.45 -31.25 37.14
N GLN D 275 6.50 -30.11 36.45
CA GLN D 275 7.45 -29.94 35.37
C GLN D 275 8.88 -29.91 35.90
N TYR D 276 9.15 -29.02 36.85
CA TYR D 276 10.48 -28.94 37.43
C TYR D 276 10.84 -30.22 38.17
N GLN D 277 9.84 -30.90 38.75
CA GLN D 277 10.11 -32.17 39.42
C GLN D 277 10.67 -33.17 38.42
N ALA D 278 10.12 -33.19 37.21
CA ALA D 278 10.63 -34.08 36.18
C ALA D 278 11.95 -33.56 35.63
N LEU D 279 12.14 -32.24 35.64
CA LEU D 279 13.38 -31.67 35.12
C LEU D 279 14.56 -32.13 35.95
N PHE D 280 14.39 -32.22 37.27
CA PHE D 280 15.45 -32.68 38.16
C PHE D 280 15.39 -34.18 38.39
N ASN D 281 14.27 -34.82 38.05
CA ASN D 281 14.15 -36.27 38.24
C ASN D 281 15.20 -37.00 37.42
N LEU D 282 15.45 -36.55 36.19
CA LEU D 282 16.45 -37.21 35.36
C LEU D 282 17.85 -37.03 35.93
N GLU D 283 18.07 -35.95 36.67
CA GLU D 283 19.37 -35.70 37.31
C GLU D 283 19.51 -36.46 38.63
N GLY D 284 18.56 -37.30 38.99
CA GLY D 284 18.63 -38.03 40.24
C GLY D 284 18.37 -37.16 41.44
N VAL D 285 17.57 -36.11 41.29
CA VAL D 285 17.25 -35.19 42.38
C VAL D 285 15.76 -34.90 42.37
N ASP D 286 15.17 -34.85 43.57
CA ASP D 286 13.77 -34.55 43.76
C ASP D 286 13.65 -33.33 44.66
N LEU D 287 12.73 -32.43 44.32
CA LEU D 287 12.49 -31.21 45.09
C LEU D 287 11.05 -31.18 45.56
N GLU D 288 10.87 -30.75 46.81
CA GLU D 288 9.56 -30.65 47.43
C GLU D 288 9.21 -29.19 47.67
N PHE D 289 7.91 -28.89 47.54
CA PHE D 289 7.37 -27.56 47.75
C PHE D 289 6.30 -27.65 48.81
N ARG D 290 6.57 -27.08 49.98
CA ARG D 290 5.60 -27.12 51.07
C ARG D 290 4.51 -26.08 50.83
N ASP D 291 3.37 -26.30 51.47
CA ASP D 291 2.23 -25.40 51.31
C ASP D 291 2.53 -24.02 51.85
N GLU D 292 3.38 -23.92 52.87
CA GLU D 292 3.70 -22.60 53.43
C GLU D 292 4.43 -21.73 52.43
N ALA D 293 5.14 -22.34 51.49
CA ALA D 293 5.86 -21.58 50.48
C ALA D 293 4.95 -21.12 49.35
N LEU D 294 3.93 -21.91 49.02
CA LEU D 294 3.03 -21.58 47.92
C LEU D 294 2.11 -20.42 48.26
N ASP D 295 1.75 -20.24 49.54
CA ASP D 295 0.87 -19.14 49.90
C ASP D 295 1.53 -17.81 49.60
N ALA D 296 2.84 -17.71 49.81
CA ALA D 296 3.55 -16.49 49.50
C ALA D 296 3.67 -16.30 47.99
N ILE D 297 3.81 -17.39 47.25
CA ILE D 297 3.95 -17.30 45.80
C ILE D 297 2.66 -16.79 45.17
N ALA D 298 1.51 -17.16 45.73
CA ALA D 298 0.24 -16.71 45.17
C ALA D 298 0.09 -15.21 45.29
N LYS D 299 0.46 -14.64 46.44
CA LYS D 299 0.34 -13.20 46.63
C LYS D 299 1.25 -12.43 45.70
N LYS D 300 2.43 -12.98 45.39
CA LYS D 300 3.35 -12.29 44.51
C LYS D 300 2.86 -12.28 43.07
N ALA D 301 2.21 -13.36 42.64
CA ALA D 301 1.75 -13.43 41.26
C ALA D 301 0.61 -12.47 41.00
N MET D 302 -0.37 -12.42 41.90
CA MET D 302 -1.50 -11.51 41.72
C MET D 302 -1.05 -10.06 41.69
N ALA D 303 0.03 -9.74 42.40
CA ALA D 303 0.54 -8.38 42.40
C ALA D 303 1.05 -7.96 41.04
N ARG D 304 1.47 -8.92 40.22
CA ARG D 304 2.00 -8.62 38.89
C ARG D 304 0.92 -8.39 37.85
N LYS D 305 -0.35 -8.71 38.16
CA LYS D 305 -1.47 -8.54 37.24
C LYS D 305 -1.16 -9.09 35.85
N THR D 306 -0.73 -10.35 35.82
CA THR D 306 -0.39 -11.03 34.58
C THR D 306 -0.97 -12.43 34.51
N GLY D 307 -1.68 -12.88 35.54
CA GLY D 307 -2.30 -14.19 35.54
C GLY D 307 -1.34 -15.32 35.83
N ALA D 308 -1.82 -16.52 35.54
CA ALA D 308 -1.03 -17.71 35.78
C ALA D 308 0.23 -17.76 34.92
N ARG D 309 0.17 -17.19 33.72
CA ARG D 309 1.33 -17.22 32.84
C ARG D 309 2.50 -16.44 33.43
N GLY D 310 2.22 -15.45 34.28
CA GLY D 310 3.26 -14.70 34.94
C GLY D 310 3.78 -15.33 36.21
N LEU D 311 3.43 -16.60 36.45
CA LEU D 311 3.85 -17.29 37.65
C LEU D 311 5.29 -17.80 37.57
N ARG D 312 5.74 -18.18 36.37
CA ARG D 312 7.10 -18.71 36.23
C ARG D 312 8.15 -17.69 36.64
N SER D 313 7.85 -16.39 36.49
CA SER D 313 8.81 -15.37 36.88
C SER D 313 9.17 -15.46 38.35
N ILE D 314 8.22 -15.85 39.19
CA ILE D 314 8.46 -15.96 40.63
C ILE D 314 9.34 -17.18 40.92
N VAL D 315 9.10 -18.27 40.21
CA VAL D 315 9.85 -19.49 40.46
C VAL D 315 11.27 -19.38 39.95
N GLU D 316 11.44 -19.04 38.67
CA GLU D 316 12.77 -19.00 38.08
C GLU D 316 13.66 -17.94 38.72
N ALA D 317 13.08 -16.86 39.23
CA ALA D 317 13.91 -15.84 39.87
C ALA D 317 14.55 -16.38 41.15
N ALA D 318 13.86 -17.31 41.82
CA ALA D 318 14.39 -17.91 43.04
C ALA D 318 15.42 -18.99 42.74
N LEU D 319 15.03 -19.98 41.96
CA LEU D 319 15.82 -21.13 41.56
C LEU D 319 16.91 -20.81 40.55
N LEU D 320 17.15 -19.55 40.20
CA LEU D 320 18.18 -19.21 39.22
C LEU D 320 19.55 -19.68 39.70
N ASP D 321 20.00 -19.16 40.84
CA ASP D 321 21.32 -19.52 41.37
C ASP D 321 21.40 -21.01 41.66
N THR D 322 20.30 -21.62 42.09
CA THR D 322 20.32 -23.06 42.40
C THR D 322 20.56 -23.87 41.14
N MET D 323 19.76 -23.65 40.10
CA MET D 323 19.92 -24.40 38.86
C MET D 323 21.26 -24.12 38.18
N TYR D 324 21.88 -22.99 38.48
CA TYR D 324 23.15 -22.66 37.84
C TYR D 324 24.30 -23.50 38.40
N ASP D 325 24.28 -23.77 39.71
CA ASP D 325 25.33 -24.52 40.38
C ASP D 325 24.91 -25.92 40.81
N LEU D 326 23.79 -26.43 40.31
CA LEU D 326 23.34 -27.76 40.71
C LEU D 326 24.10 -28.91 40.04
N PRO D 327 24.38 -28.86 38.73
CA PRO D 327 25.10 -29.99 38.11
C PRO D 327 26.50 -30.20 38.66
N SER D 328 27.23 -29.12 38.91
CA SER D 328 28.58 -29.24 39.46
C SER D 328 28.56 -29.97 40.79
N MET D 329 27.52 -29.74 41.59
CA MET D 329 27.42 -30.40 42.88
C MET D 329 27.27 -31.90 42.70
N GLU D 330 27.81 -32.65 43.66
CA GLU D 330 27.78 -34.11 43.64
C GLU D 330 27.20 -34.63 44.94
N ASP D 331 26.62 -35.82 44.87
CA ASP D 331 26.02 -36.51 46.01
C ASP D 331 24.75 -35.82 46.51
N VAL D 332 24.17 -34.92 45.72
CA VAL D 332 22.96 -34.21 46.12
C VAL D 332 21.76 -34.99 45.58
N GLU D 333 20.91 -35.46 46.50
CA GLU D 333 19.74 -36.24 46.14
C GLU D 333 18.41 -35.56 46.38
N LYS D 334 18.34 -34.55 47.26
CA LYS D 334 17.07 -33.89 47.54
C LYS D 334 17.30 -32.41 47.86
N VAL D 335 16.31 -31.60 47.50
CA VAL D 335 16.32 -30.16 47.74
C VAL D 335 14.98 -29.75 48.35
N VAL D 336 15.03 -28.85 49.33
CA VAL D 336 13.84 -28.35 50.00
C VAL D 336 13.82 -26.83 49.86
N ILE D 337 12.66 -26.30 49.49
CA ILE D 337 12.46 -24.86 49.28
C ILE D 337 11.48 -24.38 50.33
N ASP D 338 11.93 -23.48 51.19
CA ASP D 338 11.12 -22.90 52.25
C ASP D 338 10.57 -21.54 51.82
N GLU D 339 9.60 -21.05 52.61
CA GLU D 339 8.98 -19.76 52.35
C GLU D 339 10.02 -18.65 52.25
N SER D 340 11.05 -18.72 53.09
CA SER D 340 12.11 -17.71 53.08
C SER D 340 12.80 -17.66 51.72
N VAL D 341 12.91 -18.79 51.04
CA VAL D 341 13.58 -18.83 49.74
C VAL D 341 12.86 -17.93 48.75
N ILE D 342 11.53 -17.92 48.79
CA ILE D 342 10.77 -17.07 47.89
C ILE D 342 11.00 -15.60 48.22
N ASP D 343 11.05 -15.28 49.51
CA ASP D 343 11.31 -13.91 49.92
C ASP D 343 12.73 -13.48 49.54
N GLY D 344 13.66 -14.42 49.47
CA GLY D 344 15.04 -14.14 49.15
C GLY D 344 15.94 -13.95 50.34
N GLN D 345 15.41 -14.00 51.56
CA GLN D 345 16.24 -13.81 52.74
C GLN D 345 17.22 -14.96 52.91
N SER D 346 16.78 -16.19 52.72
CA SER D 346 17.60 -17.38 52.86
C SER D 346 17.73 -18.09 51.51
N GLU D 347 18.46 -19.19 51.54
CA GLU D 347 18.72 -20.04 50.38
C GLU D 347 18.06 -21.40 50.54
N PRO D 348 17.81 -22.11 49.44
CA PRO D 348 17.16 -23.43 49.55
C PRO D 348 18.11 -24.47 50.14
N LEU D 349 17.63 -25.14 51.18
CA LEU D 349 18.42 -26.18 51.84
C LEU D 349 18.72 -27.32 50.87
N LEU D 350 19.94 -27.84 50.94
CA LEU D 350 20.40 -28.93 50.10
C LEU D 350 20.68 -30.16 50.96
N ILE D 351 20.36 -31.33 50.41
CA ILE D 351 20.54 -32.61 51.07
C ILE D 351 21.65 -33.37 50.36
N TYR D 352 22.40 -34.15 51.13
CA TYR D 352 23.50 -34.97 50.62
C TYR D 352 23.20 -36.43 50.91
N GLY D 353 23.35 -37.27 49.89
CA GLY D 353 23.09 -38.69 50.02
C GLY D 353 24.32 -39.48 50.39
N LEU E 3 27.32 -32.51 26.46
CA LEU E 3 26.80 -32.37 27.81
C LEU E 3 27.32 -31.07 28.44
N PRO E 4 26.90 -29.94 27.90
CA PRO E 4 27.36 -28.66 28.44
C PRO E 4 26.76 -28.37 29.81
N THR E 5 27.48 -27.60 30.61
CA THR E 5 27.09 -27.22 31.95
C THR E 5 27.13 -25.71 32.13
N PRO E 6 26.27 -25.14 32.99
CA PRO E 6 26.30 -23.69 33.24
C PRO E 6 27.67 -23.13 33.56
N HIS E 7 28.50 -23.86 34.28
CA HIS E 7 29.82 -23.34 34.61
C HIS E 7 30.71 -23.32 33.38
N GLU E 8 30.61 -24.34 32.54
CA GLU E 8 31.43 -24.38 31.33
C GLU E 8 30.97 -23.35 30.32
N ILE E 9 29.65 -23.22 30.14
CA ILE E 9 29.12 -22.25 29.19
C ILE E 9 29.37 -20.83 29.69
N ARG E 10 29.29 -20.62 31.00
CA ARG E 10 29.51 -19.28 31.53
C ARG E 10 30.98 -18.90 31.42
N ASN E 11 31.88 -19.87 31.60
CA ASN E 11 33.29 -19.60 31.45
C ASN E 11 33.60 -19.14 30.03
N HIS E 12 32.93 -19.74 29.05
CA HIS E 12 33.13 -19.34 27.66
C HIS E 12 32.56 -17.95 27.42
N LEU E 13 31.37 -17.67 27.95
CA LEU E 13 30.77 -16.35 27.77
C LEU E 13 31.54 -15.28 28.54
N ASP E 14 32.10 -15.64 29.70
CA ASP E 14 32.86 -14.67 30.48
C ASP E 14 34.06 -14.15 29.70
N ASP E 15 34.59 -14.95 28.80
CA ASP E 15 35.75 -14.53 28.00
C ASP E 15 35.41 -13.35 27.10
N TYR E 16 34.16 -13.23 26.66
CA TYR E 16 33.75 -12.17 25.76
C TYR E 16 32.93 -11.07 26.42
N VAL E 17 32.41 -11.29 27.62
CA VAL E 17 31.59 -10.31 28.32
C VAL E 17 32.08 -10.16 29.75
N ILE E 18 32.04 -8.93 30.27
CA ILE E 18 32.48 -8.62 31.63
C ILE E 18 31.45 -7.77 32.34
N GLY E 19 31.26 -8.03 33.64
CA GLY E 19 30.36 -7.26 34.48
C GLY E 19 28.89 -7.52 34.28
N GLN E 20 28.52 -8.72 33.84
CA GLN E 20 27.14 -9.11 33.58
C GLN E 20 26.85 -10.45 34.23
N GLU E 21 27.26 -10.60 35.48
CA GLU E 21 27.09 -11.87 36.19
C GLU E 21 25.63 -12.29 36.28
N GLN E 22 24.72 -11.34 36.54
CA GLN E 22 23.31 -11.69 36.64
C GLN E 22 22.75 -12.13 35.29
N ALA E 23 23.09 -11.42 34.23
CA ALA E 23 22.60 -11.76 32.90
C ALA E 23 23.08 -13.13 32.45
N LYS E 24 24.36 -13.42 32.69
CA LYS E 24 24.94 -14.68 32.25
C LYS E 24 24.24 -15.89 32.87
N LYS E 25 23.88 -15.80 34.15
CA LYS E 25 23.23 -16.92 34.83
C LYS E 25 21.92 -17.29 34.16
N VAL E 26 21.13 -16.29 33.78
CA VAL E 26 19.83 -16.56 33.16
C VAL E 26 20.01 -17.32 31.86
N LEU E 27 20.96 -16.92 31.02
CA LEU E 27 21.15 -17.59 29.74
C LEU E 27 21.63 -19.01 29.94
N ALA E 28 22.54 -19.22 30.88
CA ALA E 28 23.06 -20.56 31.14
C ALA E 28 21.94 -21.52 31.52
N VAL E 29 21.03 -21.08 32.38
CA VAL E 29 19.94 -21.95 32.80
C VAL E 29 19.03 -22.29 31.62
N ALA E 30 18.65 -21.27 30.85
CA ALA E 30 17.76 -21.51 29.72
C ALA E 30 18.44 -22.40 28.69
N VAL E 31 19.70 -22.12 28.37
CA VAL E 31 20.44 -22.94 27.41
C VAL E 31 20.54 -24.37 27.94
N TYR E 32 20.87 -24.53 29.21
CA TYR E 32 21.00 -25.86 29.78
C TYR E 32 19.64 -26.54 29.84
N ASN E 33 18.60 -25.82 30.26
CA ASN E 33 17.27 -26.38 30.32
C ASN E 33 16.73 -26.69 28.93
N HIS E 34 16.98 -25.79 27.97
CA HIS E 34 16.47 -26.01 26.62
C HIS E 34 17.05 -27.28 26.01
N TYR E 35 18.36 -27.48 26.16
CA TYR E 35 18.96 -28.70 25.66
C TYR E 35 18.38 -29.90 26.41
N LYS E 36 18.18 -29.73 27.71
CA LYS E 36 17.61 -30.80 28.52
C LYS E 36 16.17 -31.09 28.13
N ARG E 37 15.38 -30.04 27.87
CA ARG E 37 13.99 -30.22 27.46
C ARG E 37 13.89 -31.00 26.17
N LEU E 38 14.67 -30.61 25.16
CA LEU E 38 14.61 -31.29 23.89
C LEU E 38 15.18 -32.70 23.99
N ARG E 39 16.16 -32.91 24.87
CA ARG E 39 16.73 -34.24 25.04
C ARG E 39 15.66 -35.22 25.52
N ASN E 40 14.79 -34.77 26.41
CA ASN E 40 13.74 -35.63 26.94
C ASN E 40 12.80 -36.10 25.84
N GLY E 41 12.48 -37.39 25.87
CA GLY E 41 11.55 -37.95 24.91
C GLY E 41 10.16 -37.34 24.98
N ASP E 42 9.80 -36.78 26.15
CA ASP E 42 8.53 -36.18 26.51
C ASP E 42 7.48 -37.25 26.81
N THR E 43 7.81 -38.53 26.69
CA THR E 43 6.89 -39.63 27.02
C THR E 43 7.15 -40.05 28.47
N SER E 44 6.84 -39.14 29.38
CA SER E 44 7.04 -39.34 30.81
C SER E 44 5.92 -38.66 31.56
N ASN E 45 6.00 -38.74 32.89
CA ASN E 45 4.98 -38.11 33.75
C ASN E 45 4.84 -36.63 33.41
N GLY E 46 5.97 -35.93 33.27
CA GLY E 46 5.92 -34.54 32.88
C GLY E 46 5.46 -34.44 31.45
N VAL E 47 4.37 -33.71 31.21
CA VAL E 47 3.80 -33.55 29.88
C VAL E 47 3.71 -32.06 29.57
N GLU E 48 4.06 -31.71 28.34
CA GLU E 48 4.07 -30.34 27.86
C GLU E 48 4.85 -29.44 28.81
N LEU E 49 6.13 -29.78 28.94
CA LEU E 49 7.04 -29.04 29.82
C LEU E 49 7.04 -27.56 29.46
N GLY E 50 7.10 -26.72 30.48
CA GLY E 50 7.07 -25.29 30.23
C GLY E 50 8.38 -24.78 29.66
N LYS E 51 8.27 -23.66 28.94
CA LYS E 51 9.40 -22.99 28.32
C LYS E 51 9.49 -21.59 28.92
N SER E 52 10.67 -21.27 29.44
CA SER E 52 10.92 -19.96 30.04
C SER E 52 11.59 -19.06 29.02
N ASN E 53 10.90 -17.98 28.64
CA ASN E 53 11.45 -17.02 27.70
C ASN E 53 12.35 -16.05 28.46
N ILE E 54 13.04 -15.18 27.72
CA ILE E 54 13.97 -14.23 28.29
C ILE E 54 13.73 -12.84 27.72
N LEU E 55 13.84 -11.84 28.58
CA LEU E 55 13.68 -10.43 28.22
C LEU E 55 14.92 -9.70 28.73
N LEU E 56 15.79 -9.28 27.80
CA LEU E 56 17.04 -8.61 28.14
C LEU E 56 16.88 -7.10 28.01
N ILE E 57 16.71 -6.42 29.14
CA ILE E 57 16.59 -4.98 29.21
C ILE E 57 17.88 -4.44 29.83
N GLY E 58 18.43 -3.40 29.21
CA GLY E 58 19.63 -2.79 29.72
C GLY E 58 19.91 -1.43 29.11
N PRO E 59 20.86 -0.69 29.67
CA PRO E 59 21.20 0.61 29.10
C PRO E 59 21.80 0.47 27.70
N THR E 60 21.96 1.61 27.05
CA THR E 60 22.52 1.64 25.70
C THR E 60 23.98 1.23 25.69
N GLY E 61 24.35 0.42 24.70
CA GLY E 61 25.72 -0.01 24.53
C GLY E 61 26.28 -0.82 25.69
N SER E 62 25.43 -1.45 26.49
CA SER E 62 25.90 -2.23 27.62
C SER E 62 26.36 -3.63 27.24
N GLY E 63 26.09 -4.08 26.02
CA GLY E 63 26.50 -5.38 25.55
C GLY E 63 25.38 -6.40 25.38
N LYS E 64 24.14 -5.97 25.20
CA LYS E 64 23.04 -6.92 25.03
C LYS E 64 23.15 -7.64 23.71
N THR E 65 23.32 -6.88 22.62
CA THR E 65 23.42 -7.49 21.30
C THR E 65 24.63 -8.40 21.18
N LEU E 66 25.69 -8.11 21.93
CA LEU E 66 26.89 -8.92 21.88
C LEU E 66 26.68 -10.30 22.45
N LEU E 67 25.87 -10.41 23.51
CA LEU E 67 25.65 -11.70 24.15
C LEU E 67 24.99 -12.69 23.19
N ALA E 68 24.03 -12.23 22.41
CA ALA E 68 23.38 -13.11 21.46
C ALA E 68 24.33 -13.56 20.36
N GLU E 69 25.25 -12.68 19.94
CA GLU E 69 26.18 -13.03 18.89
C GLU E 69 27.18 -14.08 19.34
N THR E 70 27.74 -13.90 20.54
CA THR E 70 28.71 -14.85 21.06
C THR E 70 28.08 -16.21 21.32
N LEU E 71 26.81 -16.22 21.70
CA LEU E 71 26.12 -17.47 22.01
C LEU E 71 26.03 -18.38 20.78
N ALA E 72 25.76 -17.81 19.62
CA ALA E 72 25.60 -18.62 18.41
C ALA E 72 26.89 -19.36 18.04
N ARG E 73 28.05 -18.79 18.34
CA ARG E 73 29.31 -19.47 18.04
C ARG E 73 29.41 -20.76 18.83
N LEU E 74 29.13 -20.68 20.13
CA LEU E 74 29.19 -21.85 21.01
C LEU E 74 27.97 -22.74 20.85
N LEU E 75 26.83 -22.18 20.44
CA LEU E 75 25.62 -22.97 20.30
C LEU E 75 25.69 -23.89 19.08
N ASP E 76 25.25 -25.12 19.28
CA ASP E 76 25.23 -26.10 18.19
C ASP E 76 23.96 -25.97 17.35
N VAL E 77 22.83 -25.83 18.02
CA VAL E 77 21.52 -25.70 17.36
C VAL E 77 21.46 -24.39 16.59
N PRO E 78 20.59 -24.27 15.59
CA PRO E 78 20.54 -23.02 14.81
C PRO E 78 20.15 -21.81 15.63
N PHE E 79 20.64 -20.65 15.20
CA PHE E 79 20.38 -19.37 15.83
C PHE E 79 20.16 -18.34 14.74
N THR E 80 19.24 -17.42 14.99
CA THR E 80 18.91 -16.36 14.05
C THR E 80 18.71 -15.07 14.82
N MET E 81 19.14 -13.96 14.22
CA MET E 81 19.05 -12.64 14.84
C MET E 81 18.31 -11.69 13.91
N ALA E 82 17.03 -11.47 14.21
CA ALA E 82 16.15 -10.60 13.46
C ALA E 82 15.99 -9.26 14.19
N ASP E 83 15.12 -8.40 13.66
CA ASP E 83 14.85 -7.10 14.26
C ASP E 83 13.39 -6.75 14.03
N ALA E 84 12.79 -6.09 15.01
CA ALA E 84 11.39 -5.69 14.96
C ALA E 84 11.17 -4.34 14.29
N THR E 85 12.20 -3.77 13.67
CA THR E 85 12.04 -2.47 13.03
C THR E 85 11.24 -2.59 11.74
N THR E 86 11.50 -3.62 10.96
CA THR E 86 10.84 -3.83 9.68
C THR E 86 9.49 -4.54 9.78
N LEU E 87 9.11 -5.04 10.95
CA LEU E 87 7.87 -5.79 11.06
C LEU E 87 6.65 -4.87 11.01
N THR E 88 5.66 -5.28 10.21
CA THR E 88 4.40 -4.58 10.05
C THR E 88 3.26 -5.58 10.15
N GLU E 89 2.22 -5.21 10.87
CA GLU E 89 1.07 -6.08 11.05
C GLU E 89 0.08 -5.92 9.91
N ALA E 90 -0.82 -6.90 9.81
CA ALA E 90 -1.90 -6.93 8.83
C ALA E 90 -1.40 -7.01 7.39
N GLY E 91 -0.28 -7.70 7.18
CA GLY E 91 0.22 -7.87 5.83
C GLY E 91 0.54 -6.60 5.08
N TYR E 92 1.18 -5.63 5.73
CA TYR E 92 1.50 -4.39 5.06
C TYR E 92 2.75 -4.57 4.20
N VAL E 93 3.21 -3.47 3.59
CA VAL E 93 4.34 -3.52 2.68
C VAL E 93 5.66 -3.72 3.40
N GLY E 94 5.78 -3.32 4.67
CA GLY E 94 7.05 -3.44 5.35
C GLY E 94 7.61 -4.83 5.50
N GLU E 95 6.95 -5.67 6.29
CA GLU E 95 7.40 -7.04 6.53
C GLU E 95 6.34 -7.72 7.38
N ASP E 96 6.38 -9.05 7.39
CA ASP E 96 5.49 -9.88 8.17
C ASP E 96 6.30 -10.60 9.24
N VAL E 97 5.59 -11.15 10.23
CA VAL E 97 6.25 -11.83 11.32
C VAL E 97 6.84 -13.17 10.87
N GLU E 98 6.30 -13.76 9.80
CA GLU E 98 6.83 -15.02 9.31
C GLU E 98 8.26 -14.87 8.79
N ASN E 99 8.69 -13.64 8.49
CA ASN E 99 10.05 -13.40 8.01
C ASN E 99 11.09 -13.94 8.98
N ILE E 100 10.78 -13.91 10.29
CA ILE E 100 11.72 -14.40 11.29
C ILE E 100 11.98 -15.89 11.12
N ILE E 101 10.94 -16.66 10.80
CA ILE E 101 11.10 -18.11 10.71
C ILE E 101 11.91 -18.49 9.48
N GLN E 102 11.62 -17.88 8.33
CA GLN E 102 12.37 -18.23 7.13
C GLN E 102 13.85 -17.87 7.27
N LYS E 103 14.16 -16.82 8.02
CA LYS E 103 15.56 -16.45 8.23
C LYS E 103 16.29 -17.53 9.02
N LEU E 104 15.56 -18.23 9.89
CA LEU E 104 16.17 -19.30 10.68
C LEU E 104 16.59 -20.46 9.78
N LEU E 105 15.77 -20.78 8.78
CA LEU E 105 16.09 -21.90 7.91
C LEU E 105 17.33 -21.62 7.08
N GLN E 106 17.60 -20.35 6.76
CA GLN E 106 18.81 -20.02 6.01
C GLN E 106 20.04 -20.47 6.78
N LYS E 107 20.02 -20.28 8.10
CA LYS E 107 21.11 -20.73 8.95
C LYS E 107 21.06 -22.23 9.16
N SER E 108 19.87 -22.81 9.13
CA SER E 108 19.66 -24.23 9.34
C SER E 108 19.64 -25.04 8.04
N ASP E 109 19.76 -24.38 6.89
CA ASP E 109 19.75 -25.06 5.60
C ASP E 109 18.42 -25.76 5.31
N TYR E 110 17.33 -25.13 5.74
CA TYR E 110 15.97 -25.63 5.49
C TYR E 110 15.75 -27.02 6.06
N ASP E 111 16.01 -27.15 7.36
CA ASP E 111 15.83 -28.40 8.10
C ASP E 111 14.75 -28.12 9.15
N VAL E 112 13.55 -28.64 8.92
CA VAL E 112 12.42 -28.37 9.81
C VAL E 112 12.64 -28.99 11.19
N GLN E 113 13.05 -30.26 11.24
CA GLN E 113 13.23 -30.91 12.52
C GLN E 113 14.34 -30.25 13.33
N LYS E 114 15.36 -29.74 12.66
CA LYS E 114 16.47 -29.07 13.34
C LYS E 114 16.17 -27.61 13.63
N ALA E 115 15.22 -27.01 12.93
CA ALA E 115 14.90 -25.60 13.13
C ALA E 115 13.99 -25.36 14.32
N GLN E 116 13.07 -26.28 14.60
CA GLN E 116 12.16 -26.09 15.73
C GLN E 116 12.92 -26.04 17.05
N ARG E 117 14.05 -26.73 17.13
CA ARG E 117 14.88 -26.71 18.33
C ARG E 117 15.83 -25.52 18.37
N GLY E 118 15.69 -24.57 17.44
CA GLY E 118 16.55 -23.40 17.39
C GLY E 118 16.15 -22.33 18.38
N ILE E 119 17.03 -21.32 18.47
CA ILE E 119 16.87 -20.18 19.35
C ILE E 119 16.74 -18.93 18.49
N VAL E 120 15.93 -17.99 18.98
CA VAL E 120 15.63 -16.75 18.26
C VAL E 120 15.98 -15.56 19.14
N TYR E 121 16.47 -14.49 18.51
CA TYR E 121 16.82 -13.24 19.17
C TYR E 121 16.21 -12.08 18.41
N ILE E 122 15.73 -11.08 19.16
CA ILE E 122 15.14 -9.88 18.59
C ILE E 122 15.76 -8.68 19.27
N ASP E 123 16.08 -7.66 18.47
CA ASP E 123 16.70 -6.43 18.94
C ASP E 123 15.72 -5.26 18.81
N GLN E 124 15.96 -4.23 19.63
CA GLN E 124 15.18 -3.00 19.59
C GLN E 124 13.69 -3.25 19.83
N ILE E 125 13.38 -4.10 20.80
CA ILE E 125 12.00 -4.43 21.11
C ILE E 125 11.22 -3.23 21.61
N ASP E 126 11.90 -2.25 22.21
CA ASP E 126 11.19 -1.08 22.72
C ASP E 126 10.58 -0.23 21.60
N LYS E 127 11.05 -0.39 20.37
CA LYS E 127 10.53 0.37 19.24
C LYS E 127 9.04 0.17 19.00
N ILE E 128 8.43 -0.89 19.55
CA ILE E 128 7.03 -1.20 19.33
C ILE E 128 6.19 -0.94 20.57
N SER E 129 6.74 -0.26 21.57
CA SER E 129 5.97 0.07 22.76
C SER E 129 5.07 1.27 22.48
N ARG E 130 3.86 1.26 23.04
CA ARG E 130 2.98 2.40 22.87
C ARG E 130 3.65 3.61 23.49
N LYS E 131 3.32 4.80 22.98
CA LYS E 131 3.95 6.03 23.45
C LYS E 131 3.32 6.54 24.75
N SER E 132 3.40 5.70 25.78
CA SER E 132 2.92 6.00 27.13
C SER E 132 1.50 6.54 27.12
N ASP E 133 0.64 5.90 26.33
CA ASP E 133 -0.75 6.29 26.16
C ASP E 133 -1.69 5.14 26.52
N ASN E 134 -2.97 5.46 26.53
CA ASN E 134 -4.05 4.52 26.77
C ASN E 134 -4.33 3.86 25.42
N PRO E 135 -5.26 2.91 25.34
CA PRO E 135 -5.55 2.30 24.03
C PRO E 135 -5.82 3.37 22.97
N SER E 136 -5.21 3.18 21.81
CA SER E 136 -5.26 4.15 20.74
C SER E 136 -6.66 4.32 20.16
N ILE E 137 -6.83 5.45 19.48
CA ILE E 137 -8.07 5.78 18.78
C ILE E 137 -8.01 5.38 17.31
N THR E 138 -6.88 4.87 16.84
CA THR E 138 -6.70 4.46 15.46
C THR E 138 -5.74 3.28 15.44
N ARG E 139 -5.54 2.73 14.24
CA ARG E 139 -4.67 1.57 14.10
C ARG E 139 -3.20 1.99 14.08
N ASP E 140 -2.41 1.35 14.92
CA ASP E 140 -0.97 1.58 15.03
C ASP E 140 -0.29 0.37 14.43
N VAL E 141 -0.04 0.42 13.12
CA VAL E 141 0.59 -0.69 12.40
C VAL E 141 1.89 -1.12 13.06
N SER E 142 2.73 -0.16 13.46
CA SER E 142 3.98 -0.44 14.13
C SER E 142 3.79 0.01 15.58
N GLY E 143 3.80 -0.95 16.49
CA GLY E 143 3.57 -0.68 17.89
C GLY E 143 2.62 -1.69 18.48
N GLU E 144 1.51 -1.19 19.05
CA GLU E 144 0.49 -2.05 19.64
C GLU E 144 0.05 -3.17 18.71
N GLY E 145 0.01 -2.91 17.40
CA GLY E 145 -0.39 -3.92 16.46
C GLY E 145 0.60 -5.06 16.35
N VAL E 146 1.90 -4.74 16.37
CA VAL E 146 2.94 -5.77 16.22
C VAL E 146 2.95 -6.71 17.41
N GLN E 147 2.73 -6.18 18.61
CA GLN E 147 2.75 -7.01 19.81
C GLN E 147 1.63 -8.05 19.76
N GLN E 148 0.47 -7.64 19.28
CA GLN E 148 -0.68 -8.54 19.17
C GLN E 148 -0.34 -9.76 18.32
N ALA E 149 0.44 -9.57 17.25
CA ALA E 149 0.77 -10.67 16.36
C ALA E 149 1.78 -11.64 16.95
N LEU E 150 2.70 -11.15 17.78
CA LEU E 150 3.73 -12.01 18.34
C LEU E 150 3.23 -12.89 19.47
N LEU E 151 2.10 -12.54 20.09
CA LEU E 151 1.56 -13.30 21.21
C LEU E 151 1.43 -14.78 20.89
N LYS E 152 0.68 -15.11 19.84
CA LYS E 152 0.46 -16.51 19.49
C LYS E 152 1.76 -17.18 19.07
N LEU E 153 2.69 -16.42 18.48
CA LEU E 153 3.94 -17.02 18.03
C LEU E 153 4.78 -17.48 19.21
N ILE E 154 4.79 -16.71 20.29
CA ILE E 154 5.63 -17.06 21.44
C ILE E 154 5.06 -18.27 22.17
N GLU E 155 3.73 -18.37 22.27
CA GLU E 155 3.14 -19.47 23.02
C GLU E 155 3.33 -20.80 22.29
N GLY E 156 3.24 -20.78 20.96
CA GLY E 156 3.41 -21.98 20.14
C GLY E 156 2.31 -22.09 19.11
N THR E 157 2.70 -22.24 17.85
CA THR E 157 1.77 -22.37 16.74
C THR E 157 2.57 -22.69 15.50
N VAL E 158 1.84 -22.94 14.40
CA VAL E 158 2.44 -23.26 13.11
C VAL E 158 2.18 -22.10 12.17
N ALA E 159 3.25 -21.62 11.51
CA ALA E 159 3.18 -20.51 10.58
C ALA E 159 3.64 -20.96 9.20
N ALA E 160 2.92 -20.50 8.17
CA ALA E 160 3.26 -20.84 6.79
C ALA E 160 4.56 -20.16 6.39
N VAL E 161 5.49 -20.94 5.86
CA VAL E 161 6.80 -20.43 5.43
C VAL E 161 7.22 -21.08 4.11
N PRO E 162 7.35 -20.34 3.01
CA PRO E 162 7.80 -20.97 1.75
C PRO E 162 9.24 -21.43 1.85
N PRO E 163 9.53 -22.73 1.69
CA PRO E 163 10.93 -23.17 1.78
C PRO E 163 11.73 -22.63 0.61
N GLN E 164 12.82 -21.93 0.93
CA GLN E 164 13.71 -21.29 -0.06
C GLN E 164 13.02 -20.15 -0.77
N GLY E 165 11.81 -19.76 -0.34
CA GLY E 165 11.03 -18.76 -1.02
C GLY E 165 10.11 -19.38 -2.06
N GLY E 166 10.27 -20.67 -2.34
CA GLY E 166 9.53 -21.40 -3.35
C GLY E 166 10.33 -21.43 -4.64
N ARG E 167 10.43 -22.61 -5.25
CA ARG E 167 11.20 -22.74 -6.48
C ARG E 167 10.50 -22.06 -7.64
N LYS E 168 9.22 -22.34 -7.83
CA LYS E 168 8.43 -21.75 -8.89
C LYS E 168 6.97 -21.92 -8.53
N GLN E 171 5.20 -25.68 -6.94
CA GLN E 171 4.91 -26.12 -5.57
C GLN E 171 3.69 -25.40 -5.00
N GLN E 172 3.75 -24.06 -4.91
CA GLN E 172 2.64 -23.24 -4.38
C GLN E 172 2.17 -23.73 -3.02
N GLU E 173 3.12 -24.14 -2.17
CA GLU E 173 2.82 -24.65 -0.84
C GLU E 173 3.68 -23.94 0.19
N PHE E 174 3.35 -24.20 1.46
CA PHE E 174 4.05 -23.63 2.60
C PHE E 174 4.28 -24.72 3.62
N LEU E 175 5.43 -24.67 4.29
CA LEU E 175 5.80 -25.67 5.28
C LEU E 175 5.43 -25.20 6.68
N GLN E 176 4.66 -26.04 7.39
CA GLN E 176 4.26 -25.72 8.75
C GLN E 176 5.47 -25.82 9.66
N VAL E 177 5.64 -24.81 10.51
CA VAL E 177 6.79 -24.73 11.42
C VAL E 177 6.28 -24.54 12.84
N ASP E 178 6.32 -25.61 13.64
CA ASP E 178 5.90 -25.51 15.02
C ASP E 178 6.79 -24.53 15.77
N THR E 179 6.24 -23.92 16.83
CA THR E 179 6.97 -22.96 17.64
C THR E 179 6.78 -23.17 19.13
N SER E 180 6.09 -24.24 19.55
CA SER E 180 5.89 -24.47 20.97
C SER E 180 7.20 -24.70 21.69
N LYS E 181 8.17 -25.32 21.04
CA LYS E 181 9.46 -25.59 21.64
C LYS E 181 10.48 -24.47 21.44
N ILE E 182 10.24 -23.56 20.49
CA ILE E 182 11.22 -22.53 20.22
C ILE E 182 11.29 -21.51 21.35
N LEU E 183 12.52 -21.17 21.71
CA LEU E 183 12.82 -20.17 22.71
C LEU E 183 12.92 -18.81 22.04
N PHE E 184 12.60 -17.76 22.78
CA PHE E 184 12.66 -16.40 22.26
C PHE E 184 13.34 -15.46 23.25
N ILE E 185 14.29 -14.69 22.74
CA ILE E 185 15.03 -13.72 23.54
C ILE E 185 14.77 -12.35 22.90
N CYS E 186 13.84 -11.60 23.49
CA CYS E 186 13.47 -10.27 23.02
C CYS E 186 14.12 -9.25 23.94
N GLY E 187 15.06 -8.47 23.42
CA GLY E 187 15.73 -7.48 24.23
C GLY E 187 16.21 -6.27 23.46
N GLY E 188 15.99 -5.11 24.07
CA GLY E 188 16.40 -3.85 23.47
C GLY E 188 16.52 -2.79 24.54
N ALA E 189 17.40 -1.83 24.30
CA ALA E 189 17.63 -0.76 25.26
C ALA E 189 16.42 0.16 25.35
N PHE E 190 15.74 0.10 26.48
CA PHE E 190 14.58 0.97 26.70
C PHE E 190 15.04 2.33 27.20
N ALA E 191 14.39 3.37 26.71
CA ALA E 191 14.69 4.75 27.07
C ALA E 191 13.62 5.30 28.00
N GLY E 192 14.05 5.95 29.08
CA GLY E 192 13.13 6.55 30.01
C GLY E 192 12.46 5.61 30.98
N LEU E 193 12.84 4.33 30.99
CA LEU E 193 12.20 3.39 31.90
C LEU E 193 12.49 3.74 33.35
N ASP E 194 13.66 4.32 33.63
CA ASP E 194 14.02 4.69 34.99
C ASP E 194 13.05 5.72 35.56
N LYS E 195 12.60 6.68 34.74
CA LYS E 195 11.65 7.67 35.23
C LYS E 195 10.36 7.01 35.67
N VAL E 196 9.91 6.00 34.92
CA VAL E 196 8.68 5.30 35.27
C VAL E 196 8.93 4.46 36.52
N ILE E 197 10.08 3.79 36.58
CA ILE E 197 10.40 2.97 37.73
C ILE E 197 10.54 3.84 38.96
N SER E 198 11.08 5.05 38.79
CA SER E 198 11.26 5.96 39.91
C SER E 198 9.93 6.30 40.54
N HIS E 199 8.92 6.57 39.71
CA HIS E 199 7.59 6.92 40.22
C HIS E 199 6.98 5.77 41.02
N ARG E 200 7.09 4.54 40.49
CA ARG E 200 6.53 3.40 41.21
C ARG E 200 7.36 3.03 42.42
N VAL E 201 8.68 2.98 42.29
CA VAL E 201 9.50 2.58 43.43
C VAL E 201 9.34 3.58 44.56
N GLU E 202 9.27 4.86 44.22
CA GLU E 202 9.04 5.86 45.26
C GLU E 202 7.64 5.62 45.84
N THR E 203 7.56 5.63 47.17
CA THR E 203 6.28 5.39 47.83
C THR E 203 5.26 6.46 47.46
N GLY E 204 5.68 7.70 47.42
CA GLY E 204 4.80 8.81 47.15
C GLY E 204 4.31 9.42 48.45
N SER E 205 3.95 10.70 48.41
CA SER E 205 3.49 11.34 49.63
C SER E 205 2.65 12.56 49.29
N GLY E 206 1.81 12.94 50.25
CA GLY E 206 1.01 14.12 50.11
C GLY E 206 1.82 15.36 50.49
N ILE E 207 1.48 16.48 49.85
CA ILE E 207 2.21 17.72 50.08
C ILE E 207 1.74 18.48 51.30
N GLY E 208 0.59 18.13 51.87
CA GLY E 208 0.08 18.85 53.01
C GLY E 208 0.82 18.54 54.30
N PHE E 209 0.36 19.19 55.37
CA PHE E 209 0.97 19.03 56.69
C PHE E 209 0.79 17.63 57.23
N GLY E 210 -0.46 17.14 57.25
CA GLY E 210 -0.72 15.83 57.84
C GLY E 210 -0.09 14.69 57.05
N ALA E 211 -0.04 14.80 55.74
CA ALA E 211 0.55 13.75 54.93
C ALA E 211 2.04 13.66 55.25
N THR E 212 2.52 12.46 55.48
CA THR E 212 3.93 12.28 55.80
C THR E 212 4.78 12.42 54.55
N VAL E 213 6.04 12.76 54.76
CA VAL E 213 7.02 12.92 53.70
C VAL E 213 8.04 11.79 53.83
N LYS E 214 8.42 11.21 52.69
CA LYS E 214 9.37 10.12 52.64
C LYS E 214 10.60 10.56 51.86
N ALA E 215 11.76 10.45 52.48
CA ALA E 215 13.02 10.83 51.85
C ALA E 215 13.55 9.59 51.14
N LYS E 216 13.62 9.66 49.82
CA LYS E 216 14.04 8.52 49.02
C LYS E 216 14.68 8.99 47.73
N SER E 217 15.34 8.05 47.06
CA SER E 217 15.98 8.30 45.76
C SER E 217 17.03 9.41 45.86
N ASP E 218 17.90 9.31 46.86
CA ASP E 218 18.94 10.31 47.02
C ASP E 218 19.86 10.32 45.81
N LYS E 219 20.24 9.15 45.33
CA LYS E 219 21.06 8.98 44.13
C LYS E 219 20.24 8.23 43.10
N ALA E 220 20.59 8.40 41.83
CA ALA E 220 19.83 7.75 40.76
C ALA E 220 19.88 6.24 40.89
N SER E 221 21.06 5.67 41.15
CA SER E 221 21.24 4.23 41.34
C SER E 221 20.62 3.43 40.19
N GLU E 222 20.84 3.90 38.95
CA GLU E 222 20.30 3.30 37.74
C GLU E 222 20.40 1.78 37.73
N GLY E 223 21.63 1.25 37.89
CA GLY E 223 21.81 -0.18 37.91
C GLY E 223 20.98 -0.86 38.98
N GLU E 224 20.97 -0.28 40.18
CA GLU E 224 20.19 -0.82 41.29
C GLU E 224 18.71 -0.51 41.15
N LEU E 225 18.34 0.44 40.31
CA LEU E 225 16.93 0.81 40.14
C LEU E 225 16.22 -0.14 39.18
N LEU E 226 16.88 -0.51 38.08
CA LEU E 226 16.26 -1.40 37.11
C LEU E 226 15.99 -2.78 37.71
N ALA E 227 16.77 -3.18 38.71
CA ALA E 227 16.56 -4.48 39.36
C ALA E 227 15.19 -4.58 39.99
N GLN E 228 14.61 -3.46 40.41
CA GLN E 228 13.31 -3.43 41.05
C GLN E 228 12.16 -3.34 40.03
N VAL E 229 12.43 -3.66 38.76
CA VAL E 229 11.40 -3.58 37.75
C VAL E 229 10.39 -4.72 37.91
N GLU E 230 9.16 -4.46 37.51
CA GLU E 230 8.07 -5.43 37.55
C GLU E 230 7.23 -5.25 36.30
N PRO E 231 6.33 -6.20 35.99
CA PRO E 231 5.52 -6.04 34.76
C PRO E 231 4.60 -4.84 34.78
N GLU E 232 4.05 -4.48 35.94
CA GLU E 232 3.11 -3.37 36.01
C GLU E 232 3.72 -2.05 35.54
N ASP E 233 5.02 -1.86 35.75
CA ASP E 233 5.64 -0.62 35.30
C ASP E 233 5.69 -0.56 33.78
N LEU E 234 5.94 -1.71 33.15
CA LEU E 234 6.01 -1.74 31.69
C LEU E 234 4.66 -1.45 31.05
N ILE E 235 3.56 -1.72 31.76
CA ILE E 235 2.25 -1.43 31.20
C ILE E 235 2.10 0.07 31.00
N LYS E 236 2.53 0.85 31.99
CA LYS E 236 2.47 2.30 31.87
C LYS E 236 3.41 2.80 30.78
N PHE E 237 4.48 2.07 30.50
CA PHE E 237 5.42 2.49 29.46
C PHE E 237 4.83 2.29 28.06
N GLY E 238 3.94 1.30 27.90
CA GLY E 238 3.30 1.04 26.62
C GLY E 238 3.14 -0.43 26.26
N LEU E 239 3.91 -1.31 26.89
CA LEU E 239 3.79 -2.73 26.60
C LEU E 239 2.46 -3.28 27.11
N ILE E 240 1.92 -4.23 26.36
CA ILE E 240 0.65 -4.87 26.70
C ILE E 240 0.96 -5.96 27.71
N PRO E 241 0.10 -6.23 28.70
CA PRO E 241 0.43 -7.29 29.67
C PRO E 241 0.54 -8.65 29.04
N GLU E 242 -0.26 -8.90 27.99
CA GLU E 242 -0.22 -10.19 27.31
C GLU E 242 1.17 -10.48 26.77
N PHE E 243 1.82 -9.48 26.19
CA PHE E 243 3.16 -9.69 25.63
C PHE E 243 4.17 -9.98 26.73
N ILE E 244 4.06 -9.30 27.87
CA ILE E 244 5.00 -9.54 28.96
C ILE E 244 4.72 -10.87 29.63
N GLY E 245 3.46 -11.29 29.69
CA GLY E 245 3.15 -12.57 30.29
C GLY E 245 3.82 -13.71 29.54
N ARG E 246 4.01 -13.53 28.24
CA ARG E 246 4.71 -14.51 27.42
C ARG E 246 6.21 -14.52 27.72
N LEU E 247 6.72 -13.49 28.42
CA LEU E 247 8.13 -13.35 28.76
C LEU E 247 8.22 -13.30 30.28
N PRO E 248 8.18 -14.44 30.97
CA PRO E 248 8.25 -14.43 32.43
C PRO E 248 9.56 -13.90 32.98
N VAL E 249 10.67 -14.43 32.48
CA VAL E 249 11.97 -14.01 32.98
C VAL E 249 12.31 -12.63 32.45
N VAL E 250 13.22 -11.96 33.15
CA VAL E 250 13.69 -10.64 32.79
C VAL E 250 15.12 -10.53 33.28
N ALA E 251 15.89 -9.68 32.61
CA ALA E 251 17.29 -9.48 32.95
C ALA E 251 17.60 -8.00 33.00
N THR E 252 18.22 -7.58 34.10
CA THR E 252 18.64 -6.20 34.32
C THR E 252 20.15 -6.16 34.18
N LEU E 253 20.64 -5.27 33.33
CA LEU E 253 22.06 -5.13 33.07
C LEU E 253 22.59 -3.83 33.62
N ASN E 254 23.62 -3.92 34.44
CA ASN E 254 24.25 -2.74 35.01
C ASN E 254 24.99 -1.98 33.92
N GLU E 255 25.17 -0.69 34.16
CA GLU E 255 25.87 0.17 33.21
C GLU E 255 27.35 0.12 33.54
N LEU E 256 28.17 -0.05 32.51
CA LEU E 256 29.60 -0.13 32.71
C LEU E 256 30.14 1.19 33.24
N SER E 257 31.17 1.10 34.06
CA SER E 257 31.83 2.24 34.69
C SER E 257 33.27 2.33 34.21
N GLU E 258 33.92 3.43 34.61
CA GLU E 258 35.31 3.73 34.28
C GLU E 258 36.22 2.51 34.45
N GLU E 259 36.03 1.74 35.51
CA GLU E 259 36.86 0.56 35.74
C GLU E 259 36.48 -0.59 34.83
N ALA E 260 35.20 -0.70 34.46
CA ALA E 260 34.76 -1.80 33.61
C ALA E 260 35.41 -1.72 32.23
N LEU E 261 35.59 -0.52 31.70
CA LEU E 261 36.18 -0.36 30.39
C LEU E 261 37.64 -0.82 30.35
N ILE E 262 38.37 -0.62 31.45
CA ILE E 262 39.77 -1.01 31.48
C ILE E 262 39.91 -2.52 31.32
N GLN E 263 39.04 -3.28 31.98
CA GLN E 263 39.10 -4.74 31.85
C GLN E 263 38.67 -5.19 30.47
N ILE E 264 37.72 -4.47 29.85
CA ILE E 264 37.23 -4.83 28.53
C ILE E 264 38.32 -4.69 27.47
N LEU E 265 39.30 -3.81 27.70
CA LEU E 265 40.35 -3.60 26.71
C LEU E 265 41.49 -4.61 26.80
N LYS E 266 41.59 -5.36 27.89
CA LYS E 266 42.69 -6.31 28.09
C LYS E 266 42.25 -7.76 28.16
N GLU E 267 41.26 -8.09 28.99
CA GLU E 267 40.88 -9.50 29.17
C GLU E 267 40.20 -10.11 27.95
N PRO E 268 39.18 -9.50 27.33
CA PRO E 268 38.54 -10.14 26.18
C PRO E 268 39.51 -10.39 25.04
N LYS E 269 39.27 -11.49 24.32
CA LYS E 269 40.13 -11.85 23.20
C LYS E 269 39.86 -10.98 21.98
N ASN E 270 38.61 -10.55 21.77
CA ASN E 270 38.26 -9.72 20.64
C ASN E 270 38.29 -8.24 20.98
N ALA E 271 39.04 -7.85 22.00
CA ALA E 271 39.12 -6.44 22.38
C ALA E 271 39.78 -5.63 21.27
N LEU E 272 39.40 -4.34 21.23
CA LEU E 272 39.95 -3.46 20.21
C LEU E 272 41.47 -3.35 20.33
N THR E 273 41.99 -3.38 21.55
CA THR E 273 43.43 -3.29 21.75
C THR E 273 44.14 -4.44 21.06
N LYS E 274 43.59 -5.66 21.17
CA LYS E 274 44.21 -6.81 20.54
C LYS E 274 44.03 -6.78 19.03
N GLN E 275 42.96 -6.13 18.55
CA GLN E 275 42.74 -6.04 17.11
C GLN E 275 43.89 -5.28 16.45
N TYR E 276 44.20 -4.10 16.96
CA TYR E 276 45.30 -3.31 16.40
C TYR E 276 46.62 -4.02 16.61
N GLN E 277 46.75 -4.80 17.69
CA GLN E 277 47.99 -5.54 17.91
C GLN E 277 48.24 -6.50 16.77
N ALA E 278 47.18 -7.14 16.27
CA ALA E 278 47.30 -8.02 15.12
C ALA E 278 47.45 -7.23 13.84
N LEU E 279 46.88 -6.03 13.80
CA LEU E 279 46.99 -5.20 12.60
C LEU E 279 48.44 -4.83 12.32
N PHE E 280 49.21 -4.57 13.37
CA PHE E 280 50.62 -4.24 13.24
C PHE E 280 51.52 -5.47 13.25
N ASN E 281 51.03 -6.60 13.78
CA ASN E 281 51.85 -7.80 13.81
C ASN E 281 52.18 -8.26 12.39
N LEU E 282 51.20 -8.19 11.49
CA LEU E 282 51.46 -8.56 10.10
C LEU E 282 52.42 -7.58 9.45
N GLU E 283 52.45 -6.34 9.94
CA GLU E 283 53.33 -5.31 9.43
C GLU E 283 54.73 -5.38 10.01
N GLY E 284 55.01 -6.36 10.86
CA GLY E 284 56.32 -6.47 11.47
C GLY E 284 56.59 -5.41 12.51
N VAL E 285 55.52 -4.93 13.16
CA VAL E 285 55.62 -3.91 14.20
C VAL E 285 54.78 -4.36 15.39
N ASP E 286 55.25 -4.02 16.59
CA ASP E 286 54.57 -4.38 17.81
C ASP E 286 53.75 -3.21 18.31
N LEU E 287 52.81 -3.50 19.20
CA LEU E 287 51.93 -2.50 19.78
C LEU E 287 51.83 -2.72 21.28
N GLU E 288 51.69 -1.62 22.02
CA GLU E 288 51.59 -1.67 23.47
C GLU E 288 50.59 -0.62 23.93
N PHE E 289 49.92 -0.93 25.04
CA PHE E 289 48.94 -0.04 25.65
C PHE E 289 49.25 0.02 27.15
N ARG E 290 49.79 1.15 27.59
CA ARG E 290 50.12 1.30 29.00
C ARG E 290 48.86 1.63 29.80
N ASP E 291 48.93 1.36 31.11
CA ASP E 291 47.76 1.59 31.96
C ASP E 291 47.40 3.06 32.05
N GLU E 292 48.37 3.96 31.95
CA GLU E 292 48.07 5.38 32.05
C GLU E 292 47.22 5.85 30.87
N ALA E 293 47.36 5.22 29.71
CA ALA E 293 46.58 5.62 28.55
C ALA E 293 45.15 5.11 28.60
N LEU E 294 44.93 3.95 29.20
CA LEU E 294 43.58 3.39 29.28
C LEU E 294 42.73 4.15 30.29
N ASP E 295 43.35 4.67 31.34
CA ASP E 295 42.60 5.42 32.35
C ASP E 295 42.02 6.68 31.74
N ALA E 296 42.77 7.34 30.86
CA ALA E 296 42.28 8.55 30.23
C ALA E 296 41.17 8.26 29.24
N ILE E 297 41.24 7.11 28.55
CA ILE E 297 40.20 6.77 27.59
C ILE E 297 38.87 6.58 28.30
N ALA E 298 38.92 6.03 29.51
CA ALA E 298 37.70 5.79 30.26
C ALA E 298 36.97 7.10 30.55
N LYS E 299 37.71 8.12 30.98
CA LYS E 299 37.10 9.41 31.29
C LYS E 299 36.55 10.06 30.03
N LYS E 300 37.23 9.89 28.90
CA LYS E 300 36.75 10.48 27.66
C LYS E 300 35.55 9.70 27.12
N ALA E 301 35.50 8.40 27.37
CA ALA E 301 34.39 7.60 26.89
C ALA E 301 33.09 7.99 27.58
N MET E 302 33.15 8.15 28.90
CA MET E 302 31.96 8.58 29.64
C MET E 302 31.56 9.99 29.26
N ALA E 303 32.53 10.83 28.90
CA ALA E 303 32.22 12.21 28.53
C ALA E 303 31.37 12.29 27.28
N ARG E 304 31.46 11.30 26.40
CA ARG E 304 30.69 11.31 25.15
C ARG E 304 29.36 10.58 25.27
N LYS E 305 29.04 10.01 26.43
CA LYS E 305 27.79 9.30 26.69
C LYS E 305 27.40 8.39 25.53
N THR E 306 28.32 7.50 25.17
CA THR E 306 28.12 6.57 24.06
C THR E 306 28.45 5.12 24.41
N GLY E 307 28.98 4.85 25.59
CA GLY E 307 29.29 3.48 25.96
C GLY E 307 30.54 2.95 25.27
N ALA E 308 30.61 1.63 25.24
CA ALA E 308 31.76 0.95 24.65
C ALA E 308 31.86 1.18 23.16
N ARG E 309 30.72 1.35 22.48
CA ARG E 309 30.77 1.54 21.02
C ARG E 309 31.42 2.86 20.65
N GLY E 310 31.39 3.84 21.54
CA GLY E 310 32.01 5.13 21.28
C GLY E 310 33.49 5.18 21.61
N LEU E 311 34.11 4.03 21.87
CA LEU E 311 35.51 3.99 22.24
C LEU E 311 36.43 4.07 21.01
N ARG E 312 36.00 3.52 19.88
CA ARG E 312 36.83 3.58 18.67
C ARG E 312 37.11 5.00 18.23
N SER E 313 36.17 5.92 18.51
CA SER E 313 36.37 7.31 18.11
C SER E 313 37.59 7.90 18.80
N ILE E 314 37.82 7.51 20.05
CA ILE E 314 38.95 8.03 20.81
C ILE E 314 40.26 7.41 20.34
N VAL E 315 40.23 6.11 20.04
CA VAL E 315 41.45 5.42 19.63
C VAL E 315 41.91 5.87 18.25
N GLU E 316 41.01 5.79 17.26
CA GLU E 316 41.38 6.17 15.90
C GLU E 316 41.80 7.63 15.82
N ALA E 317 41.25 8.49 16.67
CA ALA E 317 41.63 9.89 16.65
C ALA E 317 43.08 10.08 17.09
N ALA E 318 43.58 9.21 17.97
CA ALA E 318 44.94 9.32 18.45
C ALA E 318 45.95 8.74 17.47
N LEU E 319 45.67 7.55 16.94
CA LEU E 319 46.56 6.86 16.01
C LEU E 319 46.41 7.34 14.58
N LEU E 320 45.60 8.36 14.32
CA LEU E 320 45.40 8.86 12.96
C LEU E 320 46.71 9.23 12.28
N ASP E 321 47.45 10.16 12.88
CA ASP E 321 48.73 10.60 12.34
C ASP E 321 49.67 9.42 12.12
N THR E 322 49.75 8.50 13.09
CA THR E 322 50.63 7.35 12.98
C THR E 322 50.26 6.48 11.79
N MET E 323 48.99 6.09 11.70
CA MET E 323 48.53 5.22 10.62
C MET E 323 48.72 5.83 9.24
N TYR E 324 48.90 7.14 9.15
CA TYR E 324 49.05 7.77 7.84
C TYR E 324 50.45 7.57 7.27
N ASP E 325 51.48 7.61 8.12
CA ASP E 325 52.86 7.43 7.68
C ASP E 325 53.49 6.11 8.13
N LEU E 326 52.70 5.17 8.67
CA LEU E 326 53.27 3.90 9.10
C LEU E 326 53.65 2.99 7.94
N PRO E 327 52.78 2.71 6.96
CA PRO E 327 53.18 1.81 5.88
C PRO E 327 54.42 2.29 5.14
N SER E 328 54.50 3.59 4.85
CA SER E 328 55.68 4.12 4.19
C SER E 328 56.90 4.02 5.11
N MET E 329 56.69 4.16 6.41
CA MET E 329 57.80 4.07 7.35
C MET E 329 58.36 2.66 7.39
N GLU E 330 59.69 2.57 7.51
CA GLU E 330 60.41 1.32 7.54
C GLU E 330 61.38 1.29 8.73
N ASP E 331 61.77 0.07 9.11
CA ASP E 331 62.71 -0.16 10.20
C ASP E 331 62.11 0.21 11.57
N VAL E 332 60.80 0.17 11.69
CA VAL E 332 60.09 0.47 12.93
C VAL E 332 59.56 -0.84 13.48
N GLU E 333 59.91 -1.15 14.73
CA GLU E 333 59.54 -2.41 15.37
C GLU E 333 58.60 -2.29 16.56
N LYS E 334 58.33 -1.09 17.09
CA LYS E 334 57.47 -0.99 18.25
C LYS E 334 56.80 0.38 18.31
N VAL E 335 55.60 0.40 18.87
CA VAL E 335 54.80 1.61 19.03
C VAL E 335 54.22 1.60 20.44
N VAL E 336 54.41 2.71 21.15
CA VAL E 336 53.92 2.87 22.52
C VAL E 336 53.00 4.09 22.56
N ILE E 337 51.84 3.92 23.20
CA ILE E 337 50.83 4.97 23.33
C ILE E 337 50.80 5.41 24.79
N ASP E 338 51.22 6.64 25.05
CA ASP E 338 51.24 7.19 26.40
C ASP E 338 49.95 7.98 26.67
N GLU E 339 49.85 8.50 27.88
CA GLU E 339 48.67 9.28 28.27
C GLU E 339 48.63 10.62 27.55
N SER E 340 49.80 11.23 27.32
CA SER E 340 49.86 12.53 26.66
C SER E 340 49.29 12.48 25.25
N VAL E 341 49.47 11.36 24.55
CA VAL E 341 49.00 11.24 23.18
C VAL E 341 47.48 11.43 23.11
N ILE E 342 46.75 10.93 24.10
CA ILE E 342 45.29 11.06 24.09
C ILE E 342 44.90 12.53 24.17
N ASP E 343 45.56 13.29 25.03
CA ASP E 343 45.27 14.71 25.13
C ASP E 343 45.68 15.43 23.86
N GLY E 344 46.67 14.90 23.14
CA GLY E 344 47.17 15.49 21.92
C GLY E 344 48.43 16.29 22.09
N GLN E 345 48.89 16.49 23.32
CA GLN E 345 50.11 17.27 23.56
C GLN E 345 51.33 16.60 22.94
N SER E 346 51.40 15.28 23.03
CA SER E 346 52.52 14.49 22.52
C SER E 346 52.07 13.56 21.40
N GLU E 347 53.05 12.90 20.81
CA GLU E 347 52.87 11.92 19.74
C GLU E 347 53.34 10.55 20.24
N PRO E 348 52.77 9.46 19.73
CA PRO E 348 53.20 8.12 20.19
C PRO E 348 54.68 7.86 19.91
N LEU E 349 55.33 7.25 20.88
CA LEU E 349 56.75 6.93 20.77
C LEU E 349 56.96 5.72 19.87
N LEU E 350 57.82 5.89 18.87
CA LEU E 350 58.17 4.85 17.92
C LEU E 350 59.61 4.42 18.14
N ILE E 351 59.85 3.11 18.13
CA ILE E 351 61.17 2.54 18.32
C ILE E 351 61.61 1.97 16.98
N TYR E 352 62.85 2.27 16.59
CA TYR E 352 63.42 1.81 15.32
C TYR E 352 64.32 0.61 15.56
N GLY E 353 64.08 -0.47 14.83
CA GLY E 353 64.86 -1.67 14.95
C GLY E 353 64.84 -2.52 13.70
N LEU F 3 47.52 -2.82 -0.49
CA LEU F 3 48.54 -2.39 -1.44
C LEU F 3 48.62 -0.87 -1.59
N PRO F 4 47.50 -0.17 -1.80
CA PRO F 4 47.58 1.29 -1.93
C PRO F 4 48.09 1.94 -0.65
N THR F 5 49.11 2.75 -0.80
CA THR F 5 49.74 3.43 0.34
C THR F 5 49.00 4.74 0.63
N PRO F 6 48.66 5.05 1.89
CA PRO F 6 47.98 6.32 2.19
C PRO F 6 48.65 7.56 1.59
N HIS F 7 49.97 7.57 1.51
CA HIS F 7 50.64 8.70 0.89
C HIS F 7 50.37 8.73 -0.61
N GLU F 8 50.34 7.56 -1.24
CA GLU F 8 50.09 7.49 -2.67
C GLU F 8 48.64 7.81 -3.00
N ILE F 9 47.71 7.26 -2.23
CA ILE F 9 46.30 7.54 -2.49
C ILE F 9 45.97 9.00 -2.23
N ARG F 10 46.62 9.60 -1.23
CA ARG F 10 46.38 11.01 -0.95
C ARG F 10 46.94 11.87 -2.07
N ASN F 11 48.08 11.47 -2.64
CA ASN F 11 48.66 12.23 -3.74
C ASN F 11 47.72 12.22 -4.94
N HIS F 12 47.08 11.09 -5.19
CA HIS F 12 46.13 10.99 -6.30
C HIS F 12 44.90 11.85 -6.03
N LEU F 13 44.41 11.81 -4.79
CA LEU F 13 43.23 12.60 -4.44
C LEU F 13 43.48 14.09 -4.52
N ASP F 14 44.72 14.52 -4.24
CA ASP F 14 45.05 15.94 -4.31
C ASP F 14 44.83 16.48 -5.72
N ASP F 15 44.98 15.63 -6.73
CA ASP F 15 44.74 16.06 -8.10
C ASP F 15 43.28 16.40 -8.33
N TYR F 16 42.37 15.75 -7.59
CA TYR F 16 40.93 15.96 -7.73
C TYR F 16 40.32 16.78 -6.61
N VAL F 17 41.04 17.02 -5.51
CA VAL F 17 40.55 17.80 -4.38
C VAL F 17 41.52 18.93 -4.10
N ILE F 18 40.98 20.10 -3.77
CA ILE F 18 41.76 21.30 -3.50
C ILE F 18 41.36 21.89 -2.16
N GLY F 19 42.36 22.28 -1.38
CA GLY F 19 42.16 22.93 -0.10
C GLY F 19 41.56 22.10 1.02
N GLN F 20 41.54 20.77 0.90
CA GLN F 20 41.03 19.90 1.95
C GLN F 20 42.10 18.86 2.23
N GLU F 21 42.74 18.98 3.40
CA GLU F 21 43.82 18.09 3.81
C GLU F 21 43.44 17.17 4.95
N GLN F 22 42.82 17.71 6.00
CA GLN F 22 42.42 16.90 7.14
C GLN F 22 41.51 15.76 6.73
N ALA F 23 40.55 16.03 5.84
CA ALA F 23 39.64 14.99 5.39
C ALA F 23 40.36 13.89 4.63
N LYS F 24 41.43 14.23 3.91
CA LYS F 24 42.15 13.22 3.14
C LYS F 24 42.86 12.22 4.06
N LYS F 25 43.51 12.72 5.11
CA LYS F 25 44.20 11.83 6.04
C LYS F 25 43.23 10.88 6.70
N VAL F 26 42.07 11.39 7.10
CA VAL F 26 41.08 10.57 7.79
C VAL F 26 40.60 9.43 6.89
N LEU F 27 40.23 9.77 5.66
CA LEU F 27 39.70 8.76 4.74
C LEU F 27 40.76 7.76 4.31
N ALA F 28 41.98 8.22 4.08
CA ALA F 28 43.05 7.34 3.62
C ALA F 28 43.29 6.19 4.59
N VAL F 29 43.30 6.48 5.88
CA VAL F 29 43.54 5.43 6.87
C VAL F 29 42.41 4.41 6.85
N ALA F 30 41.17 4.88 6.78
CA ALA F 30 40.02 3.97 6.79
C ALA F 30 40.01 3.05 5.57
N VAL F 31 40.12 3.63 4.37
CA VAL F 31 40.08 2.83 3.15
C VAL F 31 41.25 1.85 3.12
N TYR F 32 42.43 2.29 3.54
CA TYR F 32 43.58 1.38 3.56
C TYR F 32 43.32 0.23 4.50
N ASN F 33 42.74 0.52 5.66
CA ASN F 33 42.40 -0.53 6.61
C ASN F 33 41.34 -1.45 6.02
N HIS F 34 40.36 -0.87 5.31
CA HIS F 34 39.30 -1.67 4.72
C HIS F 34 39.84 -2.65 3.71
N TYR F 35 40.73 -2.19 2.82
CA TYR F 35 41.32 -3.11 1.86
C TYR F 35 42.10 -4.19 2.59
N LYS F 36 42.85 -3.80 3.61
CA LYS F 36 43.64 -4.74 4.40
C LYS F 36 42.75 -5.71 5.14
N ARG F 37 41.65 -5.22 5.70
CA ARG F 37 40.73 -6.09 6.43
C ARG F 37 40.14 -7.15 5.51
N LEU F 38 39.65 -6.73 4.35
CA LEU F 38 39.06 -7.69 3.40
C LEU F 38 40.14 -8.54 2.73
N ARG F 39 41.30 -7.95 2.44
CA ARG F 39 42.37 -8.71 1.79
C ARG F 39 42.92 -9.76 2.74
N ASN F 40 43.43 -9.32 3.89
CA ASN F 40 43.94 -10.26 4.86
C ASN F 40 42.80 -11.10 5.41
N GLY F 41 43.03 -12.41 5.50
CA GLY F 41 41.99 -13.29 6.01
C GLY F 41 41.61 -12.97 7.43
N ASP F 42 42.61 -12.62 8.25
CA ASP F 42 42.45 -12.24 9.66
C ASP F 42 42.18 -13.45 10.54
N THR F 43 42.45 -14.66 10.04
CA THR F 43 42.24 -15.88 10.82
C THR F 43 43.49 -16.14 11.65
N SER F 44 43.67 -15.27 12.64
CA SER F 44 44.79 -15.30 13.56
C SER F 44 44.25 -15.30 14.98
N ASN F 45 45.12 -15.16 15.98
CA ASN F 45 44.68 -15.09 17.37
C ASN F 45 43.60 -14.03 17.53
N GLY F 46 43.82 -12.86 16.94
CA GLY F 46 42.83 -11.79 16.95
C GLY F 46 41.97 -11.98 15.72
N VAL F 47 40.65 -11.96 15.92
CA VAL F 47 39.69 -12.15 14.84
C VAL F 47 38.58 -11.12 14.96
N GLU F 48 37.75 -11.10 13.92
CA GLU F 48 36.60 -10.20 13.80
C GLU F 48 36.99 -8.76 14.09
N LEU F 49 37.92 -8.25 13.27
CA LEU F 49 38.37 -6.88 13.40
C LEU F 49 37.21 -5.92 13.25
N GLY F 50 37.21 -4.87 14.05
CA GLY F 50 36.16 -3.88 13.98
C GLY F 50 36.29 -3.02 12.74
N LYS F 51 35.15 -2.44 12.34
CA LYS F 51 35.07 -1.59 11.17
C LYS F 51 34.76 -0.16 11.62
N SER F 52 35.65 0.77 11.30
CA SER F 52 35.47 2.17 11.65
C SER F 52 34.72 2.85 10.51
N ASN F 53 33.43 3.08 10.71
CA ASN F 53 32.62 3.76 9.71
C ASN F 53 32.94 5.25 9.74
N ILE F 54 32.83 5.89 8.58
CA ILE F 54 33.17 7.29 8.42
C ILE F 54 31.92 8.16 8.36
N LEU F 55 31.98 9.30 9.06
CA LEU F 55 30.93 10.30 9.10
C LEU F 55 31.51 11.58 8.52
N LEU F 56 30.97 12.03 7.39
CA LEU F 56 31.45 13.22 6.71
C LEU F 56 30.54 14.40 7.01
N ILE F 57 31.16 15.52 7.38
CA ILE F 57 30.44 16.76 7.68
C ILE F 57 31.10 17.86 6.86
N GLY F 58 30.28 18.72 6.27
CA GLY F 58 30.78 19.84 5.51
C GLY F 58 29.66 20.67 4.93
N PRO F 59 29.98 21.85 4.42
CA PRO F 59 28.94 22.70 3.83
C PRO F 59 28.45 22.13 2.51
N THR F 60 27.28 22.62 2.09
CA THR F 60 26.71 22.17 0.83
C THR F 60 27.59 22.60 -0.33
N GLY F 61 27.72 21.71 -1.32
CA GLY F 61 28.54 22.00 -2.48
C GLY F 61 30.02 22.08 -2.19
N SER F 62 30.49 21.42 -1.14
CA SER F 62 31.89 21.43 -0.79
C SER F 62 32.72 20.40 -1.54
N GLY F 63 32.08 19.48 -2.27
CA GLY F 63 32.78 18.46 -3.01
C GLY F 63 32.72 17.08 -2.38
N LYS F 64 31.72 16.82 -1.54
CA LYS F 64 31.62 15.52 -0.89
C LYS F 64 31.32 14.43 -1.92
N THR F 65 30.36 14.68 -2.80
CA THR F 65 30.00 13.70 -3.81
C THR F 65 31.19 13.40 -4.72
N LEU F 66 31.97 14.43 -5.05
CA LEU F 66 33.13 14.21 -5.90
C LEU F 66 34.19 13.39 -5.20
N LEU F 67 34.32 13.56 -3.89
CA LEU F 67 35.32 12.81 -3.15
C LEU F 67 35.04 11.33 -3.21
N ALA F 68 33.78 10.94 -3.06
CA ALA F 68 33.42 9.53 -3.13
C ALA F 68 33.46 9.03 -4.57
N GLU F 69 33.00 9.85 -5.52
CA GLU F 69 32.98 9.43 -6.92
C GLU F 69 34.37 9.45 -7.53
N THR F 70 35.13 10.53 -7.29
CA THR F 70 36.50 10.58 -7.82
C THR F 70 37.34 9.47 -7.23
N LEU F 71 37.09 9.12 -5.96
CA LEU F 71 37.78 8.00 -5.36
C LEU F 71 37.34 6.71 -6.03
N ALA F 72 36.04 6.58 -6.30
CA ALA F 72 35.50 5.40 -6.96
C ALA F 72 36.04 5.23 -8.37
N ARG F 73 36.38 6.33 -9.05
CA ARG F 73 36.88 6.25 -10.41
C ARG F 73 38.21 5.52 -10.46
N LEU F 74 39.17 5.92 -9.62
CA LEU F 74 40.46 5.23 -9.60
C LEU F 74 40.36 3.93 -8.83
N LEU F 75 39.47 3.87 -7.84
CA LEU F 75 39.27 2.67 -7.06
C LEU F 75 38.57 1.61 -7.91
N ASP F 76 38.98 0.37 -7.73
CA ASP F 76 38.41 -0.74 -8.50
C ASP F 76 37.03 -1.15 -8.01
N VAL F 77 36.82 -1.18 -6.70
CA VAL F 77 35.54 -1.65 -6.14
C VAL F 77 34.39 -0.73 -6.54
N PRO F 78 33.16 -1.23 -6.61
CA PRO F 78 32.02 -0.39 -7.03
C PRO F 78 31.61 0.62 -5.97
N PHE F 79 30.91 1.65 -6.45
CA PHE F 79 30.41 2.72 -5.61
C PHE F 79 28.98 3.08 -6.00
N THR F 80 28.17 3.44 -5.01
CA THR F 80 26.79 3.86 -5.20
C THR F 80 26.52 5.12 -4.41
N MET F 81 25.52 5.88 -4.86
CA MET F 81 25.12 7.15 -4.25
C MET F 81 23.63 7.08 -3.88
N ALA F 82 23.35 6.70 -2.64
CA ALA F 82 21.99 6.58 -2.14
C ALA F 82 21.57 7.89 -1.46
N ASP F 83 20.34 7.90 -0.93
CA ASP F 83 19.78 9.06 -0.25
C ASP F 83 18.95 8.62 0.95
N ALA F 84 19.03 9.40 2.02
CA ALA F 84 18.33 9.10 3.27
C ALA F 84 16.93 9.69 3.36
N THR F 85 16.66 10.79 2.65
CA THR F 85 15.34 11.42 2.77
C THR F 85 14.23 10.56 2.22
N THR F 86 14.52 9.77 1.18
CA THR F 86 13.50 8.91 0.59
C THR F 86 13.03 7.83 1.55
N LEU F 87 13.89 7.38 2.46
CA LEU F 87 13.55 6.28 3.35
C LEU F 87 12.42 6.63 4.31
N THR F 88 11.57 5.62 4.56
CA THR F 88 10.46 5.71 5.50
C THR F 88 10.38 4.37 6.20
N GLU F 89 10.36 4.39 7.53
CA GLU F 89 10.37 3.19 8.34
C GLU F 89 9.00 2.49 8.40
N ALA F 90 9.06 1.24 8.87
CA ALA F 90 7.91 0.36 9.13
C ALA F 90 6.89 0.31 8.00
N GLY F 91 7.36 -0.07 6.81
CA GLY F 91 6.47 -0.23 5.68
C GLY F 91 5.62 0.97 5.32
N TYR F 92 6.22 2.15 5.28
CA TYR F 92 5.50 3.36 4.95
C TYR F 92 5.62 3.67 3.46
N VAL F 93 4.84 4.67 3.04
CA VAL F 93 4.74 5.04 1.63
C VAL F 93 6.09 5.36 0.99
N GLY F 94 6.95 6.10 1.69
CA GLY F 94 8.18 6.54 1.05
C GLY F 94 9.15 5.52 0.48
N GLU F 95 9.82 4.72 1.30
CA GLU F 95 10.76 3.75 0.75
C GLU F 95 11.24 2.80 1.83
N ASP F 96 11.42 1.53 1.46
CA ASP F 96 11.95 0.54 2.38
C ASP F 96 13.47 0.64 2.42
N VAL F 97 14.03 0.31 3.59
CA VAL F 97 15.48 0.37 3.78
C VAL F 97 16.19 -0.55 2.79
N GLU F 98 15.63 -1.74 2.55
CA GLU F 98 16.22 -2.73 1.65
C GLU F 98 16.54 -2.19 0.26
N ASN F 99 15.91 -1.09 -0.16
CA ASN F 99 16.15 -0.54 -1.48
C ASN F 99 17.62 -0.21 -1.70
N ILE F 100 18.33 0.20 -0.64
CA ILE F 100 19.74 0.55 -0.77
C ILE F 100 20.57 -0.64 -1.23
N ILE F 101 20.27 -1.82 -0.71
CA ILE F 101 21.08 -2.99 -1.04
C ILE F 101 20.89 -3.40 -2.49
N GLN F 102 19.64 -3.46 -2.96
CA GLN F 102 19.42 -3.86 -4.35
C GLN F 102 20.06 -2.89 -5.31
N LYS F 103 20.15 -1.60 -4.95
CA LYS F 103 20.80 -0.64 -5.82
C LYS F 103 22.29 -0.93 -5.94
N LEU F 104 22.89 -1.48 -4.89
CA LEU F 104 24.31 -1.78 -4.90
C LEU F 104 24.64 -2.92 -5.86
N LEU F 105 23.77 -3.93 -5.93
CA LEU F 105 24.03 -5.10 -6.76
C LEU F 105 24.20 -4.76 -8.23
N GLN F 106 23.48 -3.74 -8.72
CA GLN F 106 23.62 -3.38 -10.12
C GLN F 106 25.04 -2.94 -10.44
N LYS F 107 25.67 -2.22 -9.50
CA LYS F 107 27.06 -1.81 -9.69
C LYS F 107 28.00 -3.01 -9.59
N SER F 108 27.63 -4.01 -8.81
CA SER F 108 28.43 -5.21 -8.59
C SER F 108 28.08 -6.35 -9.54
N ASP F 109 27.24 -6.09 -10.55
CA ASP F 109 26.82 -7.08 -11.56
C ASP F 109 26.25 -8.34 -10.90
N TYR F 110 25.57 -8.16 -9.78
CA TYR F 110 24.95 -9.27 -9.04
C TYR F 110 25.97 -10.30 -8.60
N ASP F 111 27.06 -9.81 -8.00
CA ASP F 111 28.13 -10.63 -7.46
C ASP F 111 28.21 -10.31 -5.98
N VAL F 112 27.86 -11.29 -5.13
CA VAL F 112 27.85 -11.07 -3.70
C VAL F 112 29.25 -10.75 -3.18
N GLN F 113 30.26 -11.45 -3.70
CA GLN F 113 31.63 -11.19 -3.26
C GLN F 113 32.06 -9.76 -3.54
N LYS F 114 31.56 -9.18 -4.64
CA LYS F 114 31.90 -7.80 -4.97
C LYS F 114 31.12 -6.80 -4.14
N ALA F 115 29.99 -7.19 -3.55
CA ALA F 115 29.20 -6.25 -2.78
C ALA F 115 29.90 -5.93 -1.46
N GLN F 116 30.57 -6.90 -0.86
CA GLN F 116 31.29 -6.64 0.37
C GLN F 116 32.49 -5.74 0.12
N ARG F 117 33.05 -5.81 -1.09
CA ARG F 117 34.21 -4.99 -1.45
C ARG F 117 33.83 -3.53 -1.64
N GLY F 118 32.67 -3.27 -2.22
CA GLY F 118 32.28 -1.90 -2.53
C GLY F 118 31.95 -1.05 -1.32
N ILE F 119 31.83 0.25 -1.59
CA ILE F 119 31.57 1.29 -0.61
C ILE F 119 30.24 1.95 -0.93
N VAL F 120 29.57 2.45 0.12
CA VAL F 120 28.28 3.12 0.02
C VAL F 120 28.39 4.53 0.57
N TYR F 121 27.65 5.44 -0.04
CA TYR F 121 27.62 6.86 0.33
C TYR F 121 26.18 7.31 0.48
N ILE F 122 25.92 8.16 1.47
CA ILE F 122 24.60 8.70 1.75
C ILE F 122 24.73 10.20 1.92
N ASP F 123 23.80 10.95 1.33
CA ASP F 123 23.77 12.40 1.40
C ASP F 123 22.53 12.86 2.16
N GLN F 124 22.61 14.10 2.66
CA GLN F 124 21.50 14.72 3.39
C GLN F 124 21.14 13.93 4.63
N ILE F 125 22.14 13.41 5.33
CA ILE F 125 21.88 12.64 6.54
C ILE F 125 21.30 13.53 7.63
N ASP F 126 21.65 14.82 7.65
CA ASP F 126 21.12 15.70 8.67
C ASP F 126 19.62 15.95 8.52
N LYS F 127 19.07 15.72 7.33
CA LYS F 127 17.64 15.95 7.10
C LYS F 127 16.75 15.05 7.93
N ILE F 128 17.27 13.92 8.43
CA ILE F 128 16.49 12.99 9.23
C ILE F 128 16.73 13.19 10.72
N SER F 129 17.24 14.38 11.10
CA SER F 129 17.50 14.79 12.51
C SER F 129 16.20 14.65 13.31
N ARG F 130 16.29 14.19 14.57
CA ARG F 130 15.09 13.95 15.37
C ARG F 130 14.35 15.25 15.60
N LYS F 131 13.25 15.44 14.88
CA LYS F 131 12.39 16.59 15.11
C LYS F 131 11.72 16.36 16.45
N SER F 132 11.76 17.35 17.33
CA SER F 132 11.21 17.19 18.68
C SER F 132 10.09 18.18 18.94
N ASP F 133 8.88 17.75 18.57
CA ASP F 133 7.63 18.43 18.84
C ASP F 133 6.88 17.42 19.69
N ASN F 134 6.62 17.76 20.96
CA ASN F 134 6.05 16.75 21.84
C ASN F 134 4.60 16.40 21.50
N PRO F 135 3.61 17.32 21.54
CA PRO F 135 2.23 16.93 21.29
C PRO F 135 1.77 16.99 19.83
N SER F 136 2.53 16.36 18.92
CA SER F 136 2.08 16.31 17.52
C SER F 136 1.82 14.89 17.03
N ILE F 137 2.80 14.00 17.07
CA ILE F 137 2.67 12.60 16.67
C ILE F 137 3.17 11.69 17.78
N THR F 138 4.39 11.96 18.22
CA THR F 138 5.24 11.22 19.16
C THR F 138 5.89 10.03 18.45
N ARG F 139 5.61 9.79 17.16
CA ARG F 139 6.24 8.76 16.34
C ARG F 139 6.65 9.46 15.05
N ASP F 140 7.85 10.03 15.04
CA ASP F 140 8.34 10.75 13.85
C ASP F 140 8.90 9.76 12.85
N VAL F 141 8.14 9.49 11.78
CA VAL F 141 8.63 8.58 10.75
C VAL F 141 9.87 9.14 10.08
N SER F 142 9.81 10.41 9.67
CA SER F 142 10.95 11.05 9.02
C SER F 142 12.09 11.29 10.01
N GLY F 143 11.76 11.42 11.29
CA GLY F 143 12.74 11.70 12.31
C GLY F 143 13.49 10.48 12.83
N GLU F 144 13.62 10.44 14.16
CA GLU F 144 14.33 9.38 14.88
C GLU F 144 14.11 7.98 14.34
N GLY F 145 12.85 7.63 14.06
CA GLY F 145 12.47 6.32 13.56
C GLY F 145 13.36 5.74 12.46
N VAL F 146 13.83 6.58 11.55
CA VAL F 146 14.68 6.08 10.47
C VAL F 146 16.02 5.59 11.02
N GLN F 147 16.59 6.32 11.97
CA GLN F 147 17.88 5.96 12.52
C GLN F 147 17.85 4.58 13.17
N GLN F 148 16.77 4.28 13.90
CA GLN F 148 16.66 2.98 14.54
C GLN F 148 16.75 1.84 13.54
N ALA F 149 16.22 2.03 12.33
CA ALA F 149 16.27 0.98 11.32
C ALA F 149 17.67 0.79 10.75
N LEU F 150 18.45 1.86 10.66
CA LEU F 150 19.79 1.78 10.09
C LEU F 150 20.81 1.18 11.04
N LEU F 151 20.51 1.15 12.34
CA LEU F 151 21.43 0.59 13.34
C LEU F 151 21.85 -0.83 12.98
N LYS F 152 20.88 -1.73 12.82
CA LYS F 152 21.20 -3.11 12.50
C LYS F 152 21.85 -3.23 11.12
N LEU F 153 21.50 -2.34 10.20
CA LEU F 153 22.07 -2.40 8.86
C LEU F 153 23.56 -2.12 8.87
N ILE F 154 23.98 -1.07 9.55
CA ILE F 154 25.39 -0.69 9.56
C ILE F 154 26.22 -1.71 10.33
N GLU F 155 25.72 -2.17 11.47
CA GLU F 155 26.47 -3.14 12.28
C GLU F 155 26.75 -4.40 11.50
N GLY F 156 25.73 -4.95 10.85
CA GLY F 156 25.87 -6.15 10.04
C GLY F 156 24.73 -7.13 10.22
N THR F 157 24.16 -7.54 9.10
CA THR F 157 23.05 -8.49 9.05
C THR F 157 22.89 -8.92 7.60
N VAL F 158 22.12 -9.98 7.40
CA VAL F 158 21.84 -10.52 6.07
C VAL F 158 20.37 -10.30 5.76
N ALA F 159 20.09 -9.68 4.62
CA ALA F 159 18.74 -9.41 4.15
C ALA F 159 18.51 -10.06 2.80
N ALA F 160 17.32 -10.62 2.62
CA ALA F 160 16.97 -11.26 1.36
C ALA F 160 16.81 -10.19 0.28
N VAL F 161 17.41 -10.43 -0.88
CA VAL F 161 17.35 -9.49 -2.00
C VAL F 161 17.13 -10.24 -3.31
N PRO F 162 16.02 -10.06 -4.02
CA PRO F 162 15.82 -10.77 -5.30
C PRO F 162 16.90 -10.36 -6.30
N PRO F 163 17.74 -11.30 -6.76
CA PRO F 163 18.80 -10.90 -7.71
C PRO F 163 18.24 -10.58 -9.08
N GLN F 164 18.55 -9.37 -9.56
CA GLN F 164 18.12 -8.85 -10.86
C GLN F 164 16.64 -8.54 -10.92
N GLY F 165 15.87 -8.78 -9.86
CA GLY F 165 14.45 -8.56 -9.87
C GLY F 165 13.66 -9.75 -10.38
N GLY F 166 14.30 -10.63 -11.15
CA GLY F 166 13.67 -11.80 -11.70
C GLY F 166 12.98 -11.49 -13.02
N ARG F 167 13.11 -12.39 -13.99
CA ARG F 167 12.43 -12.19 -15.26
C ARG F 167 10.92 -12.28 -15.06
N LYS F 168 10.49 -13.27 -14.29
CA LYS F 168 9.09 -13.52 -13.97
C LYS F 168 9.07 -14.31 -12.67
N HIS F 169 7.86 -14.59 -12.17
CA HIS F 169 7.67 -15.36 -10.95
C HIS F 169 8.50 -16.64 -10.89
N PRO F 170 8.82 -17.24 -12.04
CA PRO F 170 9.57 -18.49 -12.13
C PRO F 170 10.76 -18.61 -11.17
N GLN F 171 11.60 -17.58 -11.06
CA GLN F 171 12.76 -17.67 -10.17
C GLN F 171 12.33 -17.78 -8.70
N GLN F 172 11.60 -16.78 -8.20
CA GLN F 172 11.08 -16.75 -6.82
C GLN F 172 12.14 -17.12 -5.78
N GLU F 173 13.36 -16.62 -5.98
CA GLU F 173 14.46 -16.89 -5.05
C GLU F 173 15.12 -15.57 -4.64
N PHE F 174 15.87 -15.63 -3.54
CA PHE F 174 16.57 -14.47 -3.00
C PHE F 174 17.98 -14.86 -2.56
N LEU F 175 18.90 -13.90 -2.66
CA LEU F 175 20.29 -14.09 -2.27
C LEU F 175 20.53 -13.48 -0.89
N GLN F 176 21.47 -14.09 -0.17
CA GLN F 176 21.87 -13.63 1.15
C GLN F 176 23.11 -12.76 0.98
N VAL F 177 23.02 -11.51 1.40
CA VAL F 177 24.10 -10.56 1.28
C VAL F 177 24.52 -10.10 2.66
N ASP F 178 25.79 -10.33 3.00
CA ASP F 178 26.30 -9.86 4.27
C ASP F 178 26.44 -8.35 4.24
N THR F 179 26.44 -7.73 5.42
CA THR F 179 26.61 -6.30 5.54
C THR F 179 27.61 -5.91 6.60
N SER F 180 28.19 -6.88 7.32
CA SER F 180 29.19 -6.55 8.32
C SER F 180 30.42 -5.94 7.68
N LYS F 181 30.99 -6.64 6.69
CA LYS F 181 32.20 -6.15 6.05
C LYS F 181 31.96 -4.90 5.19
N ILE F 182 30.72 -4.60 4.84
CA ILE F 182 30.45 -3.44 4.01
C ILE F 182 30.71 -2.15 4.78
N LEU F 183 31.34 -1.20 4.10
CA LEU F 183 31.62 0.11 4.66
C LEU F 183 30.45 1.04 4.35
N PHE F 184 30.21 1.99 5.26
CA PHE F 184 29.13 2.97 5.11
C PHE F 184 29.69 4.35 5.37
N ILE F 185 29.40 5.28 4.47
CA ILE F 185 29.84 6.67 4.57
C ILE F 185 28.56 7.51 4.58
N CYS F 186 28.16 7.96 5.77
CA CYS F 186 26.97 8.78 5.94
C CYS F 186 27.41 10.20 6.24
N GLY F 187 27.06 11.12 5.35
CA GLY F 187 27.42 12.51 5.54
C GLY F 187 26.45 13.50 4.94
N GLY F 188 26.24 14.62 5.61
CA GLY F 188 25.33 15.64 5.12
C GLY F 188 25.63 16.97 5.77
N ALA F 189 25.34 18.04 5.03
CA ALA F 189 25.57 19.39 5.53
C ALA F 189 24.54 19.72 6.62
N PHE F 190 25.01 19.79 7.86
CA PHE F 190 24.12 20.10 8.97
C PHE F 190 23.81 21.60 9.00
N ALA F 191 22.55 21.91 9.31
CA ALA F 191 22.07 23.28 9.37
C ALA F 191 21.94 23.74 10.82
N GLY F 192 22.46 24.93 11.12
CA GLY F 192 22.38 25.47 12.46
C GLY F 192 23.36 24.87 13.44
N LEU F 193 24.25 23.99 12.98
CA LEU F 193 25.21 23.36 13.88
C LEU F 193 26.22 24.37 14.42
N ASP F 194 26.54 25.41 13.64
CA ASP F 194 27.52 26.40 14.09
C ASP F 194 27.04 27.14 15.33
N LYS F 195 25.74 27.42 15.40
CA LYS F 195 25.19 28.12 16.56
C LYS F 195 25.26 27.26 17.81
N VAL F 196 25.10 25.95 17.65
CA VAL F 196 25.12 25.04 18.80
C VAL F 196 26.50 25.01 19.45
N ILE F 197 27.54 24.90 18.64
CA ILE F 197 28.88 24.79 19.19
C ILE F 197 29.41 26.13 19.67
N SER F 198 28.96 27.24 19.09
CA SER F 198 29.43 28.56 19.53
C SER F 198 29.01 28.84 20.98
N HIS F 199 27.78 28.47 21.31
CA HIS F 199 27.26 28.73 22.67
C HIS F 199 28.08 28.02 23.73
N ARG F 200 28.48 26.78 23.47
CA ARG F 200 29.16 25.95 24.46
C ARG F 200 30.68 26.02 24.44
N VAL F 201 31.32 26.54 23.39
CA VAL F 201 32.77 26.43 23.23
C VAL F 201 33.51 27.76 23.32
N GLU F 202 33.13 28.74 22.49
CA GLU F 202 34.00 29.91 22.39
C GLU F 202 33.69 31.09 23.32
N THR F 203 32.52 31.69 23.23
CA THR F 203 32.28 32.88 24.04
C THR F 203 30.80 33.23 24.07
N GLY F 204 30.50 34.31 24.78
CA GLY F 204 29.17 34.86 24.91
C GLY F 204 28.86 35.72 23.71
N SER F 205 28.61 35.06 22.58
CA SER F 205 28.32 35.70 21.31
C SER F 205 26.81 35.87 21.20
N GLY F 206 26.35 36.41 20.08
CA GLY F 206 24.94 36.69 19.92
C GLY F 206 24.65 38.17 19.71
N ILE F 207 23.31 38.42 19.61
CA ILE F 207 22.51 39.62 19.32
C ILE F 207 23.16 40.85 19.90
N GLY F 208 23.64 40.87 21.19
CA GLY F 208 24.06 42.08 21.88
C GLY F 208 25.26 42.85 21.31
N PHE F 209 25.59 43.98 21.95
CA PHE F 209 26.64 44.86 21.43
C PHE F 209 28.02 44.26 21.57
N GLY F 210 28.43 43.97 22.80
CA GLY F 210 29.76 43.42 23.02
C GLY F 210 29.95 42.05 22.40
N ALA F 211 28.86 41.29 22.30
CA ALA F 211 28.93 39.96 21.69
C ALA F 211 29.39 40.07 20.25
N THR F 212 30.23 39.13 19.82
CA THR F 212 30.75 39.14 18.47
C THR F 212 29.60 38.97 17.48
N VAL F 213 29.46 39.93 16.58
CA VAL F 213 28.42 39.87 15.56
C VAL F 213 28.88 38.97 14.43
N LYS F 214 27.94 38.55 13.58
CA LYS F 214 28.29 37.72 12.43
C LYS F 214 28.72 38.59 11.25
N ALA F 215 29.71 39.46 11.50
CA ALA F 215 30.22 40.31 10.44
C ALA F 215 30.91 39.49 9.37
N LYS F 216 31.63 38.45 9.77
CA LYS F 216 32.35 37.58 8.84
C LYS F 216 31.43 36.50 8.29
N SER F 217 30.35 36.94 7.62
CA SER F 217 29.43 35.98 7.02
C SER F 217 30.12 35.26 5.87
N ASP F 218 30.83 36.01 5.03
CA ASP F 218 31.60 35.48 3.91
C ASP F 218 33.06 35.85 3.97
N LYS F 219 33.46 36.78 4.85
CA LYS F 219 34.85 37.18 4.96
C LYS F 219 35.71 36.06 5.54
N ALA F 220 35.19 35.33 6.53
CA ALA F 220 35.90 34.25 7.18
C ALA F 220 35.10 32.96 7.06
N SER F 221 35.81 31.84 7.21
CA SER F 221 35.21 30.52 7.11
C SER F 221 34.86 29.95 8.48
N GLU F 222 33.63 29.46 8.61
CA GLU F 222 33.16 28.86 9.86
C GLU F 222 33.83 27.52 10.15
N GLY F 223 34.43 26.89 9.14
CA GLY F 223 35.07 25.59 9.25
C GLY F 223 35.88 25.28 10.49
N GLU F 224 36.77 26.20 10.88
CA GLU F 224 37.60 26.01 12.08
C GLU F 224 36.78 25.64 13.29
N LEU F 225 35.53 26.11 13.38
CA LEU F 225 34.68 25.78 14.50
C LEU F 225 34.27 24.31 14.48
N LEU F 226 34.00 23.77 13.29
CA LEU F 226 33.60 22.37 13.14
C LEU F 226 34.66 21.39 13.62
N ALA F 227 35.92 21.79 13.62
CA ALA F 227 36.99 20.89 14.06
C ALA F 227 36.82 20.49 15.52
N GLN F 228 36.27 21.37 16.35
CA GLN F 228 36.05 21.09 17.76
C GLN F 228 34.72 20.37 18.02
N VAL F 229 34.12 19.76 16.99
CA VAL F 229 32.86 19.06 17.16
C VAL F 229 33.08 17.76 17.92
N GLU F 230 32.05 17.34 18.65
CA GLU F 230 32.10 16.11 19.42
C GLU F 230 30.74 15.42 19.38
N PRO F 231 30.65 14.15 19.80
CA PRO F 231 29.34 13.45 19.78
C PRO F 231 28.28 14.11 20.63
N GLU F 232 28.66 14.67 21.78
CA GLU F 232 27.67 15.30 22.67
C GLU F 232 26.93 16.43 21.99
N ASP F 233 27.61 17.16 21.09
CA ASP F 233 26.96 18.27 20.40
C ASP F 233 25.88 17.76 19.45
N LEU F 234 26.12 16.61 18.82
CA LEU F 234 25.13 16.05 17.90
C LEU F 234 23.86 15.62 18.62
N ILE F 235 23.95 15.32 19.91
CA ILE F 235 22.76 14.92 20.67
C ILE F 235 21.76 16.05 20.67
N LYS F 236 22.24 17.28 20.87
CA LYS F 236 21.35 18.43 20.83
C LYS F 236 20.75 18.61 19.45
N PHE F 237 21.45 18.14 18.42
CA PHE F 237 20.94 18.28 17.05
C PHE F 237 19.77 17.34 16.80
N GLY F 238 19.76 16.17 17.45
CA GLY F 238 18.68 15.21 17.31
C GLY F 238 19.13 13.77 17.17
N LEU F 239 20.40 13.56 16.81
CA LEU F 239 20.89 12.21 16.63
C LEU F 239 20.93 11.45 17.95
N ILE F 240 20.69 10.15 17.85
CA ILE F 240 20.68 9.23 18.98
C ILE F 240 22.12 8.86 19.30
N PRO F 241 22.52 8.68 20.57
CA PRO F 241 23.91 8.30 20.83
C PRO F 241 24.28 6.96 20.22
N GLU F 242 23.33 6.04 20.16
CA GLU F 242 23.58 4.73 19.56
C GLU F 242 23.97 4.87 18.09
N PHE F 243 23.30 5.76 17.37
CA PHE F 243 23.62 5.97 15.97
C PHE F 243 25.01 6.58 15.81
N ILE F 244 25.39 7.48 16.73
CA ILE F 244 26.68 8.11 16.63
C ILE F 244 27.79 7.11 16.96
N GLY F 245 27.52 6.16 17.86
CA GLY F 245 28.51 5.16 18.19
C GLY F 245 28.88 4.31 16.99
N ARG F 246 27.94 4.16 16.05
CA ARG F 246 28.19 3.38 14.84
C ARG F 246 29.14 4.09 13.89
N LEU F 247 29.34 5.40 14.06
CA LEU F 247 30.21 6.19 13.21
C LEU F 247 31.22 6.90 14.09
N PRO F 248 32.30 6.22 14.47
CA PRO F 248 33.29 6.89 15.34
C PRO F 248 34.08 7.98 14.64
N VAL F 249 34.51 7.73 13.41
CA VAL F 249 35.34 8.70 12.70
C VAL F 249 34.51 9.90 12.27
N VAL F 250 35.16 11.07 12.18
CA VAL F 250 34.54 12.32 11.79
C VAL F 250 35.46 13.11 10.87
N ALA F 251 34.85 13.83 9.92
CA ALA F 251 35.56 14.67 8.96
C ALA F 251 35.03 16.11 9.08
N THR F 252 35.88 17.08 8.76
CA THR F 252 35.54 18.50 8.89
C THR F 252 35.11 19.16 7.57
N LEU F 253 35.95 19.11 6.54
CA LEU F 253 35.65 19.75 5.24
C LEU F 253 35.20 21.21 5.44
N ASN F 254 36.12 22.00 6.00
CA ASN F 254 35.84 23.38 6.40
C ASN F 254 35.05 24.22 5.40
N GLU F 255 35.57 24.47 4.21
CA GLU F 255 34.83 25.28 3.23
C GLU F 255 35.63 25.36 1.94
N LEU F 256 34.98 25.92 0.92
CA LEU F 256 35.60 26.22 -0.36
C LEU F 256 35.80 27.74 -0.40
N SER F 257 36.92 28.18 -0.95
CA SER F 257 37.26 29.60 -1.02
C SER F 257 37.22 30.10 -2.45
N GLU F 258 36.90 31.40 -2.58
CA GLU F 258 36.87 32.05 -3.89
C GLU F 258 38.17 31.82 -4.65
N GLU F 259 39.30 31.86 -3.95
CA GLU F 259 40.58 31.62 -4.59
C GLU F 259 40.69 30.16 -5.00
N ALA F 260 40.07 29.25 -4.24
CA ALA F 260 40.13 27.84 -4.56
C ALA F 260 39.42 27.56 -5.88
N LEU F 261 38.38 28.33 -6.20
CA LEU F 261 37.68 28.15 -7.46
C LEU F 261 38.64 28.35 -8.63
N ILE F 262 39.56 29.32 -8.51
CA ILE F 262 40.54 29.54 -9.55
C ILE F 262 41.45 28.33 -9.66
N GLN F 263 41.81 27.75 -8.50
CA GLN F 263 42.65 26.55 -8.51
C GLN F 263 41.92 25.39 -9.15
N ILE F 264 40.61 25.30 -8.91
CA ILE F 264 39.80 24.20 -9.44
C ILE F 264 39.76 24.25 -10.96
N LEU F 265 39.91 25.42 -11.56
CA LEU F 265 39.86 25.57 -13.00
C LEU F 265 41.20 25.35 -13.68
N LYS F 266 42.30 25.37 -12.93
CA LYS F 266 43.64 25.21 -13.49
C LYS F 266 44.35 23.95 -13.03
N GLU F 267 44.40 23.69 -11.72
CA GLU F 267 45.17 22.54 -11.23
C GLU F 267 44.55 21.18 -11.54
N PRO F 268 43.26 20.93 -11.28
CA PRO F 268 42.70 19.60 -11.55
C PRO F 268 42.84 19.14 -12.99
N LYS F 269 42.93 17.82 -13.15
CA LYS F 269 43.02 17.22 -14.47
C LYS F 269 41.72 17.36 -15.22
N ASN F 270 40.58 17.29 -14.51
CA ASN F 270 39.26 17.40 -15.09
C ASN F 270 38.71 18.82 -15.05
N ALA F 271 39.58 19.81 -14.92
CA ALA F 271 39.13 21.20 -14.88
C ALA F 271 38.49 21.59 -16.20
N LEU F 272 37.52 22.50 -16.12
CA LEU F 272 36.80 22.94 -17.31
C LEU F 272 37.73 23.59 -18.32
N THR F 273 38.74 24.32 -17.84
CA THR F 273 39.69 24.97 -18.74
C THR F 273 40.39 23.96 -19.62
N LYS F 274 40.78 22.83 -19.05
CA LYS F 274 41.48 21.81 -19.83
C LYS F 274 40.54 21.13 -20.82
N GLN F 275 39.26 21.04 -20.49
CA GLN F 275 38.31 20.41 -21.41
C GLN F 275 38.16 21.25 -22.67
N TYR F 276 37.80 22.52 -22.50
CA TYR F 276 37.63 23.39 -23.65
C TYR F 276 38.96 23.64 -24.37
N GLN F 277 40.07 23.64 -23.63
CA GLN F 277 41.36 23.85 -24.26
C GLN F 277 41.65 22.76 -25.28
N ALA F 278 41.34 21.51 -24.93
CA ALA F 278 41.58 20.41 -25.85
C ALA F 278 40.55 20.40 -26.97
N LEU F 279 39.34 20.90 -26.68
CA LEU F 279 38.30 20.96 -27.70
C LEU F 279 38.71 21.87 -28.84
N PHE F 280 39.41 22.97 -28.52
CA PHE F 280 39.86 23.92 -29.52
C PHE F 280 41.27 23.62 -30.03
N ASN F 281 42.08 22.88 -29.28
CA ASN F 281 43.43 22.57 -29.73
C ASN F 281 43.39 21.76 -31.02
N LEU F 282 42.43 20.83 -31.13
CA LEU F 282 42.30 20.02 -32.34
C LEU F 282 42.02 20.87 -33.57
N GLU F 283 41.40 22.03 -33.38
CA GLU F 283 41.07 22.94 -34.47
C GLU F 283 42.22 23.87 -34.83
N GLY F 284 43.34 23.78 -34.12
CA GLY F 284 44.44 24.68 -34.38
C GLY F 284 44.23 26.04 -33.76
N VAL F 285 43.54 26.07 -32.62
CA VAL F 285 43.25 27.29 -31.88
C VAL F 285 43.66 27.06 -30.44
N ASP F 286 43.96 28.15 -29.74
CA ASP F 286 44.38 28.10 -28.35
C ASP F 286 43.40 28.93 -27.52
N LEU F 287 43.16 28.46 -26.30
CA LEU F 287 42.24 29.10 -25.36
C LEU F 287 43.06 29.70 -24.23
N GLU F 288 42.88 30.99 -24.00
CA GLU F 288 43.59 31.73 -22.96
C GLU F 288 42.58 32.30 -21.98
N PHE F 289 42.80 32.04 -20.69
CA PHE F 289 41.97 32.55 -19.62
C PHE F 289 42.81 33.51 -18.79
N ARG F 290 42.26 34.69 -18.54
CA ARG F 290 42.95 35.72 -17.77
C ARG F 290 42.47 35.72 -16.32
N ASP F 291 43.31 36.24 -15.44
CA ASP F 291 42.97 36.28 -14.02
C ASP F 291 41.74 37.14 -13.78
N GLU F 292 41.60 38.23 -14.53
CA GLU F 292 40.42 39.09 -14.38
C GLU F 292 39.15 38.32 -14.72
N ALA F 293 39.20 37.50 -15.77
CA ALA F 293 38.04 36.73 -16.18
C ALA F 293 37.63 35.75 -15.09
N LEU F 294 38.60 35.11 -14.44
CA LEU F 294 38.28 34.15 -13.39
C LEU F 294 37.64 34.84 -12.19
N ASP F 295 38.10 36.04 -11.85
CA ASP F 295 37.54 36.77 -10.72
C ASP F 295 36.06 37.06 -10.93
N ALA F 296 35.69 37.45 -12.15
CA ALA F 296 34.29 37.74 -12.45
C ALA F 296 33.44 36.48 -12.29
N ILE F 297 33.98 35.33 -12.70
CA ILE F 297 33.25 34.07 -12.59
C ILE F 297 32.98 33.75 -11.13
N ALA F 298 33.96 34.02 -10.26
CA ALA F 298 33.80 33.72 -8.84
C ALA F 298 32.66 34.51 -8.24
N LYS F 299 32.57 35.81 -8.55
CA LYS F 299 31.51 36.63 -7.99
C LYS F 299 30.14 36.17 -8.48
N LYS F 300 30.03 35.85 -9.77
CA LYS F 300 28.75 35.40 -10.31
C LYS F 300 28.33 34.09 -9.68
N ALA F 301 29.26 33.15 -9.55
CA ALA F 301 28.93 31.87 -8.94
C ALA F 301 28.57 32.02 -7.47
N MET F 302 29.28 32.90 -6.77
CA MET F 302 28.99 33.13 -5.35
C MET F 302 27.60 33.70 -5.16
N ALA F 303 27.16 34.57 -6.06
CA ALA F 303 25.85 35.17 -5.95
C ALA F 303 24.74 34.12 -5.98
N ARG F 304 24.86 33.14 -6.89
CA ARG F 304 23.87 32.10 -6.99
C ARG F 304 24.15 31.00 -5.96
N LYS F 305 23.12 30.18 -5.72
CA LYS F 305 23.28 29.08 -4.78
C LYS F 305 24.12 27.98 -5.41
N THR F 306 24.84 27.25 -4.55
CA THR F 306 25.73 26.17 -4.97
C THR F 306 26.65 26.62 -6.10
N GLY F 307 27.45 27.65 -5.80
CA GLY F 307 28.36 28.21 -6.78
C GLY F 307 29.28 27.18 -7.41
N ALA F 308 29.69 26.18 -6.65
CA ALA F 308 30.58 25.15 -7.17
C ALA F 308 29.95 24.41 -8.34
N ARG F 309 28.64 24.16 -8.29
CA ARG F 309 27.93 23.46 -9.35
C ARG F 309 27.48 24.37 -10.50
N GLY F 310 27.60 25.69 -10.35
CA GLY F 310 27.18 26.64 -11.36
C GLY F 310 28.24 27.11 -12.33
N LEU F 311 29.47 26.59 -12.22
CA LEU F 311 30.54 27.03 -13.10
C LEU F 311 30.25 26.70 -14.56
N ARG F 312 29.62 25.56 -14.81
CA ARG F 312 29.33 25.15 -16.19
C ARG F 312 28.43 26.15 -16.89
N SER F 313 27.40 26.64 -16.19
CA SER F 313 26.46 27.56 -16.82
C SER F 313 27.13 28.87 -17.20
N ILE F 314 27.95 29.43 -16.30
CA ILE F 314 28.61 30.70 -16.58
C ILE F 314 29.59 30.54 -17.73
N VAL F 315 30.39 29.49 -17.71
CA VAL F 315 31.40 29.28 -18.74
C VAL F 315 30.76 28.95 -20.08
N GLU F 316 29.74 28.09 -20.09
CA GLU F 316 29.12 27.68 -21.34
C GLU F 316 28.45 28.84 -22.05
N ALA F 317 27.73 29.68 -21.32
CA ALA F 317 27.06 30.83 -21.93
C ALA F 317 28.07 31.79 -22.54
N ALA F 318 29.20 31.99 -21.87
CA ALA F 318 30.22 32.91 -22.37
C ALA F 318 30.80 32.47 -23.70
N LEU F 319 31.04 31.17 -23.86
CA LEU F 319 31.66 30.63 -25.07
C LEU F 319 30.65 30.04 -26.06
N LEU F 320 29.36 30.05 -25.74
CA LEU F 320 28.37 29.49 -26.66
C LEU F 320 28.37 30.24 -28.00
N ASP F 321 28.36 31.57 -27.94
CA ASP F 321 28.35 32.36 -29.17
C ASP F 321 29.64 32.20 -29.96
N THR F 322 30.79 32.23 -29.26
CA THR F 322 32.07 32.10 -29.93
C THR F 322 32.23 30.73 -30.57
N MET F 323 31.76 29.69 -29.89
CA MET F 323 31.87 28.34 -30.43
C MET F 323 31.11 28.19 -31.73
N TYR F 324 29.96 28.85 -31.84
CA TYR F 324 29.16 28.76 -33.06
C TYR F 324 29.92 29.31 -34.26
N ASP F 325 30.63 30.41 -34.08
CA ASP F 325 31.35 31.07 -35.17
C ASP F 325 32.78 30.58 -35.36
N LEU F 326 33.32 29.76 -34.46
CA LEU F 326 34.70 29.31 -34.64
C LEU F 326 34.89 28.44 -35.87
N PRO F 327 34.01 27.47 -36.18
CA PRO F 327 34.24 26.70 -37.42
C PRO F 327 34.13 27.58 -38.65
N SER F 328 33.16 28.49 -38.67
CA SER F 328 32.98 29.40 -39.79
C SER F 328 34.21 30.27 -39.98
N MET F 329 34.79 30.76 -38.89
CA MET F 329 35.96 31.62 -38.97
C MET F 329 37.18 30.80 -39.35
N GLU F 330 38.08 31.45 -40.10
CA GLU F 330 39.30 30.83 -40.58
C GLU F 330 40.49 31.74 -40.26
N ASP F 331 41.66 31.13 -40.20
CA ASP F 331 42.91 31.84 -39.91
C ASP F 331 42.87 32.50 -38.53
N VAL F 332 42.21 31.86 -37.57
CA VAL F 332 42.11 32.32 -36.20
C VAL F 332 42.83 31.27 -35.36
N GLU F 333 43.95 31.67 -34.74
CA GLU F 333 44.78 30.76 -33.96
C GLU F 333 44.66 30.92 -32.45
N LYS F 334 44.08 32.02 -31.96
CA LYS F 334 43.97 32.23 -30.51
C LYS F 334 42.65 32.92 -30.18
N VAL F 335 42.19 32.68 -28.95
CA VAL F 335 40.97 33.27 -28.43
C VAL F 335 41.30 33.83 -27.05
N VAL F 336 40.88 35.08 -26.80
CA VAL F 336 41.12 35.76 -25.54
C VAL F 336 39.79 36.11 -24.91
N ILE F 337 39.65 35.83 -23.61
CA ILE F 337 38.45 36.12 -22.84
C ILE F 337 38.81 37.15 -21.78
N ASP F 338 37.92 38.14 -21.60
CA ASP F 338 38.11 39.21 -20.65
C ASP F 338 37.00 39.19 -19.62
N GLU F 339 37.21 39.91 -18.51
CA GLU F 339 36.21 39.96 -17.45
C GLU F 339 34.93 40.62 -17.95
N SER F 340 35.05 41.63 -18.82
CA SER F 340 33.89 42.31 -19.36
C SER F 340 33.01 41.33 -20.13
N VAL F 341 33.63 40.38 -20.84
CA VAL F 341 32.87 39.39 -21.59
C VAL F 341 32.02 38.55 -20.66
N ILE F 342 32.56 38.21 -19.49
CA ILE F 342 31.81 37.39 -18.54
C ILE F 342 30.54 38.11 -18.11
N ASP F 343 30.62 39.42 -17.91
CA ASP F 343 29.44 40.19 -17.56
C ASP F 343 28.43 40.19 -18.71
N GLY F 344 28.92 40.12 -19.94
CA GLY F 344 28.10 40.13 -21.14
C GLY F 344 28.07 41.44 -21.89
N GLN F 345 28.80 42.45 -21.42
CA GLN F 345 28.85 43.75 -22.08
C GLN F 345 29.90 43.80 -23.19
N SER F 346 30.77 42.81 -23.30
CA SER F 346 31.84 42.78 -24.28
C SER F 346 31.85 41.44 -25.01
N GLU F 347 32.55 41.44 -26.15
CA GLU F 347 32.75 40.30 -27.03
C GLU F 347 34.21 39.86 -26.94
N PRO F 348 34.50 38.56 -26.89
CA PRO F 348 35.91 38.15 -26.76
C PRO F 348 36.77 38.56 -27.94
N LEU F 349 38.01 38.91 -27.65
CA LEU F 349 38.96 39.31 -28.67
C LEU F 349 39.41 38.11 -29.48
N LEU F 350 39.62 38.33 -30.77
CA LEU F 350 40.02 37.29 -31.70
C LEU F 350 41.34 37.67 -32.33
N ILE F 351 42.27 36.71 -32.38
CA ILE F 351 43.61 36.91 -32.91
C ILE F 351 43.74 36.05 -34.16
N TYR F 352 44.26 36.65 -35.22
CA TYR F 352 44.44 35.96 -36.50
C TYR F 352 45.91 35.63 -36.74
N UNK G 1 -0.72 8.89 6.38
CA UNK G 1 0.61 8.32 6.72
C UNK G 1 0.70 6.85 6.32
N UNK G 2 -0.16 6.03 6.91
CA UNK G 2 -0.19 4.61 6.60
C UNK G 2 -0.52 4.38 5.13
N UNK G 3 0.11 3.37 4.53
CA UNK G 3 -0.06 3.04 3.12
C UNK G 3 -0.42 1.55 2.99
N UNK G 4 -1.72 1.26 2.97
CA UNK G 4 -2.20 -0.11 2.82
C UNK G 4 -1.61 -0.76 1.59
N UNK G 5 -1.27 -2.03 1.71
CA UNK G 5 -0.67 -2.80 0.63
C UNK G 5 -1.73 -3.39 -0.30
N UNK G 6 -1.26 -3.94 -1.40
CA UNK G 6 -2.11 -4.57 -2.39
C UNK G 6 -1.26 -5.55 -3.19
N UNK G 7 -1.85 -6.69 -3.55
CA UNK G 7 -1.16 -7.72 -4.29
C UNK G 7 -1.29 -7.50 -5.79
N UNK G 8 -0.65 -8.39 -6.56
CA UNK G 8 -0.70 -8.33 -8.03
C UNK G 8 -0.52 -9.76 -8.54
N UNK G 9 -1.62 -10.40 -8.93
CA UNK G 9 -1.59 -11.78 -9.43
C UNK G 9 -1.41 -11.76 -10.94
N UNK G 10 -0.15 -11.80 -11.38
CA UNK G 10 0.19 -11.80 -12.79
C UNK G 10 1.18 -12.92 -13.05
N UNK G 11 0.78 -13.90 -13.87
CA UNK G 11 1.66 -15.01 -14.19
C UNK G 11 1.06 -15.83 -15.32
N UNK G 12 1.94 -16.43 -16.11
CA UNK G 12 1.54 -17.30 -17.21
C UNK G 12 2.64 -18.34 -17.36
N UNK G 13 2.43 -19.53 -16.81
CA UNK G 13 3.41 -20.60 -16.83
C UNK G 13 2.89 -21.81 -17.59
N UNK G 14 3.56 -22.14 -18.68
CA UNK G 14 3.23 -23.30 -19.50
C UNK G 14 4.54 -23.99 -19.87
N UNK G 15 4.66 -25.26 -19.51
CA UNK G 15 5.90 -25.99 -19.79
C UNK G 15 6.14 -26.14 -21.28
N UNK G 16 5.14 -26.56 -22.04
CA UNK G 16 5.31 -26.75 -23.47
C UNK G 16 5.42 -25.41 -24.20
N UNK G 17 4.61 -24.43 -23.82
CA UNK G 17 4.66 -23.13 -24.48
C UNK G 17 5.99 -22.42 -24.23
N UNK G 18 6.48 -22.47 -22.99
CA UNK G 18 7.74 -21.82 -22.66
C UNK G 18 8.90 -22.44 -23.42
N UNK G 19 8.91 -23.77 -23.54
CA UNK G 19 9.98 -24.47 -24.25
C UNK G 19 9.74 -24.39 -25.75
PB ADP H . 4.99 16.19 -27.07
O1B ADP H . 5.58 17.46 -26.52
O2B ADP H . 6.00 15.09 -27.32
O3B ADP H . 3.74 15.73 -26.37
PA ADP H . 5.55 17.04 -29.67
O1A ADP H . 6.22 18.32 -29.21
O2A ADP H . 6.39 15.83 -30.02
O3A ADP H . 4.50 16.60 -28.54
O5' ADP H . 4.61 17.38 -30.92
C5' ADP H . 5.08 17.19 -32.24
C4' ADP H . 4.12 17.79 -33.26
O4' ADP H . 4.11 19.22 -33.16
C3' ADP H . 4.51 17.43 -34.69
O3' ADP H . 3.45 16.71 -35.33
C2' ADP H . 4.79 18.75 -35.37
O2' ADP H . 4.11 18.84 -36.64
C1' ADP H . 4.30 19.84 -34.44
N9 ADP H . 5.29 20.94 -34.31
C8 ADP H . 5.72 21.46 -33.16
N7 ADP H . 6.62 22.45 -33.37
C5 ADP H . 6.75 22.58 -34.69
C6 ADP H . 7.55 23.44 -35.60
N6 ADP H . 8.38 24.38 -35.10
N1 ADP H . 7.40 23.26 -36.93
C2 ADP H . 6.57 22.33 -37.44
N3 ADP H . 5.83 21.51 -36.66
C4 ADP H . 5.88 21.59 -35.32
H5'1 ADP H . 5.20 16.11 -32.44
H5'2 ADP H . 6.06 17.66 -32.35
H4' ADP H . 3.11 17.39 -33.06
H3' ADP H . 5.43 16.84 -34.67
HO3' ADP H . 3.77 16.37 -36.17
H2' ADP H . 5.87 18.83 -35.52
HO2' ADP H . 4.55 18.27 -37.28
H1' ADP H . 3.34 20.23 -34.81
H8 ADP H . 5.40 21.12 -32.16
HN61 ADP H . 8.46 24.50 -34.11
HN62 ADP H . 8.91 24.96 -35.73
H2 ADP H . 6.50 22.23 -38.51
PG AGS I . -23.46 5.59 -18.04
S1G AGS I . -23.81 4.88 -16.26
O2G AGS I . -22.14 6.41 -18.03
O3G AGS I . -23.33 4.42 -19.05
PB AGS I . -24.77 6.95 -19.98
O1B AGS I . -24.29 8.33 -20.19
O2B AGS I . -23.98 5.91 -20.78
O3B AGS I . -24.64 6.52 -18.47
PA AGS I . -26.68 5.46 -21.18
O1A AGS I . -26.11 4.30 -20.48
O2A AGS I . -26.28 5.61 -22.66
O3A AGS I . -26.27 6.80 -20.45
O5' AGS I . -28.26 5.36 -21.02
C5' AGS I . -28.84 4.18 -20.47
C4' AGS I . -30.34 4.24 -20.66
O4' AGS I . -30.81 5.57 -20.40
C3' AGS I . -30.83 3.92 -22.07
O3' AGS I . -30.96 2.51 -22.25
C2' AGS I . -32.18 4.63 -22.10
O2' AGS I . -33.23 3.82 -21.56
C1' AGS I . -31.94 5.85 -21.21
N9 AGS I . -31.68 7.09 -21.93
C8 AGS I . -30.59 7.91 -21.81
N7 AGS I . -30.62 8.96 -22.59
C5 AGS I . -31.81 8.83 -23.28
C6 AGS I . -32.43 9.62 -24.26
N6 AGS I . -31.91 10.76 -24.73
N1 AGS I . -33.62 9.21 -24.75
C2 AGS I . -34.14 8.07 -24.27
N3 AGS I . -33.66 7.24 -23.34
C4 AGS I . -32.48 7.68 -22.88
H5'1 AGS I . -28.63 4.12 -19.52
H5'2 AGS I . -28.48 3.40 -20.93
H4' AGS I . -30.76 3.62 -20.04
H3' AGS I . -30.22 4.31 -22.72
HO3' AGS I . -31.65 2.22 -21.77
H2' AGS I . -32.39 4.89 -23.01
HO2' AGS I . -33.18 3.84 -20.68
H1' AGS I . -32.71 5.98 -20.63
H8 AGS I . -29.86 7.72 -21.20
HN61 AGS I . -31.02 10.85 -24.77
HN62 AGS I . -32.47 11.43 -25.02
H2 AGS I . -35.01 7.81 -24.65
PG AGS J . -27.43 -10.18 7.62
S1G AGS J . -25.99 -10.28 8.94
O2G AGS J . -27.31 -8.87 6.81
O3G AGS J . -27.33 -11.40 6.66
PB AGS J . -30.09 -10.56 7.48
O1B AGS J . -30.89 -9.34 7.21
O2B AGS J . -29.57 -11.24 6.22
O3B AGS J . -28.80 -10.22 8.34
PA AGS J . -30.73 -13.15 7.85
O1A AGS J . -29.28 -13.45 7.88
O2A AGS J . -31.41 -13.40 6.50
O3A AGS J . -30.97 -11.64 8.22
O5' AGS J . -31.40 -13.98 9.02
C5' AGS J . -30.60 -14.85 9.83
C4' AGS J . -31.50 -15.59 10.79
O4' AGS J . -32.41 -14.65 11.40
C3' AGS J . -32.38 -16.65 10.15
O3' AGS J . -31.70 -17.89 10.05
C2' AGS J . -33.55 -16.73 11.14
O2' AGS J . -33.26 -17.62 12.23
C1' AGS J . -33.66 -15.29 11.65
N9 AGS J . -34.70 -14.50 11.00
C8 AGS J . -34.55 -13.32 10.32
N7 AGS J . -35.67 -12.84 9.85
C5 AGS J . -36.62 -13.77 10.23
C6 AGS J . -38.01 -13.83 10.03
N6 AGS J . -38.71 -12.92 9.36
N1 AGS J . -38.66 -14.91 10.54
C2 AGS J . -37.97 -15.83 11.21
N3 AGS J . -36.66 -15.86 11.46
C4 AGS J . -36.04 -14.80 10.94
H5'1 AGS J . -29.95 -14.33 10.33
H5'2 AGS J . -30.14 -15.50 9.26
H4' AGS J . -30.95 -16.00 11.48
H3' AGS J . -32.70 -16.34 9.29
HO3' AGS J . -31.84 -18.35 10.79
H2' AGS J . -34.35 -17.01 10.68
HO2' AGS J . -32.44 -17.47 12.51
H1' AGS J . -33.82 -15.31 12.60
H8 AGS J . -33.69 -12.88 10.22
HN61 AGS J . -38.39 -12.59 8.57
HN62 AGS J . -39.50 -12.63 9.69
H2 AGS J . -38.49 -16.58 11.56
PG AGS K . -4.36 -15.42 26.18
S1G AGS K . -3.33 -13.77 26.25
O2G AGS K . -5.78 -15.13 25.61
O3G AGS K . -3.64 -16.44 25.25
PB AGS K . -5.59 -17.13 27.86
O1B AGS K . -6.86 -16.50 28.27
O2B AGS K . -5.68 -17.93 26.57
O3B AGS K . -4.49 -16.03 27.60
PA AGS K . -4.28 -19.41 28.42
O1A AGS K . -3.35 -18.97 27.37
O2A AGS K . -5.31 -20.45 28.00
O3A AGS K . -5.08 -18.16 28.95
O5' AGS K . -3.40 -19.91 29.64
C5' AGS K . -1.98 -20.05 29.46
C4' AGS K . -1.42 -20.82 30.62
O4' AGS K . -2.04 -20.39 31.85
C3' AGS K . -1.65 -22.32 30.58
O3' AGS K . -0.66 -22.96 29.79
C2' AGS K . -1.54 -22.71 32.05
O2' AGS K . -0.19 -22.91 32.44
C1' AGS K . -2.12 -21.47 32.76
N9 AGS K . -3.50 -21.61 33.19
C8 AGS K . -4.53 -20.76 32.91
N7 AGS K . -5.68 -21.13 33.43
C5 AGS K . -5.38 -22.31 34.10
C6 AGS K . -6.17 -23.19 34.85
N6 AGS K . -7.46 -23.02 35.08
N1 AGS K . -5.55 -24.27 35.38
C2 AGS K . -4.24 -24.45 35.17
N3 AGS K . -3.40 -23.67 34.47
C4 AGS K . -4.04 -22.62 33.96
H5'1 AGS K . -1.58 -19.16 29.42
H5'2 AGS K . -1.81 -20.52 28.65
H4' AGS K . -0.46 -20.65 30.69
H3' AGS K . -2.54 -22.51 30.25
HO3' AGS K . 0.07 -23.10 30.28
H2' AGS K . -2.06 -23.50 32.23
HO2' AGS K . 0.31 -22.23 32.14
H1' AGS K . -1.57 -21.28 33.54
H8 AGS K . -4.42 -19.96 32.38
HN61 AGS K . -8.00 -22.69 34.43
HN62 AGS K . -7.82 -23.23 35.88
H2 AGS K . -3.85 -25.23 35.57
PG AGS L . 22.25 -2.03 21.40
S1G AGS L . 21.15 -0.49 21.85
O2G AGS L . 21.54 -3.34 21.85
O3G AGS L . 22.49 -2.07 19.87
PB AGS L . 23.94 -2.90 23.33
O1B AGS L . 23.59 -2.28 24.62
O2B AGS L . 23.16 -4.18 23.01
O3B AGS L . 23.62 -1.91 22.13
PA AGS L . 25.89 -4.28 22.12
O1A AGS L . 25.38 -3.79 20.82
O2A AGS L . 25.43 -5.68 22.51
O3A AGS L . 25.45 -3.32 23.28
O5' AGS L . 27.46 -4.19 22.07
C5' AGS L . 28.11 -3.75 20.87
C4' AGS L . 29.60 -3.74 21.10
O4' AGS L . 29.88 -3.23 22.43
C3' AGS L . 30.26 -5.11 21.08
O3' AGS L . 30.56 -5.49 19.74
C2' AGS L . 31.53 -4.88 21.91
O2' AGS L . 32.60 -4.40 21.11
C1' AGS L . 31.08 -3.81 22.91
N9 AGS L . 30.84 -4.29 24.27
C8 AGS L . 29.72 -4.06 25.04
N7 AGS L . 29.76 -4.61 26.23
C5 AGS L . 30.99 -5.25 26.24
C6 AGS L . 31.64 -6.03 27.22
N6 AGS L . 31.12 -6.31 28.42
N1 AGS L . 32.86 -6.53 26.92
C2 AGS L . 33.38 -6.26 25.73
N3 AGS L . 32.87 -5.54 24.72
C4 AGS L . 31.67 -5.06 25.05
H5'1 AGS L . 27.81 -2.86 20.64
H5'2 AGS L . 27.91 -4.36 20.15
H4' AGS L . 30.03 -3.17 20.45
H3' AGS L . 29.68 -5.76 21.50
HO3' AGS L . 31.37 -5.19 19.53
H2' AGS L . 31.78 -5.71 22.35
HO2' AGS L . 32.32 -3.72 20.62
H1' AGS L . 31.76 -3.12 22.96
H8 AGS L . 28.97 -3.53 24.73
HN61 AGS L . 30.22 -6.38 28.51
HN62 AGS L . 31.67 -6.41 29.14
H2 AGS L . 34.26 -6.65 25.55
PG AGS M . 25.61 17.88 -2.09
S1G AGS M . 23.92 18.84 -2.15
O2G AGS M . 26.03 17.63 -0.61
O3G AGS M . 25.44 16.51 -2.81
PB AGS M . 28.24 18.52 -2.34
O1B AGS M . 28.50 19.31 -1.13
O2B AGS M . 28.45 17.03 -2.14
O3B AGS M . 26.72 18.69 -2.80
PA AGS M . 29.45 17.92 -4.69
O1A AGS M . 28.16 17.45 -5.27
O2A AGS M . 30.33 16.80 -4.13
O3A AGS M . 29.20 18.95 -3.51
O5' AGS M . 30.18 18.77 -5.79
C5' AGS M . 29.43 19.71 -6.57
C4' AGS M . 30.35 20.44 -7.52
O4' AGS M . 31.31 21.20 -6.77
C3' AGS M . 31.19 19.54 -8.41
O3' AGS M . 30.47 19.13 -9.56
C2' AGS M . 32.37 20.44 -8.76
O2' AGS M . 32.08 21.25 -9.89
C1' AGS M . 32.52 21.33 -7.51
N9 AGS M . 33.62 20.98 -6.62
C8 AGS M . 33.54 20.80 -5.27
N7 AGS M . 34.69 20.51 -4.70
C5 AGS M . 35.58 20.47 -5.76
C6 AGS M . 36.96 20.21 -5.83
N6 AGS M . 37.71 19.91 -4.77
N1 AGS M . 37.55 20.27 -7.05
C2 AGS M . 36.80 20.56 -8.11
N3 AGS M . 35.49 20.83 -8.17
C4 AGS M . 34.94 20.78 -6.95
H5'1 AGS M . 28.99 20.35 -5.98
H5'2 AGS M . 28.76 19.23 -7.09
H4' AGS M . 29.84 21.04 -8.08
H3' AGS M . 31.48 18.76 -7.91
HO3' AGS M . 30.50 18.24 -9.63
H2' AGS M . 33.16 19.91 -8.93
HO2' AGS M . 31.21 21.44 -9.92
H1' AGS M . 32.62 22.24 -7.81
H8 AGS M . 32.71 20.89 -4.77
HN61 AGS M . 37.32 19.60 -4.01
HN62 AGS M . 38.61 20.04 -4.80
H2 AGS M . 37.27 20.59 -8.96
#